data_1UVG
#
_entry.id   1UVG
#
_cell.length_a   1.000
_cell.length_b   1.000
_cell.length_c   1.000
_cell.angle_alpha   90.00
_cell.angle_beta   90.00
_cell.angle_gamma   90.00
#
_symmetry.space_group_name_H-M   'P 1'
#
_entity_poly.entity_id   1
_entity_poly.type   'polypeptide(L)'
_entity_poly.pdbx_seq_one_letter_code
;GPDSEMCKDYRVLPRIGYLCPKDLKPVCGDDGQTYNNPCMLCHENLIRQTNTHIRSTGKCEESSTPGTTAASMPPSDE
;
_entity_poly.pdbx_strand_id   A
#
# COMPACT_ATOMS: atom_id res chain seq x y z
N ASP A 3 1.68 -4.74 7.56
CA ASP A 3 2.11 -3.33 7.69
C ASP A 3 3.61 -3.27 7.95
N SER A 4 4.17 -2.09 8.01
CA SER A 4 5.64 -1.97 8.25
C SER A 4 6.02 -2.80 9.48
N GLU A 5 5.11 -2.92 10.42
CA GLU A 5 5.43 -3.71 11.65
C GLU A 5 5.91 -5.10 11.23
N MET A 6 5.51 -5.55 10.07
CA MET A 6 5.94 -6.89 9.61
C MET A 6 7.40 -6.81 9.16
N CYS A 7 7.84 -5.66 8.75
CA CYS A 7 9.25 -5.51 8.30
C CYS A 7 10.15 -5.33 9.52
N LYS A 8 9.57 -5.06 10.66
CA LYS A 8 10.39 -4.87 11.89
C LYS A 8 11.29 -6.09 12.12
N ASP A 9 10.85 -7.24 11.70
CA ASP A 9 11.68 -8.47 11.89
C ASP A 9 11.39 -9.47 10.77
N TYR A 10 11.69 -9.13 9.55
CA TYR A 10 11.44 -10.08 8.43
C TYR A 10 12.77 -10.47 7.79
N ARG A 11 12.74 -11.37 6.84
CA ARG A 11 14.01 -11.80 6.19
C ARG A 11 13.73 -12.18 4.73
N VAL A 12 14.60 -11.82 3.84
CA VAL A 12 14.38 -12.16 2.40
C VAL A 12 15.68 -12.74 1.81
N LEU A 13 15.56 -13.75 1.00
CA LEU A 13 16.78 -14.36 0.40
C LEU A 13 16.62 -14.43 -1.12
N PRO A 14 17.69 -14.80 -1.84
CA PRO A 14 17.66 -14.91 -3.30
C PRO A 14 16.76 -16.06 -3.75
N ARG A 15 16.56 -17.04 -2.91
CA ARG A 15 15.69 -18.19 -3.28
C ARG A 15 14.37 -18.08 -2.51
N ILE A 16 14.40 -17.47 -1.36
CA ILE A 16 13.15 -17.33 -0.56
C ILE A 16 12.38 -16.09 -1.03
N GLY A 17 13.08 -15.02 -1.27
CA GLY A 17 12.38 -13.78 -1.72
C GLY A 17 11.60 -13.18 -0.57
N TYR A 18 10.41 -12.68 -0.83
CA TYR A 18 9.60 -12.09 0.27
C TYR A 18 8.39 -12.97 0.55
N LEU A 19 7.90 -12.97 1.75
CA LEU A 19 6.72 -13.83 2.08
C LEU A 19 5.51 -12.93 2.35
N CYS A 20 4.40 -13.22 1.75
CA CYS A 20 3.18 -12.38 1.97
C CYS A 20 1.96 -13.29 2.07
N PRO A 21 0.89 -12.78 2.73
CA PRO A 21 -0.36 -13.53 2.91
C PRO A 21 -1.10 -13.69 1.59
N LYS A 22 -2.09 -14.56 1.56
CA LYS A 22 -2.85 -14.77 0.30
C LYS A 22 -4.00 -13.76 0.24
N ASP A 23 -4.35 -13.17 1.35
CA ASP A 23 -5.46 -12.19 1.36
C ASP A 23 -5.04 -10.95 0.56
N LEU A 24 -5.78 -10.60 -0.46
CA LEU A 24 -5.41 -9.41 -1.26
C LEU A 24 -6.01 -8.15 -0.62
N LYS A 25 -5.19 -7.18 -0.34
CA LYS A 25 -5.72 -5.94 0.30
C LYS A 25 -4.89 -4.73 -0.18
N PRO A 26 -5.53 -3.84 -0.95
CA PRO A 26 -4.88 -2.63 -1.48
C PRO A 26 -4.49 -1.65 -0.36
N VAL A 27 -3.24 -1.30 -0.27
CA VAL A 27 -2.81 -0.36 0.80
C VAL A 27 -2.24 0.91 0.18
N CYS A 28 -2.30 2.00 0.90
CA CYS A 28 -1.74 3.28 0.36
C CYS A 28 -0.33 3.46 0.92
N GLY A 29 0.58 3.97 0.14
CA GLY A 29 1.97 4.16 0.64
C GLY A 29 2.19 5.60 1.06
N ASP A 30 2.87 5.82 2.15
CA ASP A 30 3.12 7.21 2.61
C ASP A 30 4.00 7.94 1.58
N ASP A 31 4.54 7.23 0.64
CA ASP A 31 5.41 7.88 -0.38
C ASP A 31 4.55 8.30 -1.58
N GLY A 32 3.26 8.27 -1.43
CA GLY A 32 2.37 8.66 -2.56
C GLY A 32 2.22 7.48 -3.52
N GLN A 33 2.57 6.30 -3.10
CA GLN A 33 2.44 5.12 -3.98
C GLN A 33 1.47 4.12 -3.36
N THR A 34 0.86 3.28 -4.16
CA THR A 34 -0.11 2.29 -3.61
C THR A 34 0.40 0.88 -3.90
N TYR A 35 0.14 -0.05 -3.02
CA TYR A 35 0.61 -1.45 -3.24
C TYR A 35 -0.59 -2.39 -3.18
N ASN A 36 -0.75 -3.22 -4.19
CA ASN A 36 -1.89 -4.17 -4.19
C ASN A 36 -1.99 -4.88 -2.84
N ASN A 37 -1.18 -5.87 -2.61
CA ASN A 37 -1.23 -6.59 -1.31
C ASN A 37 -0.44 -5.79 -0.27
N PRO A 38 -0.85 -5.86 1.01
CA PRO A 38 -0.18 -5.13 2.10
C PRO A 38 1.28 -5.58 2.27
N CYS A 39 1.51 -6.86 2.42
CA CYS A 39 2.90 -7.33 2.57
C CYS A 39 3.69 -6.92 1.32
N MET A 40 3.02 -6.86 0.21
CA MET A 40 3.71 -6.47 -1.06
C MET A 40 4.26 -5.05 -0.91
N LEU A 41 3.78 -4.31 0.05
CA LEU A 41 4.28 -2.92 0.25
C LEU A 41 5.71 -2.99 0.77
N CYS A 42 5.94 -3.72 1.83
CA CYS A 42 7.32 -3.83 2.36
C CYS A 42 8.26 -4.17 1.19
N HIS A 43 7.77 -4.91 0.24
CA HIS A 43 8.61 -5.27 -0.93
C HIS A 43 9.17 -3.98 -1.53
N GLU A 44 8.32 -3.01 -1.73
CA GLU A 44 8.78 -1.72 -2.31
C GLU A 44 9.80 -1.10 -1.36
N ASN A 45 9.84 -1.57 -0.13
CA ASN A 45 10.82 -0.99 0.85
C ASN A 45 12.20 -1.63 0.61
N LEU A 46 12.22 -2.87 0.20
CA LEU A 46 13.53 -3.54 -0.06
C LEU A 46 14.12 -3.03 -1.37
N ILE A 47 13.30 -2.69 -2.32
CA ILE A 47 13.82 -2.19 -3.62
C ILE A 47 14.24 -0.73 -3.47
N ARG A 48 13.38 0.10 -2.95
CA ARG A 48 13.73 1.54 -2.78
C ARG A 48 14.55 1.72 -1.51
N GLN A 49 14.33 0.91 -0.51
CA GLN A 49 15.09 1.04 0.75
C GLN A 49 14.82 2.41 1.37
N THR A 50 13.62 2.92 1.22
CA THR A 50 13.30 4.25 1.81
C THR A 50 12.42 4.07 3.04
N ASN A 51 12.15 2.85 3.43
CA ASN A 51 11.29 2.62 4.63
C ASN A 51 9.88 3.14 4.36
N THR A 52 9.30 2.76 3.25
CA THR A 52 7.92 3.23 2.93
C THR A 52 6.91 2.42 3.74
N HIS A 53 6.02 3.09 4.43
CA HIS A 53 5.01 2.35 5.24
C HIS A 53 3.63 2.53 4.60
N ILE A 54 2.60 2.07 5.25
CA ILE A 54 1.24 2.23 4.69
C ILE A 54 0.64 3.55 5.14
N ARG A 55 0.19 4.36 4.21
CA ARG A 55 -0.40 5.67 4.58
C ARG A 55 -1.84 5.47 5.04
N SER A 56 -2.56 4.61 4.36
CA SER A 56 -3.97 4.35 4.74
C SER A 56 -4.42 3.02 4.13
N THR A 57 -5.34 2.35 4.75
CA THR A 57 -5.81 1.05 4.20
C THR A 57 -6.55 1.29 2.88
N GLY A 58 -6.47 0.35 1.97
CA GLY A 58 -7.16 0.52 0.66
C GLY A 58 -6.26 1.32 -0.28
N LYS A 59 -6.58 1.33 -1.54
CA LYS A 59 -5.75 2.09 -2.52
C LYS A 59 -5.69 3.55 -2.09
N CYS A 60 -4.62 4.24 -2.42
CA CYS A 60 -4.51 5.67 -2.04
C CYS A 60 -5.75 6.42 -2.52
N GLU A 61 -5.89 7.66 -2.13
CA GLU A 61 -7.09 8.45 -2.55
C GLU A 61 -6.85 9.01 -3.96
N GLU A 62 -5.81 8.59 -4.62
CA GLU A 62 -5.54 9.11 -5.99
C GLU A 62 -6.73 8.79 -6.90
N SER A 63 -7.30 7.62 -6.75
CA SER A 63 -8.47 7.25 -7.60
C SER A 63 -9.55 8.32 -7.47
N SER A 64 -9.68 8.92 -6.33
CA SER A 64 -10.72 9.97 -6.13
C SER A 64 -10.44 11.13 -7.08
N THR A 65 -11.43 11.94 -7.37
CA THR A 65 -11.22 13.10 -8.28
C THR A 65 -10.18 14.04 -7.68
N PRO A 66 -9.40 14.72 -8.54
CA PRO A 66 -8.37 15.65 -8.10
C PRO A 66 -8.96 16.93 -7.49
N GLY A 67 -10.21 17.18 -7.75
CA GLY A 67 -10.87 18.41 -7.20
C GLY A 67 -11.38 18.12 -5.79
N THR A 68 -12.09 19.05 -5.21
CA THR A 68 -12.64 18.83 -3.84
C THR A 68 -14.16 18.84 -3.88
N THR A 69 -14.80 17.98 -3.14
CA THR A 69 -16.29 17.95 -3.14
C THR A 69 -16.82 19.25 -2.54
N ALA A 70 -16.05 19.91 -1.73
CA ALA A 70 -16.51 21.18 -1.11
C ALA A 70 -16.80 22.21 -2.22
N ALA A 71 -16.06 22.16 -3.28
CA ALA A 71 -16.29 23.13 -4.39
C ALA A 71 -17.68 22.90 -4.99
N SER A 72 -18.17 21.69 -4.91
CA SER A 72 -19.51 21.39 -5.47
C SER A 72 -20.59 22.09 -4.64
N MET A 73 -20.32 22.30 -3.38
CA MET A 73 -21.33 22.97 -2.51
C MET A 73 -21.83 24.25 -3.20
N PRO A 74 -20.90 25.17 -3.49
CA PRO A 74 -21.24 26.45 -4.15
C PRO A 74 -21.63 26.24 -5.61
N PRO A 75 -22.56 27.07 -6.11
CA PRO A 75 -23.03 26.99 -7.49
C PRO A 75 -21.96 27.44 -8.49
N SER A 76 -22.13 27.13 -9.74
CA SER A 76 -21.11 27.54 -10.76
C SER A 76 -21.83 28.08 -12.00
N ASP A 77 -21.29 29.11 -12.60
CA ASP A 77 -21.93 29.67 -13.82
C ASP A 77 -22.11 28.57 -14.87
N GLU A 78 -21.20 27.64 -14.92
CA GLU A 78 -21.32 26.54 -15.93
C GLU A 78 -20.30 25.45 -15.60
N ASP A 3 1.91 -3.45 7.50
CA ASP A 3 2.69 -2.19 7.41
C ASP A 3 4.15 -2.47 7.78
N SER A 4 4.95 -1.45 7.86
CA SER A 4 6.39 -1.65 8.21
C SER A 4 6.49 -2.61 9.39
N GLU A 5 5.49 -2.67 10.21
CA GLU A 5 5.53 -3.60 11.38
C GLU A 5 5.92 -5.00 10.89
N MET A 6 5.66 -5.28 9.64
CA MET A 6 6.01 -6.62 9.09
C MET A 6 7.49 -6.64 8.73
N CYS A 7 8.07 -5.49 8.50
CA CYS A 7 9.52 -5.44 8.14
C CYS A 7 10.36 -5.25 9.40
N LYS A 8 9.72 -4.99 10.51
CA LYS A 8 10.49 -4.79 11.78
C LYS A 8 11.29 -6.05 12.11
N ASP A 9 10.86 -7.19 11.63
CA ASP A 9 11.61 -8.44 11.93
C ASP A 9 11.36 -9.46 10.81
N TYR A 10 11.78 -9.16 9.60
CA TYR A 10 11.58 -10.12 8.49
C TYR A 10 12.93 -10.48 7.87
N ARG A 11 12.94 -11.34 6.89
CA ARG A 11 14.22 -11.72 6.24
C ARG A 11 13.96 -12.08 4.78
N VAL A 12 14.88 -11.76 3.91
CA VAL A 12 14.67 -12.08 2.47
C VAL A 12 15.99 -12.59 1.86
N LEU A 13 15.92 -13.69 1.15
CA LEU A 13 17.15 -14.24 0.52
C LEU A 13 16.94 -14.37 -0.99
N PRO A 14 17.98 -14.79 -1.73
CA PRO A 14 17.90 -14.94 -3.19
C PRO A 14 16.93 -16.06 -3.59
N ARG A 15 16.69 -17.00 -2.71
CA ARG A 15 15.75 -18.09 -3.03
C ARG A 15 14.47 -17.91 -2.22
N ILE A 16 14.59 -17.43 -1.01
CA ILE A 16 13.40 -17.20 -0.16
C ILE A 16 12.66 -15.96 -0.63
N GLY A 17 13.39 -14.96 -1.06
CA GLY A 17 12.75 -13.71 -1.53
C GLY A 17 11.96 -13.08 -0.37
N TYR A 18 10.76 -12.65 -0.63
CA TYR A 18 9.95 -12.04 0.46
C TYR A 18 8.75 -12.94 0.77
N LEU A 19 8.23 -12.85 1.96
CA LEU A 19 7.06 -13.69 2.33
C LEU A 19 5.82 -12.81 2.53
N CYS A 20 4.77 -13.08 1.81
CA CYS A 20 3.53 -12.27 1.96
C CYS A 20 2.32 -13.20 1.93
N PRO A 21 1.20 -12.76 2.51
CA PRO A 21 -0.04 -13.55 2.55
C PRO A 21 -0.68 -13.66 1.17
N LYS A 22 -1.61 -14.55 1.01
CA LYS A 22 -2.28 -14.71 -0.31
C LYS A 22 -3.44 -13.71 -0.42
N ASP A 23 -3.88 -13.19 0.70
CA ASP A 23 -5.01 -12.21 0.66
C ASP A 23 -4.51 -10.91 0.07
N LEU A 24 -5.22 -10.36 -0.87
CA LEU A 24 -4.78 -9.08 -1.49
C LEU A 24 -5.48 -7.90 -0.81
N LYS A 25 -4.75 -7.10 -0.09
CA LYS A 25 -5.37 -5.93 0.61
C LYS A 25 -4.71 -4.64 0.12
N PRO A 26 -5.42 -3.89 -0.73
CA PRO A 26 -4.91 -2.62 -1.29
C PRO A 26 -4.68 -1.57 -0.20
N VAL A 27 -3.46 -1.15 -0.04
CA VAL A 27 -3.16 -0.13 1.00
C VAL A 27 -2.60 1.15 0.34
N CYS A 28 -2.73 2.26 1.00
CA CYS A 28 -2.20 3.53 0.42
C CYS A 28 -0.85 3.85 1.04
N GLY A 29 0.21 3.79 0.29
CA GLY A 29 1.55 4.08 0.85
C GLY A 29 1.64 5.55 1.24
N ASP A 30 2.23 5.84 2.37
CA ASP A 30 2.36 7.26 2.81
C ASP A 30 3.33 8.00 1.90
N ASP A 31 4.03 7.28 1.07
CA ASP A 31 5.00 7.95 0.16
C ASP A 31 4.26 8.47 -1.08
N GLY A 32 2.97 8.35 -1.10
CA GLY A 32 2.19 8.83 -2.27
C GLY A 32 2.02 7.68 -3.27
N GLN A 33 2.31 6.48 -2.84
CA GLN A 33 2.17 5.32 -3.77
C GLN A 33 1.22 4.29 -3.15
N THR A 34 0.48 3.58 -3.96
CA THR A 34 -0.46 2.57 -3.41
C THR A 34 0.07 1.17 -3.73
N TYR A 35 -0.09 0.25 -2.82
CA TYR A 35 0.40 -1.14 -3.06
C TYR A 35 -0.77 -2.11 -2.96
N ASN A 36 -0.91 -2.99 -3.92
CA ASN A 36 -2.04 -3.95 -3.88
C ASN A 36 -2.01 -4.69 -2.55
N ASN A 37 -1.13 -5.64 -2.40
CA ASN A 37 -1.05 -6.40 -1.12
C ASN A 37 -0.23 -5.60 -0.10
N PRO A 38 -0.59 -5.71 1.19
CA PRO A 38 0.10 -5.00 2.28
C PRO A 38 1.56 -5.45 2.40
N CYS A 39 1.80 -6.74 2.50
CA CYS A 39 3.20 -7.21 2.62
C CYS A 39 3.93 -6.86 1.32
N MET A 40 3.20 -6.78 0.23
CA MET A 40 3.83 -6.43 -1.07
C MET A 40 4.49 -5.05 -0.95
N LEU A 41 4.08 -4.26 0.00
CA LEU A 41 4.70 -2.91 0.17
C LEU A 41 6.15 -3.09 0.60
N CYS A 42 6.39 -3.86 1.62
CA CYS A 42 7.80 -4.06 2.08
C CYS A 42 8.62 -4.56 0.89
N HIS A 43 7.96 -5.14 -0.08
CA HIS A 43 8.69 -5.65 -1.27
C HIS A 43 9.39 -4.48 -1.94
N GLU A 44 8.64 -3.48 -2.36
CA GLU A 44 9.28 -2.31 -3.01
C GLU A 44 10.16 -1.59 -1.98
N ASN A 45 9.90 -1.82 -0.72
CA ASN A 45 10.72 -1.18 0.34
C ASN A 45 12.05 -1.92 0.46
N LEU A 46 12.06 -3.18 0.11
CA LEU A 46 13.32 -3.97 0.21
C LEU A 46 14.30 -3.49 -0.87
N ILE A 47 13.79 -3.08 -2.00
CA ILE A 47 14.68 -2.60 -3.08
C ILE A 47 15.09 -1.15 -2.81
N ARG A 48 14.14 -0.29 -2.54
CA ARG A 48 14.47 1.13 -2.27
C ARG A 48 14.94 1.28 -0.82
N GLN A 49 14.39 0.50 0.07
CA GLN A 49 14.79 0.59 1.51
C GLN A 49 14.41 1.96 2.05
N THR A 50 13.26 2.46 1.68
CA THR A 50 12.82 3.80 2.18
C THR A 50 11.94 3.62 3.42
N ASN A 51 11.60 2.40 3.74
CA ASN A 51 10.74 2.16 4.93
C ASN A 51 9.38 2.82 4.72
N THR A 52 8.71 2.49 3.65
CA THR A 52 7.37 3.09 3.39
C THR A 52 6.35 2.51 4.37
N HIS A 53 5.49 3.33 4.90
CA HIS A 53 4.46 2.82 5.85
C HIS A 53 3.09 2.88 5.18
N ILE A 54 2.07 2.42 5.86
CA ILE A 54 0.71 2.45 5.26
C ILE A 54 0.02 3.77 5.59
N ARG A 55 -0.42 4.48 4.59
CA ARG A 55 -1.11 5.78 4.83
C ARG A 55 -2.56 5.52 5.21
N SER A 56 -3.27 4.82 4.37
CA SER A 56 -4.69 4.52 4.65
C SER A 56 -5.06 3.18 4.03
N THR A 57 -5.95 2.45 4.64
CA THR A 57 -6.34 1.12 4.08
C THR A 57 -7.02 1.33 2.73
N GLY A 58 -6.86 0.41 1.83
CA GLY A 58 -7.49 0.55 0.49
C GLY A 58 -6.61 1.42 -0.40
N LYS A 59 -6.83 1.39 -1.68
CA LYS A 59 -6.01 2.22 -2.60
C LYS A 59 -6.36 3.70 -2.42
N CYS A 60 -5.38 4.54 -2.24
CA CYS A 60 -5.68 5.98 -2.05
C CYS A 60 -6.56 6.48 -3.20
N GLU A 61 -6.40 5.90 -4.36
CA GLU A 61 -7.23 6.33 -5.52
C GLU A 61 -8.60 5.65 -5.44
N GLU A 62 -8.73 4.67 -4.59
CA GLU A 62 -10.04 3.96 -4.48
C GLU A 62 -11.06 4.89 -3.81
N SER A 63 -10.61 5.76 -2.95
CA SER A 63 -11.55 6.70 -2.28
C SER A 63 -11.82 7.90 -3.19
N SER A 64 -13.06 8.21 -3.43
CA SER A 64 -13.38 9.36 -4.31
C SER A 64 -14.02 10.48 -3.47
N THR A 65 -13.88 11.71 -3.88
CA THR A 65 -14.48 12.83 -3.11
C THR A 65 -16.01 12.72 -3.15
N PRO A 66 -16.68 13.23 -2.11
CA PRO A 66 -18.15 13.19 -2.02
C PRO A 66 -18.81 14.11 -3.04
N GLY A 67 -18.06 15.05 -3.57
CA GLY A 67 -18.65 15.98 -4.58
C GLY A 67 -19.21 17.22 -3.87
N THR A 68 -18.98 17.33 -2.59
CA THR A 68 -19.50 18.52 -1.85
C THR A 68 -18.34 19.20 -1.10
N THR A 69 -18.52 20.43 -0.71
CA THR A 69 -17.43 21.13 0.02
C THR A 69 -17.94 21.58 1.39
N ALA A 70 -17.04 21.91 2.28
CA ALA A 70 -17.48 22.35 3.64
C ALA A 70 -18.33 23.61 3.51
N ALA A 71 -18.03 24.45 2.57
CA ALA A 71 -18.83 25.70 2.40
C ALA A 71 -20.24 25.33 1.92
N SER A 72 -21.24 26.00 2.43
CA SER A 72 -22.63 25.70 2.01
C SER A 72 -22.78 25.98 0.52
N MET A 73 -22.00 26.89 -0.01
CA MET A 73 -22.11 27.21 -1.46
C MET A 73 -21.78 25.96 -2.28
N PRO A 74 -22.55 25.72 -3.35
CA PRO A 74 -22.36 24.57 -4.23
C PRO A 74 -21.09 24.71 -5.08
N PRO A 75 -20.59 23.58 -5.61
CA PRO A 75 -19.38 23.57 -6.45
C PRO A 75 -19.62 24.24 -7.80
N SER A 76 -18.57 24.67 -8.44
CA SER A 76 -18.74 25.34 -9.77
C SER A 76 -17.68 24.81 -10.74
N ASP A 77 -18.01 24.71 -12.00
CA ASP A 77 -17.02 24.20 -12.98
C ASP A 77 -15.78 25.10 -12.97
N GLU A 78 -15.96 26.36 -12.74
CA GLU A 78 -14.79 27.29 -12.72
C GLU A 78 -14.98 28.33 -11.61
N ASP A 3 2.17 -2.96 7.87
CA ASP A 3 3.04 -1.76 8.05
C ASP A 3 4.48 -2.20 8.28
N SER A 4 5.35 -1.28 8.62
CA SER A 4 6.77 -1.66 8.86
C SER A 4 6.85 -2.65 10.01
N GLU A 5 5.90 -2.66 10.89
CA GLU A 5 5.93 -3.62 12.03
C GLU A 5 6.13 -5.03 11.49
N MET A 6 5.79 -5.24 10.25
CA MET A 6 5.98 -6.59 9.64
C MET A 6 7.44 -6.75 9.23
N CYS A 7 8.04 -5.68 8.78
CA CYS A 7 9.47 -5.75 8.35
C CYS A 7 10.37 -5.62 9.58
N LYS A 8 9.79 -5.45 10.74
CA LYS A 8 10.62 -5.31 11.98
C LYS A 8 11.31 -6.64 12.28
N ASP A 9 10.79 -7.72 11.77
CA ASP A 9 11.42 -9.04 12.02
C ASP A 9 11.16 -9.98 10.84
N TYR A 10 11.62 -9.60 9.68
CA TYR A 10 11.40 -10.48 8.49
C TYR A 10 12.74 -10.78 7.83
N ARG A 11 12.76 -11.65 6.85
CA ARG A 11 14.04 -11.98 6.17
C ARG A 11 13.74 -12.50 4.76
N VAL A 12 14.58 -12.18 3.81
CA VAL A 12 14.34 -12.64 2.42
C VAL A 12 15.63 -13.27 1.88
N LEU A 13 15.51 -14.37 1.19
CA LEU A 13 16.72 -15.04 0.64
C LEU A 13 16.62 -15.10 -0.89
N PRO A 14 17.70 -15.57 -1.55
CA PRO A 14 17.73 -15.69 -3.01
C PRO A 14 16.78 -16.78 -3.52
N ARG A 15 16.47 -17.74 -2.70
CA ARG A 15 15.54 -18.82 -3.13
C ARG A 15 14.20 -18.65 -2.41
N ILE A 16 14.21 -18.03 -1.26
CA ILE A 16 12.95 -17.83 -0.51
C ILE A 16 12.24 -16.57 -1.01
N GLY A 17 12.97 -15.51 -1.19
CA GLY A 17 12.34 -14.25 -1.68
C GLY A 17 11.44 -13.68 -0.57
N TYR A 18 10.35 -13.07 -0.94
CA TYR A 18 9.43 -12.49 0.09
C TYR A 18 8.22 -13.41 0.24
N LEU A 19 7.57 -13.35 1.37
CA LEU A 19 6.37 -14.22 1.58
C LEU A 19 5.15 -13.34 1.84
N CYS A 20 4.20 -13.34 0.94
CA CYS A 20 2.98 -12.51 1.13
C CYS A 20 1.74 -13.39 0.96
N PRO A 21 0.62 -12.98 1.57
CA PRO A 21 -0.64 -13.72 1.51
C PRO A 21 -1.26 -13.66 0.11
N LYS A 22 -2.25 -14.48 -0.14
CA LYS A 22 -2.89 -14.47 -1.48
C LYS A 22 -4.02 -13.44 -1.51
N ASP A 23 -4.43 -12.97 -0.37
CA ASP A 23 -5.52 -11.96 -0.32
C ASP A 23 -4.99 -10.62 -0.81
N LEU A 24 -5.46 -10.15 -1.93
CA LEU A 24 -4.97 -8.84 -2.45
C LEU A 24 -5.59 -7.71 -1.63
N LYS A 25 -4.77 -6.89 -1.02
CA LYS A 25 -5.31 -5.76 -0.22
C LYS A 25 -4.58 -4.48 -0.59
N PRO A 26 -5.21 -3.64 -1.43
CA PRO A 26 -4.63 -2.37 -1.89
C PRO A 26 -4.43 -1.38 -0.74
N VAL A 27 -3.20 -0.99 -0.49
CA VAL A 27 -2.95 -0.02 0.61
C VAL A 27 -2.34 1.26 0.04
N CYS A 28 -2.49 2.36 0.75
CA CYS A 28 -1.91 3.64 0.25
C CYS A 28 -0.60 3.92 0.98
N GLY A 29 0.51 3.79 0.31
CA GLY A 29 1.81 4.05 0.98
C GLY A 29 1.89 5.50 1.46
N ASP A 30 2.43 5.72 2.63
CA ASP A 30 2.53 7.11 3.16
C ASP A 30 3.56 7.90 2.34
N ASP A 31 4.29 7.23 1.49
CA ASP A 31 5.29 7.95 0.66
C ASP A 31 4.61 8.57 -0.56
N GLY A 32 3.32 8.42 -0.67
CA GLY A 32 2.60 9.00 -1.84
C GLY A 32 2.47 7.93 -2.93
N GLN A 33 2.64 6.68 -2.57
CA GLN A 33 2.54 5.60 -3.58
C GLN A 33 1.48 4.58 -3.12
N THR A 34 1.04 3.72 -4.00
CA THR A 34 0.03 2.71 -3.61
C THR A 34 0.60 1.31 -3.85
N TYR A 35 0.45 0.42 -2.90
CA TYR A 35 0.98 -0.96 -3.09
C TYR A 35 -0.19 -1.94 -3.13
N ASN A 36 -0.35 -2.64 -4.22
CA ASN A 36 -1.48 -3.60 -4.33
C ASN A 36 -1.59 -4.42 -3.04
N ASN A 37 -0.78 -5.42 -2.87
CA ASN A 37 -0.85 -6.24 -1.64
C ASN A 37 -0.08 -5.55 -0.52
N PRO A 38 -0.55 -5.67 0.73
CA PRO A 38 0.10 -5.06 1.90
C PRO A 38 1.50 -5.64 2.12
N CYS A 39 1.63 -6.94 2.15
CA CYS A 39 2.98 -7.54 2.33
C CYS A 39 3.84 -7.10 1.14
N MET A 40 3.23 -6.84 0.02
CA MET A 40 3.99 -6.39 -1.17
C MET A 40 4.61 -5.02 -0.89
N LEU A 41 4.09 -4.33 0.09
CA LEU A 41 4.64 -2.98 0.42
C LEU A 41 6.08 -3.16 0.89
N CYS A 42 6.30 -4.01 1.85
CA CYS A 42 7.68 -4.25 2.34
C CYS A 42 8.52 -4.73 1.17
N HIS A 43 7.91 -5.40 0.23
CA HIS A 43 8.66 -5.89 -0.96
C HIS A 43 9.17 -4.68 -1.74
N GLU A 44 8.26 -3.84 -2.19
CA GLU A 44 8.69 -2.63 -2.95
C GLU A 44 9.63 -1.82 -2.06
N ASN A 45 9.53 -2.01 -0.77
CA ASN A 45 10.41 -1.26 0.17
C ASN A 45 11.82 -1.84 0.08
N LEU A 46 11.93 -3.12 -0.18
CA LEU A 46 13.29 -3.74 -0.30
C LEU A 46 14.02 -3.07 -1.45
N ILE A 47 13.31 -2.64 -2.45
CA ILE A 47 13.96 -1.98 -3.61
C ILE A 47 14.25 -0.52 -3.25
N ARG A 48 13.33 0.12 -2.57
CA ARG A 48 13.55 1.54 -2.18
C ARG A 48 14.46 1.60 -0.96
N GLN A 49 14.50 0.54 -0.20
CA GLN A 49 15.37 0.52 1.02
C GLN A 49 14.91 1.59 1.99
N THR A 50 13.62 1.73 2.17
CA THR A 50 13.10 2.75 3.11
C THR A 50 12.04 2.11 4.01
N ASN A 51 11.70 2.76 5.10
CA ASN A 51 10.67 2.19 6.01
C ASN A 51 9.30 2.79 5.66
N THR A 52 8.83 2.55 4.46
CA THR A 52 7.51 3.11 4.07
C THR A 52 6.40 2.44 4.89
N HIS A 53 5.47 3.20 5.39
CA HIS A 53 4.37 2.60 6.20
C HIS A 53 3.06 2.70 5.41
N ILE A 54 1.98 2.25 5.98
CA ILE A 54 0.68 2.32 5.26
C ILE A 54 -0.01 3.65 5.56
N ARG A 55 -0.39 4.37 4.55
CA ARG A 55 -1.08 5.68 4.76
C ARG A 55 -2.55 5.43 5.09
N SER A 56 -3.23 4.75 4.21
CA SER A 56 -4.68 4.46 4.43
C SER A 56 -5.04 3.16 3.69
N THR A 57 -5.88 2.36 4.28
CA THR A 57 -6.27 1.09 3.60
C THR A 57 -6.89 1.39 2.24
N GLY A 58 -6.68 0.53 1.29
CA GLY A 58 -7.26 0.76 -0.07
C GLY A 58 -6.32 1.63 -0.89
N LYS A 59 -6.48 1.64 -2.18
CA LYS A 59 -5.61 2.47 -3.05
C LYS A 59 -5.95 3.95 -2.85
N CYS A 60 -4.98 4.75 -2.50
CA CYS A 60 -5.26 6.20 -2.30
C CYS A 60 -6.10 6.74 -3.45
N GLU A 61 -5.86 6.25 -4.65
CA GLU A 61 -6.64 6.73 -5.82
C GLU A 61 -7.99 6.01 -5.87
N GLU A 62 -8.12 4.93 -5.14
CA GLU A 62 -9.40 4.18 -5.14
C GLU A 62 -10.25 4.61 -3.95
N SER A 63 -11.43 5.13 -4.21
CA SER A 63 -12.30 5.58 -3.09
C SER A 63 -13.76 5.20 -3.40
N SER A 64 -14.54 4.96 -2.39
CA SER A 64 -15.97 4.58 -2.63
C SER A 64 -16.89 5.71 -2.14
N THR A 65 -17.99 5.91 -2.81
CA THR A 65 -18.92 6.99 -2.40
C THR A 65 -20.35 6.46 -2.41
N PRO A 66 -21.27 7.16 -1.73
CA PRO A 66 -22.69 6.78 -1.66
C PRO A 66 -23.40 6.96 -3.01
N GLY A 67 -22.82 7.74 -3.89
CA GLY A 67 -23.48 7.96 -5.21
C GLY A 67 -23.65 6.62 -5.92
N THR A 68 -22.75 5.69 -5.69
CA THR A 68 -22.87 4.36 -6.36
C THR A 68 -23.91 3.52 -5.64
N THR A 69 -24.76 2.84 -6.37
CA THR A 69 -25.80 1.99 -5.72
C THR A 69 -25.12 0.88 -4.91
N ALA A 70 -23.95 0.47 -5.33
CA ALA A 70 -23.24 -0.62 -4.60
C ALA A 70 -22.77 -0.09 -3.24
N ALA A 71 -22.47 1.18 -3.16
CA ALA A 71 -22.00 1.76 -1.87
C ALA A 71 -23.12 1.64 -0.83
N SER A 72 -24.35 1.76 -1.24
CA SER A 72 -25.48 1.64 -0.28
C SER A 72 -25.45 0.26 0.38
N MET A 73 -24.93 -0.72 -0.31
CA MET A 73 -24.88 -2.09 0.28
C MET A 73 -23.43 -2.60 0.27
N PRO A 74 -22.65 -2.21 1.29
CA PRO A 74 -21.25 -2.61 1.41
C PRO A 74 -21.11 -4.10 1.75
N PRO A 75 -20.05 -4.74 1.24
CA PRO A 75 -19.78 -6.16 1.49
C PRO A 75 -19.35 -6.42 2.93
N SER A 76 -19.74 -7.54 3.50
CA SER A 76 -19.35 -7.85 4.90
C SER A 76 -18.56 -9.15 4.94
N ASP A 77 -17.72 -9.31 5.93
CA ASP A 77 -16.91 -10.57 6.02
C ASP A 77 -17.73 -11.65 6.72
N GLU A 78 -18.00 -12.74 6.05
CA GLU A 78 -18.79 -13.83 6.68
C GLU A 78 -18.06 -15.17 6.49
N ASP A 3 2.46 -3.23 7.96
CA ASP A 3 3.28 -1.99 7.91
C ASP A 3 4.77 -2.37 7.98
N SER A 4 5.62 -1.40 8.12
CA SER A 4 7.08 -1.70 8.20
C SER A 4 7.35 -2.61 9.40
N GLU A 5 6.51 -2.56 10.40
CA GLU A 5 6.72 -3.42 11.59
C GLU A 5 6.83 -4.87 11.13
N MET A 6 6.32 -5.18 9.98
CA MET A 6 6.40 -6.57 9.46
C MET A 6 7.81 -6.83 8.92
N CYS A 7 8.46 -5.79 8.47
CA CYS A 7 9.84 -5.97 7.93
C CYS A 7 10.85 -5.84 9.07
N LYS A 8 10.40 -5.45 10.23
CA LYS A 8 11.33 -5.30 11.38
C LYS A 8 11.93 -6.67 11.73
N ASP A 9 11.29 -7.73 11.33
CA ASP A 9 11.82 -9.09 11.63
C ASP A 9 11.43 -10.06 10.52
N TYR A 10 11.86 -9.81 9.31
CA TYR A 10 11.51 -10.72 8.20
C TYR A 10 12.77 -11.03 7.38
N ARG A 11 12.74 -12.06 6.59
CA ARG A 11 13.92 -12.41 5.76
C ARG A 11 13.49 -12.76 4.34
N VAL A 12 14.28 -12.41 3.36
CA VAL A 12 13.90 -12.71 1.95
C VAL A 12 15.15 -13.13 1.18
N LEU A 13 15.05 -14.16 0.37
CA LEU A 13 16.22 -14.63 -0.40
C LEU A 13 15.85 -14.70 -1.89
N PRO A 14 16.84 -15.00 -2.75
CA PRO A 14 16.63 -15.10 -4.20
C PRO A 14 15.73 -16.28 -4.57
N ARG A 15 15.70 -17.30 -3.74
CA ARG A 15 14.84 -18.47 -4.04
C ARG A 15 13.61 -18.45 -3.13
N ILE A 16 13.72 -17.84 -1.98
CA ILE A 16 12.56 -17.77 -1.06
C ILE A 16 11.64 -16.62 -1.47
N GLY A 17 12.19 -15.48 -1.78
CA GLY A 17 11.34 -14.34 -2.18
C GLY A 17 10.65 -13.74 -0.95
N TYR A 18 9.56 -13.07 -1.14
CA TYR A 18 8.84 -12.48 0.03
C TYR A 18 7.63 -13.35 0.39
N LEU A 19 7.20 -13.31 1.62
CA LEU A 19 6.04 -14.14 2.03
C LEU A 19 4.81 -13.26 2.24
N CYS A 20 3.89 -13.28 1.32
CA CYS A 20 2.66 -12.44 1.47
C CYS A 20 1.42 -13.33 1.35
N PRO A 21 0.30 -12.90 1.94
CA PRO A 21 -0.95 -13.66 1.92
C PRO A 21 -1.59 -13.63 0.53
N LYS A 22 -2.56 -14.46 0.29
CA LYS A 22 -3.23 -14.49 -1.04
C LYS A 22 -4.28 -13.39 -1.10
N ASP A 23 -4.89 -13.08 0.02
CA ASP A 23 -5.94 -12.02 0.02
C ASP A 23 -5.34 -10.72 -0.51
N LEU A 24 -5.97 -10.11 -1.47
CA LEU A 24 -5.44 -8.84 -2.03
C LEU A 24 -5.99 -7.67 -1.22
N LYS A 25 -5.14 -6.93 -0.57
CA LYS A 25 -5.62 -5.77 0.24
C LYS A 25 -4.93 -4.49 -0.24
N PRO A 26 -5.64 -3.70 -1.06
CA PRO A 26 -5.10 -2.44 -1.61
C PRO A 26 -4.85 -1.41 -0.51
N VAL A 27 -3.62 -1.01 -0.32
CA VAL A 27 -3.32 -0.01 0.75
C VAL A 27 -2.67 1.23 0.12
N CYS A 28 -2.77 2.36 0.78
CA CYS A 28 -2.16 3.60 0.23
C CYS A 28 -0.83 3.85 0.92
N GLY A 29 0.27 3.72 0.22
CA GLY A 29 1.60 3.95 0.85
C GLY A 29 1.73 5.42 1.26
N ASP A 30 2.30 5.68 2.41
CA ASP A 30 2.45 7.09 2.86
C ASP A 30 3.49 7.80 1.97
N ASP A 31 4.20 7.06 1.16
CA ASP A 31 5.21 7.70 0.28
C ASP A 31 4.52 8.28 -0.95
N GLY A 32 3.21 8.21 -1.00
CA GLY A 32 2.48 8.75 -2.18
C GLY A 32 2.29 7.65 -3.21
N GLN A 33 2.47 6.41 -2.82
CA GLN A 33 2.30 5.29 -3.77
C GLN A 33 1.30 4.28 -3.21
N THR A 34 0.64 3.55 -4.06
CA THR A 34 -0.35 2.56 -3.57
C THR A 34 0.19 1.14 -3.83
N TYR A 35 -0.04 0.23 -2.92
CA TYR A 35 0.46 -1.15 -3.11
C TYR A 35 -0.72 -2.11 -3.08
N ASN A 36 -0.94 -2.83 -4.16
CA ASN A 36 -2.08 -3.78 -4.20
C ASN A 36 -2.16 -4.55 -2.87
N ASN A 37 -1.32 -5.53 -2.70
CA ASN A 37 -1.34 -6.31 -1.42
C ASN A 37 -0.52 -5.55 -0.37
N PRO A 38 -0.93 -5.63 0.90
CA PRO A 38 -0.22 -4.95 2.00
C PRO A 38 1.19 -5.52 2.18
N CYS A 39 1.33 -6.81 2.25
CA CYS A 39 2.69 -7.40 2.40
C CYS A 39 3.50 -7.03 1.16
N MET A 40 2.84 -6.84 0.04
CA MET A 40 3.55 -6.47 -1.20
C MET A 40 4.23 -5.11 -1.00
N LEU A 41 3.86 -4.38 0.01
CA LEU A 41 4.49 -3.06 0.26
C LEU A 41 5.94 -3.28 0.70
N CYS A 42 6.16 -4.08 1.70
CA CYS A 42 7.56 -4.34 2.15
C CYS A 42 8.38 -4.76 0.94
N HIS A 43 7.73 -5.24 -0.08
CA HIS A 43 8.45 -5.68 -1.31
C HIS A 43 9.21 -4.47 -1.89
N GLU A 44 8.50 -3.45 -2.27
CA GLU A 44 9.18 -2.25 -2.84
C GLU A 44 10.01 -1.58 -1.73
N ASN A 45 9.74 -1.93 -0.51
CA ASN A 45 10.52 -1.32 0.61
C ASN A 45 11.89 -2.00 0.70
N LEU A 46 12.00 -3.20 0.22
CA LEU A 46 13.31 -3.92 0.26
C LEU A 46 14.24 -3.27 -0.75
N ILE A 47 13.72 -2.82 -1.86
CA ILE A 47 14.58 -2.19 -2.89
C ILE A 47 14.89 -0.75 -2.45
N ARG A 48 13.90 0.00 -2.08
CA ARG A 48 14.15 1.41 -1.64
C ARG A 48 14.64 1.40 -0.19
N GLN A 49 14.12 0.53 0.62
CA GLN A 49 14.55 0.46 2.04
C GLN A 49 14.20 1.79 2.75
N THR A 50 13.08 2.36 2.42
CA THR A 50 12.69 3.63 3.08
C THR A 50 11.65 3.35 4.17
N ASN A 51 11.44 2.10 4.47
CA ASN A 51 10.45 1.75 5.53
C ASN A 51 9.11 2.43 5.22
N THR A 52 8.56 2.18 4.06
CA THR A 52 7.25 2.81 3.71
C THR A 52 6.15 2.24 4.61
N HIS A 53 5.30 3.08 5.12
CA HIS A 53 4.20 2.59 6.01
C HIS A 53 2.87 2.70 5.27
N ILE A 54 1.80 2.28 5.89
CA ILE A 54 0.48 2.36 5.21
C ILE A 54 -0.16 3.72 5.51
N ARG A 55 -0.54 4.43 4.49
CA ARG A 55 -1.17 5.76 4.69
C ARG A 55 -2.65 5.58 5.00
N SER A 56 -3.36 4.94 4.13
CA SER A 56 -4.81 4.73 4.34
C SER A 56 -5.23 3.42 3.67
N THR A 57 -6.07 2.66 4.31
CA THR A 57 -6.52 1.37 3.71
C THR A 57 -7.11 1.64 2.33
N GLY A 58 -6.98 0.70 1.43
CA GLY A 58 -7.53 0.89 0.06
C GLY A 58 -6.54 1.67 -0.79
N LYS A 59 -6.72 1.68 -2.07
CA LYS A 59 -5.79 2.43 -2.97
C LYS A 59 -6.06 3.94 -2.83
N CYS A 60 -5.03 4.71 -2.64
CA CYS A 60 -5.23 6.18 -2.50
C CYS A 60 -5.96 6.71 -3.73
N GLU A 61 -5.74 6.10 -4.86
CA GLU A 61 -6.44 6.56 -6.10
C GLU A 61 -7.83 5.94 -6.14
N GLU A 62 -8.03 4.89 -5.41
CA GLU A 62 -9.38 4.25 -5.40
C GLU A 62 -10.40 5.23 -4.82
N SER A 63 -9.92 6.26 -4.16
CA SER A 63 -10.86 7.26 -3.56
C SER A 63 -11.35 8.20 -4.66
N SER A 64 -10.55 8.45 -5.66
CA SER A 64 -10.98 9.36 -6.75
C SER A 64 -11.10 8.57 -8.06
N THR A 65 -11.99 8.96 -8.93
CA THR A 65 -12.15 8.22 -10.20
C THR A 65 -11.76 9.12 -11.38
N PRO A 66 -10.45 9.26 -11.64
CA PRO A 66 -9.94 10.10 -12.73
C PRO A 66 -10.25 9.48 -14.10
N GLY A 67 -10.57 10.29 -15.07
CA GLY A 67 -10.87 9.74 -16.43
C GLY A 67 -10.90 10.88 -17.45
N THR A 68 -11.32 10.60 -18.65
CA THR A 68 -11.38 11.66 -19.70
C THR A 68 -12.80 11.77 -20.24
N THR A 69 -13.11 12.84 -20.91
CA THR A 69 -14.48 13.01 -21.47
C THR A 69 -14.41 13.03 -22.99
N ALA A 70 -15.35 12.42 -23.65
CA ALA A 70 -15.34 12.40 -25.14
C ALA A 70 -15.40 13.85 -25.66
N ALA A 71 -16.09 14.71 -24.97
CA ALA A 71 -16.18 16.12 -25.43
C ALA A 71 -14.80 16.76 -25.40
N SER A 72 -14.45 17.50 -26.42
CA SER A 72 -13.12 18.15 -26.46
C SER A 72 -13.01 19.17 -25.33
N MET A 73 -14.12 19.72 -24.91
CA MET A 73 -14.08 20.73 -23.80
C MET A 73 -15.10 20.33 -22.73
N PRO A 74 -14.71 19.41 -21.83
CA PRO A 74 -15.58 18.94 -20.75
C PRO A 74 -15.79 20.01 -19.68
N PRO A 75 -16.92 19.93 -18.96
CA PRO A 75 -17.26 20.89 -17.90
C PRO A 75 -16.37 20.70 -16.67
N SER A 76 -16.14 21.75 -15.93
CA SER A 76 -15.27 21.64 -14.72
C SER A 76 -15.91 22.39 -13.56
N ASP A 77 -15.83 21.86 -12.36
CA ASP A 77 -16.44 22.55 -11.19
C ASP A 77 -15.89 23.98 -11.10
N GLU A 78 -14.65 24.17 -11.46
CA GLU A 78 -14.07 25.55 -11.40
C GLU A 78 -13.48 25.91 -12.76
N ASP A 3 1.18 -3.77 9.22
CA ASP A 3 1.79 -2.69 8.40
C ASP A 3 3.30 -2.96 8.25
N SER A 4 3.95 -2.21 7.40
CA SER A 4 5.42 -2.42 7.21
C SER A 4 6.10 -2.55 8.57
N GLU A 5 5.57 -1.90 9.58
CA GLU A 5 6.19 -2.00 10.93
C GLU A 5 6.36 -3.48 11.28
N MET A 6 5.53 -4.32 10.73
CA MET A 6 5.64 -5.78 11.02
C MET A 6 6.80 -6.35 10.20
N CYS A 7 7.13 -5.70 9.10
CA CYS A 7 8.25 -6.19 8.27
C CYS A 7 9.57 -5.74 8.89
N LYS A 8 9.52 -4.83 9.83
CA LYS A 8 10.78 -4.35 10.48
C LYS A 8 11.64 -5.56 10.85
N ASP A 9 11.03 -6.69 11.10
CA ASP A 9 11.80 -7.90 11.46
C ASP A 9 11.73 -8.89 10.31
N TYR A 10 11.60 -8.40 9.11
CA TYR A 10 11.52 -9.31 7.93
C TYR A 10 12.91 -9.78 7.53
N ARG A 11 12.99 -10.87 6.81
CA ARG A 11 14.32 -11.38 6.38
C ARG A 11 14.16 -12.11 5.05
N VAL A 12 14.74 -11.59 4.00
CA VAL A 12 14.62 -12.25 2.68
C VAL A 12 16.00 -12.65 2.18
N LEU A 13 16.07 -13.68 1.37
CA LEU A 13 17.38 -14.13 0.83
C LEU A 13 17.27 -14.29 -0.68
N PRO A 14 18.41 -14.53 -1.35
CA PRO A 14 18.44 -14.70 -2.81
C PRO A 14 17.71 -15.98 -3.25
N ARG A 15 17.57 -16.93 -2.35
CA ARG A 15 16.87 -18.19 -2.71
C ARG A 15 15.51 -18.23 -2.00
N ILE A 16 15.38 -17.56 -0.90
CA ILE A 16 14.08 -17.58 -0.16
C ILE A 16 13.12 -16.58 -0.81
N GLY A 17 13.54 -15.37 -1.01
CA GLY A 17 12.64 -14.36 -1.63
C GLY A 17 11.74 -13.74 -0.56
N TYR A 18 10.72 -13.03 -0.96
CA TYR A 18 9.81 -12.41 0.04
C TYR A 18 8.56 -13.28 0.21
N LEU A 19 7.99 -13.29 1.38
CA LEU A 19 6.76 -14.11 1.61
C LEU A 19 5.57 -13.20 1.83
N CYS A 20 4.55 -13.31 1.01
CA CYS A 20 3.35 -12.45 1.17
C CYS A 20 2.09 -13.32 1.04
N PRO A 21 0.98 -12.85 1.63
CA PRO A 21 -0.30 -13.57 1.59
C PRO A 21 -0.91 -13.57 0.18
N LYS A 22 -1.90 -14.38 -0.05
CA LYS A 22 -2.53 -14.42 -1.40
C LYS A 22 -3.73 -13.47 -1.43
N ASP A 23 -4.07 -12.89 -0.31
CA ASP A 23 -5.22 -11.94 -0.29
C ASP A 23 -4.80 -10.60 -0.91
N LEU A 24 -5.31 -10.29 -2.06
CA LEU A 24 -4.94 -9.01 -2.72
C LEU A 24 -5.62 -7.85 -2.01
N LYS A 25 -4.87 -6.92 -1.49
CA LYS A 25 -5.48 -5.76 -0.78
C LYS A 25 -4.64 -4.51 -1.02
N PRO A 26 -5.19 -3.54 -1.77
CA PRO A 26 -4.50 -2.28 -2.09
C PRO A 26 -4.28 -1.42 -0.85
N VAL A 27 -3.05 -1.04 -0.59
CA VAL A 27 -2.76 -0.20 0.60
C VAL A 27 -2.22 1.15 0.14
N CYS A 28 -2.40 2.17 0.93
CA CYS A 28 -1.89 3.52 0.56
C CYS A 28 -0.56 3.77 1.30
N GLY A 29 0.50 3.97 0.57
CA GLY A 29 1.82 4.21 1.23
C GLY A 29 1.88 5.64 1.77
N ASP A 30 2.43 5.83 2.94
CA ASP A 30 2.53 7.20 3.52
C ASP A 30 3.54 8.02 2.72
N ASP A 31 4.29 7.38 1.86
CA ASP A 31 5.29 8.12 1.04
C ASP A 31 4.59 8.74 -0.17
N GLY A 32 3.30 8.67 -0.23
CA GLY A 32 2.56 9.24 -1.38
C GLY A 32 2.44 8.19 -2.49
N GLN A 33 2.73 6.96 -2.17
CA GLN A 33 2.64 5.89 -3.20
C GLN A 33 1.60 4.86 -2.76
N THR A 34 1.25 3.95 -3.64
CA THR A 34 0.24 2.91 -3.29
C THR A 34 0.78 1.53 -3.65
N TYR A 35 0.65 0.57 -2.77
CA TYR A 35 1.16 -0.78 -3.08
C TYR A 35 -0.02 -1.75 -3.22
N ASN A 36 -0.08 -2.47 -4.31
CA ASN A 36 -1.22 -3.41 -4.53
C ASN A 36 -1.41 -4.28 -3.28
N ASN A 37 -0.60 -5.30 -3.13
CA ASN A 37 -0.75 -6.18 -1.93
C ASN A 37 -0.07 -5.53 -0.73
N PRO A 38 -0.58 -5.78 0.49
CA PRO A 38 -0.02 -5.21 1.73
C PRO A 38 1.42 -5.69 1.97
N CYS A 39 1.64 -6.97 1.99
CA CYS A 39 3.03 -7.46 2.21
C CYS A 39 3.91 -6.98 1.05
N MET A 40 3.32 -6.79 -0.11
CA MET A 40 4.10 -6.30 -1.27
C MET A 40 4.67 -4.92 -0.95
N LEU A 41 4.16 -4.29 0.08
CA LEU A 41 4.66 -2.95 0.46
C LEU A 41 6.09 -3.05 0.96
N CYS A 42 6.34 -3.93 1.90
CA CYS A 42 7.73 -4.06 2.41
C CYS A 42 8.58 -4.66 1.30
N HIS A 43 7.95 -5.25 0.32
CA HIS A 43 8.71 -5.83 -0.83
C HIS A 43 9.25 -4.70 -1.70
N GLU A 44 8.38 -3.85 -2.17
CA GLU A 44 8.85 -2.73 -3.01
C GLU A 44 9.76 -1.83 -2.17
N ASN A 45 9.66 -1.95 -0.87
CA ASN A 45 10.51 -1.13 0.02
C ASN A 45 11.93 -1.69 -0.01
N LEU A 46 12.06 -2.98 -0.09
CA LEU A 46 13.42 -3.60 -0.14
C LEU A 46 14.15 -3.09 -1.39
N ILE A 47 13.42 -2.82 -2.44
CA ILE A 47 14.06 -2.32 -3.67
C ILE A 47 14.42 -0.85 -3.48
N ARG A 48 13.54 -0.09 -2.90
CA ARG A 48 13.83 1.35 -2.66
C ARG A 48 14.72 1.49 -1.43
N GLN A 49 14.77 0.48 -0.61
CA GLN A 49 15.62 0.54 0.62
C GLN A 49 15.11 1.66 1.52
N THR A 50 13.82 1.77 1.68
CA THR A 50 13.27 2.84 2.56
C THR A 50 12.30 2.21 3.57
N ASN A 51 11.96 2.94 4.60
CA ASN A 51 11.02 2.38 5.62
C ASN A 51 9.62 2.96 5.40
N THR A 52 9.02 2.67 4.28
CA THR A 52 7.66 3.19 4.01
C THR A 52 6.63 2.42 4.83
N HIS A 53 5.64 3.10 5.34
CA HIS A 53 4.61 2.40 6.15
C HIS A 53 3.25 2.54 5.46
N ILE A 54 2.27 1.82 5.91
CA ILE A 54 0.93 1.93 5.27
C ILE A 54 0.21 3.18 5.79
N ARG A 55 -0.18 4.05 4.90
CA ARG A 55 -0.88 5.29 5.32
C ARG A 55 -2.34 4.97 5.61
N SER A 56 -2.99 4.29 4.71
CA SER A 56 -4.42 3.94 4.94
C SER A 56 -4.76 2.70 4.12
N THR A 57 -5.71 1.93 4.55
CA THR A 57 -6.09 0.71 3.79
C THR A 57 -6.68 1.13 2.44
N GLY A 58 -6.48 0.33 1.42
CA GLY A 58 -7.02 0.69 0.09
C GLY A 58 -5.99 1.53 -0.66
N LYS A 59 -6.16 1.70 -1.93
CA LYS A 59 -5.19 2.52 -2.72
C LYS A 59 -5.23 3.96 -2.23
N CYS A 60 -4.21 4.73 -2.52
CA CYS A 60 -4.19 6.15 -2.09
C CYS A 60 -5.26 6.93 -2.84
N GLU A 61 -5.72 6.40 -3.93
CA GLU A 61 -6.77 7.11 -4.73
C GLU A 61 -8.13 6.85 -4.10
N GLU A 62 -8.25 5.81 -3.34
CA GLU A 62 -9.56 5.50 -2.69
C GLU A 62 -9.76 6.49 -1.54
N SER A 63 -8.69 7.07 -1.07
CA SER A 63 -8.81 8.05 0.06
C SER A 63 -9.34 9.38 -0.49
N SER A 64 -9.36 9.53 -1.78
CA SER A 64 -9.86 10.80 -2.37
C SER A 64 -11.37 10.89 -2.21
N THR A 65 -11.93 12.06 -2.35
CA THR A 65 -13.41 12.20 -2.20
C THR A 65 -13.96 13.04 -3.36
N PRO A 66 -14.35 12.38 -4.45
CA PRO A 66 -14.88 13.05 -5.64
C PRO A 66 -16.28 13.63 -5.38
N GLY A 67 -16.57 14.78 -5.91
CA GLY A 67 -17.91 15.38 -5.69
C GLY A 67 -18.93 14.72 -6.62
N THR A 68 -20.14 15.23 -6.67
CA THR A 68 -21.17 14.61 -7.55
C THR A 68 -20.72 14.75 -9.02
N THR A 69 -19.95 15.75 -9.32
CA THR A 69 -19.48 15.94 -10.72
C THR A 69 -18.03 16.41 -10.72
N ALA A 70 -17.33 16.23 -11.81
CA ALA A 70 -15.91 16.67 -11.86
C ALA A 70 -15.85 18.20 -11.78
N ALA A 71 -16.83 18.87 -12.31
CA ALA A 71 -16.82 20.36 -12.25
C ALA A 71 -16.88 20.82 -10.79
N SER A 72 -16.13 21.83 -10.45
CA SER A 72 -16.15 22.33 -9.04
C SER A 72 -17.57 22.79 -8.68
N MET A 73 -18.30 23.29 -9.64
CA MET A 73 -19.68 23.76 -9.34
C MET A 73 -20.56 22.56 -8.97
N PRO A 74 -21.56 22.77 -8.10
CA PRO A 74 -22.47 21.72 -7.66
C PRO A 74 -23.42 21.28 -8.78
N PRO A 75 -23.99 20.08 -8.66
CA PRO A 75 -24.94 19.53 -9.65
C PRO A 75 -26.27 20.28 -9.64
N SER A 76 -27.10 20.04 -10.62
CA SER A 76 -28.42 20.74 -10.66
C SER A 76 -29.46 19.93 -9.90
N ASP A 77 -29.10 18.74 -9.47
CA ASP A 77 -30.08 17.90 -8.72
C ASP A 77 -30.12 18.36 -7.26
N GLU A 78 -29.09 19.02 -6.80
CA GLU A 78 -29.06 19.48 -5.38
C GLU A 78 -28.13 20.69 -5.27
N ASP A 3 1.98 -3.79 10.65
CA ASP A 3 2.31 -2.72 9.67
C ASP A 3 3.69 -2.98 9.05
N SER A 4 4.11 -2.13 8.16
CA SER A 4 5.45 -2.32 7.53
C SER A 4 6.50 -2.49 8.63
N GLU A 5 6.35 -1.80 9.73
CA GLU A 5 7.33 -1.92 10.83
C GLU A 5 7.56 -3.40 11.12
N MET A 6 6.60 -4.23 10.79
CA MET A 6 6.77 -5.69 11.04
C MET A 6 7.73 -6.27 10.00
N CYS A 7 7.76 -5.69 8.82
CA CYS A 7 8.68 -6.20 7.77
C CYS A 7 10.09 -5.67 8.04
N LYS A 8 10.20 -4.58 8.75
CA LYS A 8 11.55 -4.04 9.04
C LYS A 8 12.45 -5.16 9.56
N ASP A 9 11.85 -6.18 10.11
CA ASP A 9 12.65 -7.33 10.62
C ASP A 9 12.40 -8.53 9.71
N TYR A 10 12.13 -8.28 8.46
CA TYR A 10 11.86 -9.40 7.52
C TYR A 10 13.17 -9.91 6.93
N ARG A 11 13.21 -11.16 6.54
CA ARG A 11 14.45 -11.72 5.95
C ARG A 11 14.08 -12.76 4.89
N VAL A 12 14.40 -12.48 3.66
CA VAL A 12 14.07 -13.43 2.56
C VAL A 12 15.32 -13.65 1.71
N LEU A 13 15.44 -14.79 1.08
CA LEU A 13 16.64 -15.06 0.24
C LEU A 13 16.25 -15.06 -1.24
N PRO A 14 17.24 -15.12 -2.13
CA PRO A 14 17.01 -15.13 -3.57
C PRO A 14 16.38 -16.44 -4.04
N ARG A 15 16.55 -17.48 -3.27
CA ARG A 15 15.95 -18.80 -3.66
C ARG A 15 14.57 -18.93 -3.02
N ILE A 16 14.28 -18.11 -2.04
CA ILE A 16 12.95 -18.18 -1.38
C ILE A 16 12.04 -17.08 -1.94
N GLY A 17 12.57 -15.90 -2.13
CA GLY A 17 11.74 -14.79 -2.68
C GLY A 17 10.70 -14.36 -1.63
N TYR A 18 10.47 -13.09 -1.50
CA TYR A 18 9.47 -12.60 -0.51
C TYR A 18 8.21 -13.46 -0.60
N LEU A 19 7.47 -13.55 0.48
CA LEU A 19 6.23 -14.37 0.45
C LEU A 19 5.01 -13.48 0.71
N CYS A 20 4.02 -13.55 -0.14
CA CYS A 20 2.81 -12.70 0.06
C CYS A 20 1.57 -13.53 -0.29
N PRO A 21 0.41 -13.15 0.26
CA PRO A 21 -0.85 -13.85 0.00
C PRO A 21 -1.35 -13.61 -1.42
N LYS A 22 -2.32 -14.38 -1.86
CA LYS A 22 -2.83 -14.19 -3.25
C LYS A 22 -3.93 -13.12 -3.24
N ASP A 23 -4.55 -12.91 -2.12
CA ASP A 23 -5.63 -11.88 -2.06
C ASP A 23 -5.03 -10.51 -2.36
N LEU A 24 -5.62 -9.78 -3.29
CA LEU A 24 -5.07 -8.45 -3.63
C LEU A 24 -5.68 -7.39 -2.71
N LYS A 25 -4.86 -6.74 -1.93
CA LYS A 25 -5.38 -5.69 -0.99
C LYS A 25 -4.61 -4.39 -1.22
N PRO A 26 -5.21 -3.45 -1.97
CA PRO A 26 -4.59 -2.15 -2.27
C PRO A 26 -4.39 -1.30 -1.03
N VAL A 27 -3.16 -0.98 -0.71
CA VAL A 27 -2.89 -0.13 0.49
C VAL A 27 -2.26 1.19 0.06
N CYS A 28 -2.43 2.21 0.85
CA CYS A 28 -1.82 3.52 0.49
C CYS A 28 -0.48 3.66 1.21
N GLY A 29 0.54 4.05 0.51
CA GLY A 29 1.88 4.19 1.16
C GLY A 29 2.05 5.61 1.69
N ASP A 30 2.54 5.75 2.90
CA ASP A 30 2.72 7.12 3.47
C ASP A 30 3.80 7.86 2.68
N ASP A 31 4.49 7.18 1.80
CA ASP A 31 5.55 7.85 1.00
C ASP A 31 4.92 8.50 -0.24
N GLY A 32 3.62 8.63 -0.25
CA GLY A 32 2.95 9.27 -1.43
C GLY A 32 2.79 8.23 -2.54
N GLN A 33 2.81 6.97 -2.20
CA GLN A 33 2.67 5.91 -3.24
C GLN A 33 1.62 4.89 -2.78
N THR A 34 1.29 3.96 -3.63
CA THR A 34 0.28 2.93 -3.26
C THR A 34 0.79 1.54 -3.67
N TYR A 35 0.61 0.57 -2.83
CA TYR A 35 1.10 -0.80 -3.18
C TYR A 35 -0.11 -1.72 -3.38
N ASN A 36 -0.22 -2.33 -4.54
CA ASN A 36 -1.38 -3.23 -4.80
C ASN A 36 -1.57 -4.16 -3.61
N ASN A 37 -0.80 -5.21 -3.50
CA ASN A 37 -0.94 -6.15 -2.36
C ASN A 37 -0.22 -5.58 -1.14
N PRO A 38 -0.75 -5.83 0.07
CA PRO A 38 -0.15 -5.36 1.33
C PRO A 38 1.24 -5.95 1.55
N CYS A 39 1.37 -7.25 1.50
CA CYS A 39 2.72 -7.86 1.69
C CYS A 39 3.64 -7.33 0.59
N MET A 40 3.06 -6.96 -0.52
CA MET A 40 3.89 -6.41 -1.64
C MET A 40 4.40 -5.02 -1.24
N LEU A 41 3.92 -4.49 -0.14
CA LEU A 41 4.38 -3.15 0.31
C LEU A 41 5.80 -3.26 0.85
N CYS A 42 6.02 -4.11 1.81
CA CYS A 42 7.39 -4.26 2.36
C CYS A 42 8.30 -4.76 1.23
N HIS A 43 7.72 -5.41 0.25
CA HIS A 43 8.54 -5.91 -0.89
C HIS A 43 9.12 -4.72 -1.64
N GLU A 44 8.28 -3.81 -2.05
CA GLU A 44 8.79 -2.60 -2.76
C GLU A 44 9.61 -1.77 -1.79
N ASN A 45 9.45 -2.03 -0.51
CA ASN A 45 10.23 -1.27 0.51
C ASN A 45 11.63 -1.84 0.58
N LEU A 46 11.79 -3.09 0.24
CA LEU A 46 13.14 -3.72 0.28
C LEU A 46 13.98 -3.12 -0.85
N ILE A 47 13.36 -2.82 -1.96
CA ILE A 47 14.10 -2.22 -3.09
C ILE A 47 14.37 -0.74 -2.79
N ARG A 48 13.40 -0.04 -2.28
CA ARG A 48 13.60 1.39 -1.96
C ARG A 48 14.34 1.53 -0.63
N GLN A 49 14.06 0.65 0.30
CA GLN A 49 14.74 0.72 1.62
C GLN A 49 14.40 2.04 2.30
N THR A 50 13.18 2.47 2.21
CA THR A 50 12.78 3.75 2.86
C THR A 50 11.83 3.46 4.02
N ASN A 51 11.77 2.22 4.45
CA ASN A 51 10.87 1.87 5.57
C ASN A 51 9.50 2.53 5.35
N THR A 52 8.86 2.23 4.25
CA THR A 52 7.53 2.84 3.97
C THR A 52 6.47 2.11 4.78
N HIS A 53 5.44 2.81 5.19
CA HIS A 53 4.36 2.16 5.99
C HIS A 53 3.02 2.39 5.30
N ILE A 54 1.99 1.72 5.74
CA ILE A 54 0.66 1.92 5.11
C ILE A 54 0.03 3.20 5.63
N ARG A 55 -0.30 4.12 4.76
CA ARG A 55 -0.91 5.40 5.20
C ARG A 55 -2.41 5.20 5.40
N SER A 56 -3.03 4.44 4.54
CA SER A 56 -4.49 4.20 4.67
C SER A 56 -4.87 2.92 3.92
N THR A 57 -5.93 2.28 4.31
CA THR A 57 -6.34 1.03 3.61
C THR A 57 -6.95 1.36 2.25
N GLY A 58 -6.52 0.67 1.23
CA GLY A 58 -7.08 0.95 -0.13
C GLY A 58 -6.12 1.86 -0.89
N LYS A 59 -6.29 1.95 -2.18
CA LYS A 59 -5.39 2.82 -2.99
C LYS A 59 -5.29 4.20 -2.34
N CYS A 60 -4.19 4.88 -2.50
CA CYS A 60 -4.05 6.23 -1.89
C CYS A 60 -5.19 7.13 -2.37
N GLU A 61 -5.72 6.86 -3.53
CA GLU A 61 -6.84 7.69 -4.05
C GLU A 61 -8.17 7.11 -3.55
N GLU A 62 -8.19 5.86 -3.21
CA GLU A 62 -9.45 5.24 -2.72
C GLU A 62 -9.88 5.93 -1.42
N SER A 63 -8.94 6.31 -0.60
CA SER A 63 -9.29 6.99 0.68
C SER A 63 -9.94 8.34 0.38
N SER A 64 -9.53 9.00 -0.67
CA SER A 64 -10.12 10.31 -1.02
C SER A 64 -11.61 10.15 -1.32
N THR A 65 -12.38 11.17 -1.10
CA THR A 65 -13.84 11.07 -1.38
C THR A 65 -14.25 12.12 -2.41
N PRO A 66 -14.08 11.80 -3.70
CA PRO A 66 -14.43 12.72 -4.80
C PRO A 66 -15.94 12.86 -4.97
N GLY A 67 -16.42 14.06 -5.18
CA GLY A 67 -17.88 14.25 -5.36
C GLY A 67 -18.53 14.49 -4.00
N THR A 68 -19.83 14.37 -3.93
CA THR A 68 -20.52 14.59 -2.62
C THR A 68 -21.44 13.40 -2.33
N THR A 69 -21.76 13.17 -1.09
CA THR A 69 -22.66 12.04 -0.74
C THR A 69 -24.02 12.23 -1.40
N ALA A 70 -24.30 13.41 -1.87
CA ALA A 70 -25.62 13.66 -2.52
C ALA A 70 -25.76 12.76 -3.75
N ALA A 71 -24.66 12.39 -4.35
CA ALA A 71 -24.73 11.50 -5.56
C ALA A 71 -25.58 10.28 -5.24
N SER A 72 -26.31 9.78 -6.21
CA SER A 72 -27.15 8.58 -5.95
C SER A 72 -26.25 7.37 -5.72
N MET A 73 -25.06 7.38 -6.25
CA MET A 73 -24.14 6.24 -6.05
C MET A 73 -22.75 6.76 -5.69
N PRO A 74 -22.54 7.11 -4.42
CA PRO A 74 -21.27 7.63 -3.92
C PRO A 74 -20.17 6.55 -3.91
N PRO A 75 -18.91 6.96 -4.09
CA PRO A 75 -17.78 6.04 -4.10
C PRO A 75 -17.46 5.50 -2.70
N SER A 76 -17.93 6.18 -1.68
CA SER A 76 -17.67 5.71 -0.30
C SER A 76 -18.98 5.71 0.50
N ASP A 77 -19.22 4.70 1.27
CA ASP A 77 -20.47 4.65 2.07
C ASP A 77 -20.59 5.90 2.93
N GLU A 78 -19.48 6.38 3.44
CA GLU A 78 -19.52 7.61 4.29
C GLU A 78 -18.10 8.02 4.66
N ASP A 3 1.64 -3.57 10.73
CA ASP A 3 2.07 -2.52 9.77
C ASP A 3 3.44 -2.90 9.18
N SER A 4 3.98 -2.05 8.34
CA SER A 4 5.31 -2.36 7.74
C SER A 4 6.30 -2.69 8.84
N GLU A 5 6.09 -2.20 10.03
CA GLU A 5 7.02 -2.50 11.15
C GLU A 5 7.21 -4.01 11.25
N MET A 6 6.26 -4.76 10.78
CA MET A 6 6.38 -6.25 10.85
C MET A 6 7.43 -6.71 9.84
N CYS A 7 7.59 -5.99 8.76
CA CYS A 7 8.59 -6.40 7.73
C CYS A 7 9.96 -5.83 8.12
N LYS A 8 9.99 -4.86 8.99
CA LYS A 8 11.30 -4.27 9.41
C LYS A 8 12.24 -5.41 9.83
N ASP A 9 11.69 -6.52 10.22
CA ASP A 9 12.53 -7.68 10.62
C ASP A 9 12.33 -8.79 9.60
N TYR A 10 12.09 -8.42 8.36
CA TYR A 10 11.86 -9.43 7.30
C TYR A 10 13.19 -10.00 6.81
N ARG A 11 13.16 -11.13 6.15
CA ARG A 11 14.41 -11.74 5.65
C ARG A 11 14.12 -12.41 4.31
N VAL A 12 14.73 -11.94 3.25
CA VAL A 12 14.47 -12.55 1.91
C VAL A 12 15.73 -13.26 1.42
N LEU A 13 15.57 -14.41 0.84
CA LEU A 13 16.74 -15.16 0.33
C LEU A 13 16.60 -15.37 -1.18
N PRO A 14 17.64 -15.89 -1.84
CA PRO A 14 17.63 -16.14 -3.29
C PRO A 14 16.62 -17.23 -3.66
N ARG A 15 16.29 -18.08 -2.74
CA ARG A 15 15.31 -19.17 -3.05
C ARG A 15 14.00 -18.88 -2.30
N ILE A 16 14.07 -18.13 -1.24
CA ILE A 16 12.83 -17.83 -0.47
C ILE A 16 12.17 -16.56 -1.04
N GLY A 17 12.95 -15.57 -1.36
CA GLY A 17 12.37 -14.31 -1.91
C GLY A 17 11.44 -13.68 -0.87
N TYR A 18 10.40 -13.04 -1.32
CA TYR A 18 9.45 -12.39 -0.37
C TYR A 18 8.22 -13.28 -0.18
N LEU A 19 7.64 -13.25 0.99
CA LEU A 19 6.43 -14.10 1.23
C LEU A 19 5.24 -13.20 1.56
N CYS A 20 4.14 -13.39 0.88
CA CYS A 20 2.94 -12.56 1.15
C CYS A 20 1.69 -13.44 1.12
N PRO A 21 0.61 -12.98 1.78
CA PRO A 21 -0.65 -13.73 1.83
C PRO A 21 -1.35 -13.75 0.47
N LYS A 22 -2.34 -14.59 0.31
CA LYS A 22 -3.04 -14.64 -1.00
C LYS A 22 -4.18 -13.63 -1.01
N ASP A 23 -4.56 -13.13 0.14
CA ASP A 23 -5.66 -12.12 0.20
C ASP A 23 -5.16 -10.81 -0.40
N LEU A 24 -5.78 -10.37 -1.46
CA LEU A 24 -5.33 -9.09 -2.10
C LEU A 24 -5.99 -7.91 -1.40
N LYS A 25 -5.20 -7.00 -0.88
CA LYS A 25 -5.77 -5.82 -0.19
C LYS A 25 -4.96 -4.57 -0.55
N PRO A 26 -5.55 -3.66 -1.33
CA PRO A 26 -4.89 -2.42 -1.78
C PRO A 26 -4.56 -1.50 -0.62
N VAL A 27 -3.30 -1.15 -0.48
CA VAL A 27 -2.90 -0.24 0.63
C VAL A 27 -2.29 1.04 0.05
N CYS A 28 -2.34 2.12 0.78
CA CYS A 28 -1.75 3.40 0.28
C CYS A 28 -0.37 3.59 0.92
N GLY A 29 0.66 3.64 0.14
CA GLY A 29 2.03 3.82 0.72
C GLY A 29 2.20 5.27 1.17
N ASP A 30 2.81 5.47 2.32
CA ASP A 30 3.02 6.86 2.82
C ASP A 30 4.02 7.58 1.92
N ASP A 31 4.67 6.87 1.05
CA ASP A 31 5.66 7.51 0.14
C ASP A 31 4.93 8.11 -1.06
N GLY A 32 3.62 8.14 -1.02
CA GLY A 32 2.85 8.71 -2.17
C GLY A 32 2.62 7.62 -3.20
N GLN A 33 2.85 6.38 -2.84
CA GLN A 33 2.63 5.27 -3.82
C GLN A 33 1.57 4.31 -3.27
N THR A 34 1.07 3.43 -4.09
CA THR A 34 0.04 2.48 -3.62
C THR A 34 0.49 1.05 -3.93
N TYR A 35 0.26 0.13 -3.04
CA TYR A 35 0.67 -1.27 -3.29
C TYR A 35 -0.55 -2.18 -3.30
N ASN A 36 -0.74 -2.94 -4.33
CA ASN A 36 -1.93 -3.84 -4.40
C ASN A 36 -2.03 -4.64 -3.10
N ASN A 37 -1.21 -5.62 -2.93
CA ASN A 37 -1.27 -6.44 -1.68
C ASN A 37 -0.48 -5.72 -0.57
N PRO A 38 -0.91 -5.90 0.69
CA PRO A 38 -0.25 -5.26 1.84
C PRO A 38 1.19 -5.75 2.01
N CYS A 39 1.39 -7.03 2.07
CA CYS A 39 2.78 -7.55 2.21
C CYS A 39 3.58 -7.09 1.00
N MET A 40 2.92 -6.89 -0.11
CA MET A 40 3.63 -6.43 -1.33
C MET A 40 4.19 -5.03 -1.08
N LEU A 41 3.66 -4.33 -0.11
CA LEU A 41 4.17 -2.96 0.19
C LEU A 41 5.58 -3.08 0.75
N CYS A 42 5.77 -3.88 1.76
CA CYS A 42 7.13 -4.04 2.33
C CYS A 42 8.10 -4.35 1.19
N HIS A 43 7.61 -4.95 0.15
CA HIS A 43 8.49 -5.25 -1.01
C HIS A 43 9.07 -3.94 -1.53
N GLU A 44 8.24 -2.95 -1.70
CA GLU A 44 8.74 -1.64 -2.17
C GLU A 44 9.76 -1.10 -1.17
N ASN A 45 9.76 -1.64 0.01
CA ASN A 45 10.73 -1.17 1.04
C ASN A 45 12.10 -1.82 0.78
N LEU A 46 12.09 -3.05 0.32
CA LEU A 46 13.37 -3.74 0.02
C LEU A 46 14.03 -3.11 -1.20
N ILE A 47 13.24 -2.69 -2.15
CA ILE A 47 13.81 -2.06 -3.38
C ILE A 47 14.25 -0.63 -3.06
N ARG A 48 13.37 0.16 -2.53
CA ARG A 48 13.74 1.58 -2.20
C ARG A 48 14.51 1.62 -0.89
N GLN A 49 14.19 0.77 0.04
CA GLN A 49 14.91 0.77 1.34
C GLN A 49 14.69 2.12 2.05
N THR A 50 13.54 2.69 1.90
CA THR A 50 13.27 3.99 2.56
C THR A 50 12.35 3.79 3.77
N ASN A 51 12.09 2.55 4.12
CA ASN A 51 11.19 2.30 5.28
C ASN A 51 9.79 2.82 4.98
N THR A 52 9.25 2.48 3.84
CA THR A 52 7.88 2.95 3.49
C THR A 52 6.85 2.14 4.26
N HIS A 53 5.90 2.79 4.86
CA HIS A 53 4.86 2.06 5.63
C HIS A 53 3.50 2.25 4.98
N ILE A 54 2.45 1.76 5.58
CA ILE A 54 1.10 1.93 4.98
C ILE A 54 0.49 3.25 5.42
N ARG A 55 0.10 4.07 4.49
CA ARG A 55 -0.51 5.38 4.83
C ARG A 55 -1.97 5.19 5.21
N SER A 56 -2.72 4.58 4.34
CA SER A 56 -4.16 4.36 4.63
C SER A 56 -4.63 3.10 3.89
N THR A 57 -5.45 2.30 4.54
CA THR A 57 -5.93 1.06 3.87
C THR A 57 -6.58 1.42 2.53
N GLY A 58 -6.50 0.54 1.57
CA GLY A 58 -7.10 0.84 0.24
C GLY A 58 -6.07 1.55 -0.63
N LYS A 59 -6.32 1.64 -1.91
CA LYS A 59 -5.37 2.33 -2.81
C LYS A 59 -5.31 3.82 -2.46
N CYS A 60 -4.14 4.41 -2.56
CA CYS A 60 -4.02 5.86 -2.23
C CYS A 60 -5.18 6.62 -2.87
N GLU A 61 -5.61 6.21 -4.02
CA GLU A 61 -6.73 6.90 -4.70
C GLU A 61 -8.06 6.44 -4.10
N GLU A 62 -8.14 5.18 -3.74
CA GLU A 62 -9.40 4.66 -3.15
C GLU A 62 -9.73 5.49 -1.90
N SER A 63 -8.75 6.13 -1.33
CA SER A 63 -9.00 6.96 -0.11
C SER A 63 -9.91 8.13 -0.48
N SER A 64 -9.77 8.66 -1.67
CA SER A 64 -10.62 9.81 -2.07
C SER A 64 -11.46 9.42 -3.30
N THR A 65 -12.57 10.07 -3.50
CA THR A 65 -13.42 9.74 -4.68
C THR A 65 -13.90 8.29 -4.57
N PRO A 66 -14.82 8.03 -3.62
CA PRO A 66 -15.37 6.69 -3.41
C PRO A 66 -16.31 6.27 -4.55
N GLY A 67 -16.33 5.00 -4.88
CA GLY A 67 -17.21 4.54 -5.99
C GLY A 67 -18.63 4.33 -5.45
N THR A 68 -19.54 3.93 -6.29
CA THR A 68 -20.94 3.70 -5.84
C THR A 68 -21.35 2.27 -6.14
N THR A 69 -22.09 1.65 -5.26
CA THR A 69 -22.53 0.24 -5.50
C THR A 69 -23.55 0.22 -6.64
N ALA A 70 -24.17 1.33 -6.93
CA ALA A 70 -25.17 1.36 -8.03
C ALA A 70 -24.47 1.06 -9.36
N ALA A 71 -23.23 1.45 -9.49
CA ALA A 71 -22.50 1.19 -10.76
C ALA A 71 -22.40 -0.33 -10.98
N SER A 72 -22.46 -0.76 -12.21
CA SER A 72 -22.37 -2.22 -12.49
C SER A 72 -21.13 -2.80 -11.81
N MET A 73 -20.11 -2.00 -11.65
CA MET A 73 -18.87 -2.50 -10.99
C MET A 73 -18.47 -3.84 -11.61
N PRO A 74 -18.01 -3.82 -12.86
CA PRO A 74 -17.58 -5.04 -13.58
C PRO A 74 -16.28 -5.62 -13.00
N PRO A 75 -16.10 -6.93 -13.15
CA PRO A 75 -14.91 -7.62 -12.65
C PRO A 75 -13.65 -7.26 -13.45
N SER A 76 -12.51 -7.38 -12.86
CA SER A 76 -11.25 -7.02 -13.59
C SER A 76 -10.84 -8.20 -14.48
N ASP A 77 -11.47 -9.33 -14.33
CA ASP A 77 -11.11 -10.50 -15.16
C ASP A 77 -11.52 -10.23 -16.62
N GLU A 78 -12.57 -9.48 -16.82
CA GLU A 78 -13.02 -9.18 -18.21
C GLU A 78 -13.33 -10.49 -18.93
N ASP A 3 2.29 -2.90 8.53
CA ASP A 3 3.11 -1.66 8.55
C ASP A 3 4.59 -2.05 8.57
N SER A 4 5.46 -1.07 8.64
CA SER A 4 6.92 -1.38 8.66
C SER A 4 7.23 -2.33 9.81
N GLU A 5 6.53 -2.20 10.90
CA GLU A 5 6.78 -3.11 12.06
C GLU A 5 6.66 -4.56 11.60
N MET A 6 5.93 -4.79 10.55
CA MET A 6 5.78 -6.18 10.04
C MET A 6 7.08 -6.61 9.38
N CYS A 7 7.85 -5.66 8.92
CA CYS A 7 9.15 -6.01 8.25
C CYS A 7 10.20 -6.29 9.33
N LYS A 8 9.99 -5.80 10.52
CA LYS A 8 10.97 -6.04 11.61
C LYS A 8 10.76 -7.44 12.20
N ASP A 9 9.98 -8.26 11.56
CA ASP A 9 9.73 -9.63 12.11
C ASP A 9 9.89 -10.67 11.00
N TYR A 10 10.16 -10.26 9.80
CA TYR A 10 10.31 -11.26 8.70
C TYR A 10 11.76 -11.26 8.18
N ARG A 11 12.18 -12.34 7.58
CA ARG A 11 13.57 -12.40 7.06
C ARG A 11 13.55 -13.07 5.68
N VAL A 12 14.24 -12.49 4.72
CA VAL A 12 14.25 -13.09 3.36
C VAL A 12 15.67 -13.51 2.99
N LEU A 13 15.81 -14.61 2.30
CA LEU A 13 17.17 -15.08 1.90
C LEU A 13 17.19 -15.30 0.39
N PRO A 14 18.36 -15.64 -0.16
CA PRO A 14 18.52 -15.89 -1.60
C PRO A 14 17.77 -17.14 -2.05
N ARG A 15 17.50 -18.04 -1.14
CA ARG A 15 16.77 -19.28 -1.51
C ARG A 15 15.31 -19.18 -1.05
N ILE A 16 15.06 -18.45 0.00
CA ILE A 16 13.66 -18.31 0.50
C ILE A 16 12.92 -17.28 -0.35
N GLY A 17 13.50 -16.13 -0.54
CA GLY A 17 12.83 -15.08 -1.36
C GLY A 17 11.82 -14.33 -0.49
N TYR A 18 10.92 -13.61 -1.10
CA TYR A 18 9.90 -12.85 -0.30
C TYR A 18 8.65 -13.71 -0.13
N LEU A 19 7.93 -13.51 0.93
CA LEU A 19 6.70 -14.32 1.16
C LEU A 19 5.50 -13.39 1.43
N CYS A 20 4.53 -13.40 0.56
CA CYS A 20 3.33 -12.53 0.75
C CYS A 20 2.06 -13.38 0.60
N PRO A 21 0.95 -12.91 1.19
CA PRO A 21 -0.33 -13.62 1.12
C PRO A 21 -0.93 -13.57 -0.29
N LYS A 22 -1.94 -14.35 -0.55
CA LYS A 22 -2.56 -14.33 -1.90
C LYS A 22 -3.76 -13.38 -1.91
N ASP A 23 -4.12 -12.87 -0.76
CA ASP A 23 -5.28 -11.93 -0.70
C ASP A 23 -4.86 -10.57 -1.25
N LEU A 24 -5.46 -10.13 -2.32
CA LEU A 24 -5.08 -8.81 -2.90
C LEU A 24 -5.73 -7.69 -2.08
N LYS A 25 -4.93 -6.80 -1.56
CA LYS A 25 -5.49 -5.67 -0.75
C LYS A 25 -4.70 -4.39 -1.05
N PRO A 26 -5.28 -3.49 -1.85
CA PRO A 26 -4.62 -2.22 -2.22
C PRO A 26 -4.43 -1.30 -1.01
N VAL A 27 -3.21 -0.94 -0.73
CA VAL A 27 -2.96 -0.05 0.44
C VAL A 27 -2.36 1.28 -0.04
N CYS A 28 -2.53 2.32 0.73
CA CYS A 28 -1.98 3.65 0.33
C CYS A 28 -0.67 3.90 1.10
N GLY A 29 0.44 3.84 0.42
CA GLY A 29 1.74 4.06 1.10
C GLY A 29 1.80 5.48 1.67
N ASP A 30 2.31 5.64 2.87
CA ASP A 30 2.39 6.99 3.47
C ASP A 30 3.42 7.84 2.71
N ASP A 31 4.17 7.23 1.85
CA ASP A 31 5.18 8.00 1.06
C ASP A 31 4.51 8.64 -0.16
N GLY A 32 3.21 8.51 -0.26
CA GLY A 32 2.50 9.11 -1.42
C GLY A 32 2.41 8.08 -2.55
N GLN A 33 2.69 6.83 -2.24
CA GLN A 33 2.62 5.78 -3.29
C GLN A 33 1.56 4.75 -2.92
N THR A 34 1.10 3.99 -3.86
CA THR A 34 0.06 2.96 -3.56
C THR A 34 0.63 1.57 -3.84
N TYR A 35 0.50 0.66 -2.91
CA TYR A 35 1.03 -0.70 -3.15
C TYR A 35 -0.15 -1.68 -3.27
N ASN A 36 -0.26 -2.34 -4.39
CA ASN A 36 -1.38 -3.29 -4.59
C ASN A 36 -1.53 -4.19 -3.36
N ASN A 37 -0.73 -5.21 -3.25
CA ASN A 37 -0.83 -6.12 -2.07
C ASN A 37 -0.11 -5.50 -0.86
N PRO A 38 -0.59 -5.80 0.35
CA PRO A 38 0.00 -5.27 1.60
C PRO A 38 1.44 -5.77 1.79
N CYS A 39 1.65 -7.05 1.78
CA CYS A 39 3.04 -7.57 1.95
C CYS A 39 3.88 -7.05 0.79
N MET A 40 3.27 -6.83 -0.34
CA MET A 40 4.02 -6.30 -1.51
C MET A 40 4.60 -4.94 -1.14
N LEU A 41 4.09 -4.34 -0.11
CA LEU A 41 4.61 -3.01 0.33
C LEU A 41 6.01 -3.20 0.87
N CYS A 42 6.17 -4.02 1.87
CA CYS A 42 7.52 -4.28 2.42
C CYS A 42 8.42 -4.78 1.29
N HIS A 43 7.82 -5.33 0.27
CA HIS A 43 8.61 -5.82 -0.89
C HIS A 43 9.16 -4.61 -1.65
N GLU A 44 8.28 -3.80 -2.19
CA GLU A 44 8.74 -2.61 -2.93
C GLU A 44 9.64 -1.79 -2.01
N ASN A 45 9.50 -1.98 -0.73
CA ASN A 45 10.34 -1.22 0.24
C ASN A 45 11.76 -1.80 0.20
N LEU A 46 11.87 -3.09 0.03
CA LEU A 46 13.22 -3.72 -0.02
C LEU A 46 13.98 -3.16 -1.22
N ILE A 47 13.31 -2.92 -2.31
CA ILE A 47 13.99 -2.37 -3.52
C ILE A 47 14.35 -0.90 -3.26
N ARG A 48 13.45 -0.16 -2.66
CA ARG A 48 13.75 1.27 -2.38
C ARG A 48 14.62 1.36 -1.12
N GLN A 49 14.59 0.35 -0.30
CA GLN A 49 15.40 0.38 0.95
C GLN A 49 14.95 1.53 1.84
N THR A 50 13.66 1.69 2.00
CA THR A 50 13.14 2.78 2.86
C THR A 50 12.15 2.21 3.89
N ASN A 51 11.76 2.99 4.84
CA ASN A 51 10.79 2.48 5.87
C ASN A 51 9.40 3.03 5.57
N THR A 52 8.83 2.64 4.46
CA THR A 52 7.48 3.13 4.10
C THR A 52 6.43 2.42 4.96
N HIS A 53 5.36 3.10 5.29
CA HIS A 53 4.30 2.47 6.12
C HIS A 53 2.98 2.52 5.37
N ILE A 54 1.91 2.13 6.01
CA ILE A 54 0.58 2.17 5.32
C ILE A 54 -0.15 3.46 5.67
N ARG A 55 -0.53 4.22 4.69
CA ARG A 55 -1.24 5.49 4.94
C ARG A 55 -2.71 5.20 5.22
N SER A 56 -3.37 4.54 4.31
CA SER A 56 -4.81 4.22 4.50
C SER A 56 -5.14 2.96 3.70
N THR A 57 -5.94 2.10 4.25
CA THR A 57 -6.29 0.85 3.51
C THR A 57 -6.93 1.22 2.16
N GLY A 58 -6.73 0.41 1.17
CA GLY A 58 -7.31 0.72 -0.16
C GLY A 58 -6.39 1.69 -0.91
N LYS A 59 -6.53 1.76 -2.20
CA LYS A 59 -5.67 2.69 -2.99
C LYS A 59 -6.03 4.14 -2.65
N CYS A 60 -5.04 4.95 -2.37
CA CYS A 60 -5.33 6.38 -2.04
C CYS A 60 -6.15 7.01 -3.16
N GLU A 61 -5.93 6.61 -4.38
CA GLU A 61 -6.69 7.18 -5.51
C GLU A 61 -8.04 6.48 -5.63
N GLU A 62 -8.18 5.34 -4.99
CA GLU A 62 -9.48 4.61 -5.05
C GLU A 62 -10.52 5.34 -4.20
N SER A 63 -10.09 6.00 -3.17
CA SER A 63 -11.05 6.74 -2.30
C SER A 63 -11.73 7.84 -3.11
N SER A 64 -11.05 8.39 -4.08
CA SER A 64 -11.65 9.47 -4.90
C SER A 64 -11.79 9.00 -6.34
N THR A 65 -12.81 9.43 -7.03
CA THR A 65 -12.99 9.00 -8.45
C THR A 65 -11.91 9.65 -9.32
N PRO A 66 -11.66 9.07 -10.50
CA PRO A 66 -10.66 9.58 -11.44
C PRO A 66 -11.08 10.92 -12.06
N GLY A 67 -12.34 11.23 -11.98
CA GLY A 67 -12.81 12.52 -12.57
C GLY A 67 -13.97 13.06 -11.73
N THR A 68 -14.40 14.27 -12.01
CA THR A 68 -15.53 14.85 -11.23
C THR A 68 -16.67 15.21 -12.19
N THR A 69 -17.88 15.31 -11.68
CA THR A 69 -19.02 15.66 -12.57
C THR A 69 -18.84 17.09 -13.08
N ALA A 70 -18.17 17.92 -12.33
CA ALA A 70 -17.96 19.33 -12.78
C ALA A 70 -17.09 19.35 -14.04
N ALA A 71 -16.13 18.47 -14.11
CA ALA A 71 -15.26 18.43 -15.32
C ALA A 71 -14.85 19.86 -15.70
N SER A 72 -14.59 20.09 -16.96
CA SER A 72 -14.20 21.46 -17.39
C SER A 72 -15.25 22.47 -16.94
N MET A 73 -16.49 22.06 -16.87
CA MET A 73 -17.56 22.99 -16.43
C MET A 73 -17.23 23.54 -15.05
N PRO A 74 -17.55 24.83 -14.81
CA PRO A 74 -17.29 25.48 -13.52
C PRO A 74 -18.19 24.94 -12.41
N PRO A 75 -17.73 25.03 -11.15
CA PRO A 75 -18.48 24.54 -10.00
C PRO A 75 -19.70 25.43 -9.70
N SER A 76 -20.67 24.90 -9.01
CA SER A 76 -21.88 25.72 -8.69
C SER A 76 -21.60 26.58 -7.45
N ASP A 77 -20.51 26.35 -6.79
CA ASP A 77 -20.19 27.17 -5.58
C ASP A 77 -19.76 28.56 -6.01
N GLU A 78 -19.43 28.74 -7.27
CA GLU A 78 -19.00 30.09 -7.74
C GLU A 78 -20.01 30.61 -8.76
N ASP A 3 2.51 -3.59 8.11
CA ASP A 3 3.31 -2.33 7.97
C ASP A 3 4.78 -2.63 8.23
N SER A 4 5.61 -1.62 8.25
CA SER A 4 7.06 -1.85 8.48
C SER A 4 7.25 -2.79 9.67
N GLU A 5 6.32 -2.79 10.59
CA GLU A 5 6.44 -3.71 11.76
C GLU A 5 6.69 -5.13 11.25
N MET A 6 6.25 -5.43 10.07
CA MET A 6 6.48 -6.79 9.51
C MET A 6 7.90 -6.90 8.98
N CYS A 7 8.52 -5.78 8.70
CA CYS A 7 9.91 -5.81 8.18
C CYS A 7 10.89 -5.70 9.34
N LYS A 8 10.42 -5.37 10.50
CA LYS A 8 11.33 -5.24 11.68
C LYS A 8 12.06 -6.56 11.91
N ASP A 9 11.49 -7.65 11.47
CA ASP A 9 12.17 -8.96 11.67
C ASP A 9 11.74 -9.94 10.57
N TYR A 10 12.07 -9.65 9.35
CA TYR A 10 11.68 -10.57 8.23
C TYR A 10 12.94 -10.94 7.43
N ARG A 11 12.83 -11.91 6.56
CA ARG A 11 14.01 -12.32 5.75
C ARG A 11 13.57 -12.67 4.34
N VAL A 12 14.38 -12.40 3.36
CA VAL A 12 14.00 -12.72 1.95
C VAL A 12 15.23 -13.26 1.21
N LEU A 13 15.07 -14.32 0.47
CA LEU A 13 16.21 -14.89 -0.29
C LEU A 13 15.86 -14.96 -1.77
N PRO A 14 16.82 -15.37 -2.61
CA PRO A 14 16.61 -15.48 -4.05
C PRO A 14 15.61 -16.59 -4.40
N ARG A 15 15.51 -17.59 -3.55
CA ARG A 15 14.56 -18.70 -3.81
C ARG A 15 13.34 -18.53 -2.90
N ILE A 16 13.53 -17.96 -1.74
CA ILE A 16 12.39 -17.77 -0.80
C ILE A 16 11.61 -16.51 -1.20
N GLY A 17 12.29 -15.47 -1.58
CA GLY A 17 11.58 -14.21 -1.98
C GLY A 17 10.83 -13.65 -0.77
N TYR A 18 9.70 -13.04 -1.00
CA TYR A 18 8.93 -12.46 0.13
C TYR A 18 7.71 -13.34 0.43
N LEU A 19 7.26 -13.37 1.65
CA LEU A 19 6.08 -14.21 1.99
C LEU A 19 4.84 -13.32 2.16
N CYS A 20 3.92 -13.39 1.24
CA CYS A 20 2.69 -12.55 1.35
C CYS A 20 1.45 -13.43 1.19
N PRO A 21 0.31 -12.97 1.72
CA PRO A 21 -0.95 -13.72 1.64
C PRO A 21 -1.52 -13.69 0.22
N LYS A 22 -2.57 -14.44 -0.03
CA LYS A 22 -3.17 -14.46 -1.39
C LYS A 22 -4.23 -13.36 -1.49
N ASP A 23 -4.67 -12.84 -0.38
CA ASP A 23 -5.70 -11.77 -0.40
C ASP A 23 -5.06 -10.46 -0.89
N LEU A 24 -5.40 -10.05 -2.09
CA LEU A 24 -4.81 -8.78 -2.61
C LEU A 24 -5.54 -7.59 -1.97
N LYS A 25 -4.87 -6.87 -1.11
CA LYS A 25 -5.52 -5.70 -0.45
C LYS A 25 -4.72 -4.44 -0.78
N PRO A 26 -5.27 -3.57 -1.66
CA PRO A 26 -4.62 -2.33 -2.07
C PRO A 26 -4.43 -1.35 -0.92
N VAL A 27 -3.21 -0.98 -0.63
CA VAL A 27 -2.96 -0.03 0.49
C VAL A 27 -2.38 1.28 -0.06
N CYS A 28 -2.56 2.36 0.65
CA CYS A 28 -2.01 3.66 0.18
C CYS A 28 -0.67 3.93 0.89
N GLY A 29 0.40 3.97 0.15
CA GLY A 29 1.72 4.24 0.79
C GLY A 29 1.79 5.70 1.25
N ASP A 30 2.34 5.93 2.41
CA ASP A 30 2.44 7.33 2.91
C ASP A 30 3.48 8.11 2.10
N ASP A 31 4.21 7.43 1.26
CA ASP A 31 5.23 8.13 0.43
C ASP A 31 4.56 8.66 -0.84
N GLY A 32 3.26 8.59 -0.91
CA GLY A 32 2.56 9.08 -2.13
C GLY A 32 2.45 7.95 -3.15
N GLN A 33 2.77 6.75 -2.75
CA GLN A 33 2.68 5.60 -3.70
C GLN A 33 1.68 4.57 -3.17
N THR A 34 1.13 3.78 -4.03
CA THR A 34 0.13 2.75 -3.58
C THR A 34 0.68 1.36 -3.86
N TYR A 35 0.28 0.39 -3.09
CA TYR A 35 0.78 -1.00 -3.31
C TYR A 35 -0.41 -1.96 -3.35
N ASN A 36 -0.46 -2.80 -4.34
CA ASN A 36 -1.60 -3.75 -4.44
C ASN A 36 -1.74 -4.53 -3.13
N ASN A 37 -0.93 -5.53 -2.92
CA ASN A 37 -1.03 -6.31 -1.66
C ASN A 37 -0.27 -5.59 -0.54
N PRO A 38 -0.78 -5.68 0.70
CA PRO A 38 -0.15 -5.05 1.86
C PRO A 38 1.24 -5.63 2.12
N CYS A 39 1.35 -6.94 2.21
CA CYS A 39 2.69 -7.55 2.44
C CYS A 39 3.59 -7.15 1.26
N MET A 40 3.00 -6.94 0.12
CA MET A 40 3.80 -6.53 -1.06
C MET A 40 4.38 -5.13 -0.82
N LEU A 41 3.91 -4.47 0.20
CA LEU A 41 4.43 -3.11 0.50
C LEU A 41 5.88 -3.22 0.97
N CYS A 42 6.12 -4.00 1.99
CA CYS A 42 7.52 -4.17 2.47
C CYS A 42 8.38 -4.61 1.29
N HIS A 43 7.80 -5.30 0.35
CA HIS A 43 8.57 -5.75 -0.84
C HIS A 43 9.11 -4.52 -1.56
N GLU A 44 8.23 -3.67 -2.02
CA GLU A 44 8.69 -2.44 -2.72
C GLU A 44 9.57 -1.65 -1.76
N ASN A 45 9.41 -1.88 -0.48
CA ASN A 45 10.24 -1.16 0.52
C ASN A 45 11.63 -1.77 0.55
N LEU A 46 11.75 -3.00 0.11
CA LEU A 46 13.08 -3.66 0.09
C LEU A 46 13.92 -3.05 -1.03
N ILE A 47 13.29 -2.73 -2.13
CA ILE A 47 14.03 -2.13 -3.27
C ILE A 47 14.33 -0.66 -2.95
N ARG A 48 13.37 0.04 -2.40
CA ARG A 48 13.59 1.47 -2.06
C ARG A 48 14.30 1.58 -0.72
N GLN A 49 13.93 0.76 0.22
CA GLN A 49 14.57 0.81 1.56
C GLN A 49 14.29 2.16 2.22
N THR A 50 13.07 2.63 2.13
CA THR A 50 12.73 3.93 2.75
C THR A 50 11.75 3.71 3.91
N ASN A 51 11.68 2.50 4.41
CA ASN A 51 10.76 2.22 5.54
C ASN A 51 9.40 2.87 5.26
N THR A 52 8.77 2.52 4.17
CA THR A 52 7.45 3.11 3.85
C THR A 52 6.37 2.50 4.74
N HIS A 53 5.39 3.27 5.12
CA HIS A 53 4.31 2.74 5.99
C HIS A 53 2.98 2.86 5.23
N ILE A 54 1.93 2.29 5.77
CA ILE A 54 0.62 2.37 5.08
C ILE A 54 -0.06 3.69 5.45
N ARG A 55 -0.43 4.45 4.46
CA ARG A 55 -1.10 5.75 4.72
C ARG A 55 -2.57 5.51 5.01
N SER A 56 -3.23 4.79 4.14
CA SER A 56 -4.67 4.50 4.34
C SER A 56 -5.01 3.17 3.65
N THR A 57 -6.02 2.49 4.12
CA THR A 57 -6.38 1.19 3.50
C THR A 57 -7.01 1.45 2.12
N GLY A 58 -6.62 0.67 1.14
CA GLY A 58 -7.18 0.87 -0.23
C GLY A 58 -6.23 1.73 -1.05
N LYS A 59 -6.40 1.72 -2.34
CA LYS A 59 -5.50 2.54 -3.21
C LYS A 59 -5.44 3.98 -2.67
N CYS A 60 -4.36 4.67 -2.92
CA CYS A 60 -4.25 6.07 -2.42
C CYS A 60 -5.40 6.90 -2.96
N GLU A 61 -5.91 6.55 -4.11
CA GLU A 61 -7.05 7.33 -4.69
C GLU A 61 -8.37 6.73 -4.19
N GLU A 62 -8.36 5.48 -3.84
CA GLU A 62 -9.62 4.83 -3.34
C GLU A 62 -10.09 5.55 -2.07
N SER A 63 -9.17 6.10 -1.31
CA SER A 63 -9.57 6.82 -0.06
C SER A 63 -10.36 8.08 -0.42
N SER A 64 -10.18 8.58 -1.61
CA SER A 64 -10.93 9.81 -2.02
C SER A 64 -11.68 9.54 -3.33
N THR A 65 -12.89 10.03 -3.43
CA THR A 65 -13.68 9.80 -4.67
C THR A 65 -13.97 11.14 -5.35
N PRO A 66 -13.09 11.54 -6.29
CA PRO A 66 -13.25 12.80 -7.03
C PRO A 66 -14.42 12.75 -8.02
N GLY A 67 -14.87 11.57 -8.34
CA GLY A 67 -16.01 11.45 -9.31
C GLY A 67 -17.18 12.31 -8.82
N THR A 68 -17.30 12.50 -7.54
CA THR A 68 -18.42 13.32 -7.01
C THR A 68 -17.86 14.43 -6.10
N THR A 69 -18.40 15.62 -6.21
CA THR A 69 -17.89 16.73 -5.36
C THR A 69 -18.34 16.50 -3.91
N ALA A 70 -19.37 15.73 -3.71
CA ALA A 70 -19.83 15.46 -2.32
C ALA A 70 -18.74 14.76 -1.53
N ALA A 71 -17.90 14.02 -2.20
CA ALA A 71 -16.80 13.30 -1.49
C ALA A 71 -15.80 14.33 -0.94
N SER A 72 -15.70 15.47 -1.57
CA SER A 72 -14.74 16.50 -1.10
C SER A 72 -15.09 16.89 0.34
N MET A 73 -16.34 16.79 0.71
CA MET A 73 -16.74 17.15 2.09
C MET A 73 -17.59 16.03 2.68
N PRO A 74 -16.93 14.95 3.13
CA PRO A 74 -17.62 13.79 3.73
C PRO A 74 -18.21 14.12 5.10
N PRO A 75 -19.14 13.28 5.59
CA PRO A 75 -19.79 13.48 6.89
C PRO A 75 -18.82 13.21 8.04
N SER A 76 -19.17 13.65 9.23
CA SER A 76 -18.27 13.42 10.40
C SER A 76 -18.55 12.05 11.01
N ASP A 77 -19.55 11.37 10.52
CA ASP A 77 -19.87 10.02 11.07
C ASP A 77 -18.83 9.00 10.58
N GLU A 78 -18.24 9.25 9.45
CA GLU A 78 -17.22 8.30 8.92
C GLU A 78 -16.31 9.03 7.93
N ASP A 3 1.40 -5.45 9.66
CA ASP A 3 1.58 -4.15 8.94
C ASP A 3 3.06 -3.90 8.68
N SER A 4 3.38 -2.91 7.89
CA SER A 4 4.80 -2.62 7.60
C SER A 4 5.62 -2.72 8.89
N GLU A 5 5.01 -2.42 10.01
CA GLU A 5 5.74 -2.49 11.30
C GLU A 5 6.45 -3.85 11.39
N MET A 6 5.90 -4.84 10.73
CA MET A 6 6.54 -6.18 10.76
C MET A 6 7.74 -6.18 9.81
N CYS A 7 7.64 -5.43 8.73
CA CYS A 7 8.76 -5.37 7.76
C CYS A 7 9.76 -4.30 8.24
N LYS A 8 9.54 -3.74 9.39
CA LYS A 8 10.48 -2.70 9.90
C LYS A 8 11.84 -3.33 10.18
N ASP A 9 11.87 -4.59 10.50
CA ASP A 9 13.17 -5.26 10.79
C ASP A 9 13.13 -6.72 10.33
N TYR A 10 13.02 -6.94 9.04
CA TYR A 10 13.00 -8.35 8.54
C TYR A 10 14.09 -8.52 7.47
N ARG A 11 14.18 -9.68 6.89
CA ARG A 11 15.22 -9.90 5.84
C ARG A 11 14.73 -10.93 4.83
N VAL A 12 15.07 -10.75 3.58
CA VAL A 12 14.62 -11.72 2.55
C VAL A 12 15.82 -12.19 1.72
N LEU A 13 15.98 -13.47 1.55
CA LEU A 13 17.13 -13.98 0.76
C LEU A 13 16.63 -14.58 -0.55
N PRO A 14 17.55 -15.01 -1.43
CA PRO A 14 17.20 -15.60 -2.72
C PRO A 14 16.54 -16.97 -2.55
N ARG A 15 16.78 -17.62 -1.45
CA ARG A 15 16.15 -18.95 -1.22
C ARG A 15 14.86 -18.77 -0.41
N ILE A 16 14.83 -17.78 0.44
CA ILE A 16 13.61 -17.54 1.26
C ILE A 16 12.63 -16.67 0.46
N GLY A 17 13.10 -15.62 -0.14
CA GLY A 17 12.19 -14.74 -0.93
C GLY A 17 11.26 -13.98 0.02
N TYR A 18 10.22 -13.40 -0.51
CA TYR A 18 9.27 -12.66 0.37
C TYR A 18 8.01 -13.48 0.59
N LEU A 19 7.41 -13.38 1.73
CA LEU A 19 6.16 -14.16 2.00
C LEU A 19 4.98 -13.21 2.12
N CYS A 20 3.96 -13.42 1.35
CA CYS A 20 2.77 -12.53 1.42
C CYS A 20 1.51 -13.38 1.24
N PRO A 21 0.37 -12.91 1.75
CA PRO A 21 -0.90 -13.63 1.63
C PRO A 21 -1.41 -13.60 0.19
N LYS A 22 -2.36 -14.45 -0.12
CA LYS A 22 -2.90 -14.47 -1.50
C LYS A 22 -3.96 -13.38 -1.66
N ASP A 23 -4.60 -13.01 -0.58
CA ASP A 23 -5.64 -11.95 -0.66
C ASP A 23 -5.00 -10.63 -1.12
N LEU A 24 -5.49 -10.05 -2.17
CA LEU A 24 -4.91 -8.77 -2.66
C LEU A 24 -5.56 -7.60 -1.91
N LYS A 25 -4.85 -6.99 -1.01
CA LYS A 25 -5.44 -5.84 -0.25
C LYS A 25 -4.67 -4.57 -0.59
N PRO A 26 -5.30 -3.67 -1.38
CA PRO A 26 -4.69 -2.39 -1.79
C PRO A 26 -4.41 -1.48 -0.60
N VAL A 27 -3.17 -1.17 -0.37
CA VAL A 27 -2.83 -0.28 0.77
C VAL A 27 -2.22 1.02 0.24
N CYS A 28 -2.33 2.08 0.99
CA CYS A 28 -1.74 3.36 0.53
C CYS A 28 -0.35 3.50 1.14
N GLY A 29 0.59 4.05 0.42
CA GLY A 29 1.97 4.17 0.97
C GLY A 29 2.17 5.56 1.57
N ASP A 30 2.87 5.66 2.67
CA ASP A 30 3.11 6.98 3.30
C ASP A 30 4.02 7.82 2.39
N ASP A 31 4.56 7.23 1.37
CA ASP A 31 5.46 7.98 0.45
C ASP A 31 4.65 8.48 -0.75
N GLY A 32 3.35 8.37 -0.69
CA GLY A 32 2.51 8.84 -1.82
C GLY A 32 2.39 7.72 -2.87
N GLN A 33 2.78 6.54 -2.52
CA GLN A 33 2.70 5.39 -3.48
C GLN A 33 1.72 4.35 -2.95
N THR A 34 1.03 3.67 -3.82
CA THR A 34 0.06 2.63 -3.36
C THR A 34 0.56 1.24 -3.76
N TYR A 35 0.19 0.24 -3.01
CA TYR A 35 0.65 -1.15 -3.34
C TYR A 35 -0.57 -2.07 -3.37
N ASN A 36 -0.68 -2.90 -4.38
CA ASN A 36 -1.85 -3.82 -4.45
C ASN A 36 -1.94 -4.61 -3.15
N ASN A 37 -1.09 -5.58 -2.98
CA ASN A 37 -1.13 -6.39 -1.72
C ASN A 37 -0.37 -5.64 -0.61
N PRO A 38 -0.82 -5.77 0.64
CA PRO A 38 -0.19 -5.11 1.79
C PRO A 38 1.23 -5.63 2.01
N CYS A 39 1.40 -6.92 2.10
CA CYS A 39 2.77 -7.47 2.29
C CYS A 39 3.62 -7.07 1.08
N MET A 40 2.98 -6.89 -0.05
CA MET A 40 3.73 -6.49 -1.27
C MET A 40 4.31 -5.08 -1.07
N LEU A 41 3.75 -4.31 -0.18
CA LEU A 41 4.28 -2.95 0.06
C LEU A 41 5.69 -3.05 0.61
N CYS A 42 5.88 -3.83 1.64
CA CYS A 42 7.25 -3.98 2.21
C CYS A 42 8.19 -4.34 1.06
N HIS A 43 7.72 -5.06 0.10
CA HIS A 43 8.57 -5.43 -1.06
C HIS A 43 9.18 -4.15 -1.64
N GLU A 44 8.36 -3.15 -1.82
CA GLU A 44 8.88 -1.86 -2.37
C GLU A 44 9.91 -1.31 -1.40
N ASN A 45 9.91 -1.77 -0.18
CA ASN A 45 10.90 -1.26 0.81
C ASN A 45 12.25 -1.93 0.57
N LEU A 46 12.25 -3.16 0.15
CA LEU A 46 13.54 -3.87 -0.10
C LEU A 46 14.21 -3.27 -1.34
N ILE A 47 13.44 -2.85 -2.30
CA ILE A 47 14.05 -2.26 -3.54
C ILE A 47 14.48 -0.83 -3.28
N ARG A 48 13.59 -0.01 -2.76
CA ARG A 48 13.95 1.40 -2.49
C ARG A 48 14.68 1.50 -1.15
N GLN A 49 14.33 0.68 -0.20
CA GLN A 49 15.02 0.73 1.13
C GLN A 49 14.76 2.10 1.77
N THR A 50 13.58 2.64 1.59
CA THR A 50 13.28 3.97 2.20
C THR A 50 12.40 3.78 3.44
N ASN A 51 12.13 2.56 3.80
CA ASN A 51 11.29 2.31 5.01
C ASN A 51 9.87 2.84 4.75
N THR A 52 9.30 2.51 3.62
CA THR A 52 7.92 2.99 3.32
C THR A 52 6.91 2.12 4.04
N HIS A 53 5.97 2.73 4.71
CA HIS A 53 4.93 1.93 5.43
C HIS A 53 3.57 2.17 4.79
N ILE A 54 2.52 1.68 5.40
CA ILE A 54 1.17 1.89 4.84
C ILE A 54 0.58 3.20 5.36
N ARG A 55 0.14 4.05 4.48
CA ARG A 55 -0.45 5.35 4.93
C ARG A 55 -1.90 5.12 5.34
N SER A 56 -2.62 4.37 4.56
CA SER A 56 -4.05 4.11 4.88
C SER A 56 -4.52 2.86 4.14
N THR A 57 -5.40 2.09 4.73
CA THR A 57 -5.89 0.87 4.05
C THR A 57 -6.59 1.25 2.74
N GLY A 58 -6.45 0.44 1.73
CA GLY A 58 -7.10 0.76 0.42
C GLY A 58 -6.18 1.65 -0.41
N LYS A 59 -6.42 1.72 -1.69
CA LYS A 59 -5.58 2.57 -2.57
C LYS A 59 -5.51 3.99 -2.01
N CYS A 60 -4.46 4.69 -2.29
CA CYS A 60 -4.33 6.09 -1.77
C CYS A 60 -5.50 6.93 -2.27
N GLU A 61 -6.10 6.53 -3.36
CA GLU A 61 -7.24 7.32 -3.91
C GLU A 61 -8.51 6.99 -3.12
N GLU A 62 -8.54 5.87 -2.47
CA GLU A 62 -9.75 5.50 -1.67
C GLU A 62 -9.81 6.36 -0.41
N SER A 63 -8.67 6.70 0.13
CA SER A 63 -8.65 7.53 1.37
C SER A 63 -9.08 8.95 1.04
N SER A 64 -9.24 9.26 -0.23
CA SER A 64 -9.66 10.63 -0.61
C SER A 64 -11.19 10.74 -0.53
N THR A 65 -11.71 11.92 -0.72
CA THR A 65 -13.20 12.09 -0.65
C THR A 65 -13.69 12.70 -1.97
N PRO A 66 -15.00 12.55 -2.25
CA PRO A 66 -15.60 13.08 -3.48
C PRO A 66 -15.65 14.60 -3.48
N GLY A 67 -15.20 15.22 -4.54
CA GLY A 67 -15.22 16.70 -4.61
C GLY A 67 -16.65 17.19 -4.84
N THR A 68 -16.82 18.44 -5.19
CA THR A 68 -18.19 18.97 -5.44
C THR A 68 -18.74 18.36 -6.73
N THR A 69 -17.88 18.07 -7.67
CA THR A 69 -18.36 17.47 -8.95
C THR A 69 -18.95 16.09 -8.68
N ALA A 70 -18.45 15.41 -7.68
CA ALA A 70 -18.98 14.06 -7.36
C ALA A 70 -20.32 14.19 -6.64
N ALA A 71 -20.51 15.26 -5.91
CA ALA A 71 -21.80 15.46 -5.18
C ALA A 71 -22.92 15.69 -6.20
N SER A 72 -24.09 15.19 -5.93
CA SER A 72 -25.22 15.38 -6.87
C SER A 72 -25.46 16.88 -7.09
N MET A 73 -25.14 17.69 -6.11
CA MET A 73 -25.34 19.15 -6.27
C MET A 73 -24.51 19.67 -7.44
N PRO A 74 -25.01 20.69 -8.14
CA PRO A 74 -24.32 21.29 -9.29
C PRO A 74 -23.07 22.05 -8.87
N PRO A 75 -22.22 22.40 -9.85
CA PRO A 75 -20.98 23.15 -9.59
C PRO A 75 -21.26 24.60 -9.18
N SER A 76 -20.33 25.22 -8.52
CA SER A 76 -20.54 26.64 -8.09
C SER A 76 -19.29 27.46 -8.40
N ASP A 77 -19.46 28.69 -8.77
CA ASP A 77 -18.28 29.55 -9.08
C ASP A 77 -17.35 29.61 -7.86
N GLU A 78 -17.91 29.60 -6.68
CA GLU A 78 -17.06 29.66 -5.46
C GLU A 78 -17.96 29.65 -4.21
N ASP A 3 2.38 -2.84 8.25
CA ASP A 3 3.25 -1.62 8.26
C ASP A 3 4.71 -2.05 8.32
N SER A 4 5.62 -1.11 8.44
CA SER A 4 7.06 -1.47 8.51
C SER A 4 7.31 -2.33 9.75
N GLU A 5 6.55 -2.12 10.79
CA GLU A 5 6.74 -2.94 12.03
C GLU A 5 6.68 -4.42 11.66
N MET A 6 5.99 -4.74 10.59
CA MET A 6 5.90 -6.16 10.18
C MET A 6 7.21 -6.56 9.52
N CYS A 7 7.93 -5.62 8.97
CA CYS A 7 9.22 -5.94 8.31
C CYS A 7 10.31 -6.05 9.37
N LYS A 8 10.05 -5.57 10.56
CA LYS A 8 11.07 -5.65 11.64
C LYS A 8 11.07 -7.05 12.24
N ASP A 9 10.30 -7.96 11.70
CA ASP A 9 10.26 -9.33 12.27
C ASP A 9 10.31 -10.39 11.16
N TYR A 10 10.64 -9.99 9.96
CA TYR A 10 10.70 -10.98 8.85
C TYR A 10 12.10 -10.94 8.20
N ARG A 11 12.55 -12.05 7.67
CA ARG A 11 13.88 -12.09 7.03
C ARG A 11 13.76 -12.73 5.65
N VAL A 12 14.34 -12.11 4.64
CA VAL A 12 14.26 -12.69 3.27
C VAL A 12 15.67 -12.92 2.71
N LEU A 13 15.84 -13.94 1.91
CA LEU A 13 17.18 -14.22 1.34
C LEU A 13 17.05 -14.38 -0.18
N PRO A 14 18.18 -14.57 -0.88
CA PRO A 14 18.19 -14.73 -2.33
C PRO A 14 17.52 -16.05 -2.76
N ARG A 15 17.44 -16.99 -1.87
CA ARG A 15 16.79 -18.29 -2.22
C ARG A 15 15.38 -18.33 -1.65
N ILE A 16 15.16 -17.65 -0.55
CA ILE A 16 13.79 -17.66 0.07
C ILE A 16 12.90 -16.63 -0.64
N GLY A 17 13.39 -15.45 -0.84
CA GLY A 17 12.57 -14.41 -1.52
C GLY A 17 11.54 -13.85 -0.54
N TYR A 18 10.57 -13.12 -1.01
CA TYR A 18 9.54 -12.55 -0.10
C TYR A 18 8.31 -13.47 -0.06
N LEU A 19 7.62 -13.49 1.03
CA LEU A 19 6.41 -14.35 1.13
C LEU A 19 5.17 -13.48 1.34
N CYS A 20 4.36 -13.33 0.33
CA CYS A 20 3.14 -12.49 0.47
C CYS A 20 1.91 -13.36 0.25
N PRO A 21 0.76 -12.93 0.77
CA PRO A 21 -0.51 -13.67 0.63
C PRO A 21 -1.06 -13.57 -0.79
N LYS A 22 -2.00 -14.40 -1.13
CA LYS A 22 -2.58 -14.36 -2.50
C LYS A 22 -3.74 -13.38 -2.54
N ASP A 23 -4.22 -12.96 -1.40
CA ASP A 23 -5.35 -12.00 -1.38
C ASP A 23 -4.85 -10.61 -1.79
N LEU A 24 -5.29 -10.12 -2.91
CA LEU A 24 -4.83 -8.78 -3.36
C LEU A 24 -5.55 -7.69 -2.56
N LYS A 25 -4.83 -6.97 -1.74
CA LYS A 25 -5.47 -5.90 -0.94
C LYS A 25 -4.70 -4.59 -1.17
N PRO A 26 -5.34 -3.63 -1.87
CA PRO A 26 -4.74 -2.33 -2.18
C PRO A 26 -4.47 -1.50 -0.94
N VAL A 27 -3.24 -1.09 -0.76
CA VAL A 27 -2.90 -0.26 0.44
C VAL A 27 -2.37 1.10 -0.02
N CYS A 28 -2.52 2.10 0.80
CA CYS A 28 -2.01 3.45 0.42
C CYS A 28 -0.66 3.66 1.11
N GLY A 29 0.29 4.24 0.44
CA GLY A 29 1.62 4.44 1.07
C GLY A 29 1.70 5.84 1.69
N ASP A 30 2.37 5.96 2.81
CA ASP A 30 2.50 7.29 3.47
C ASP A 30 3.38 8.21 2.61
N ASP A 31 4.09 7.65 1.66
CA ASP A 31 4.95 8.50 0.80
C ASP A 31 4.12 9.07 -0.36
N GLY A 32 2.84 8.84 -0.34
CA GLY A 32 1.98 9.38 -1.44
C GLY A 32 1.90 8.35 -2.57
N GLN A 33 2.26 7.12 -2.29
CA GLN A 33 2.21 6.07 -3.34
C GLN A 33 1.18 5.01 -2.97
N THR A 34 0.88 4.11 -3.86
CA THR A 34 -0.12 3.05 -3.55
C THR A 34 0.43 1.68 -3.97
N TYR A 35 0.27 0.69 -3.15
CA TYR A 35 0.78 -0.66 -3.51
C TYR A 35 -0.40 -1.63 -3.63
N ASN A 36 -0.44 -2.41 -4.68
CA ASN A 36 -1.57 -3.35 -4.85
C ASN A 36 -1.69 -4.26 -3.62
N ASN A 37 -0.85 -5.24 -3.49
CA ASN A 37 -0.93 -6.15 -2.32
C ASN A 37 -0.23 -5.51 -1.11
N PRO A 38 -0.73 -5.78 0.11
CA PRO A 38 -0.15 -5.23 1.33
C PRO A 38 1.27 -5.74 1.56
N CYS A 39 1.47 -7.03 1.54
CA CYS A 39 2.84 -7.56 1.73
C CYS A 39 3.72 -7.05 0.58
N MET A 40 3.12 -6.82 -0.55
CA MET A 40 3.90 -6.30 -1.71
C MET A 40 4.47 -4.92 -1.35
N LEU A 41 3.98 -4.33 -0.30
CA LEU A 41 4.49 -3.00 0.13
C LEU A 41 5.89 -3.18 0.73
N CYS A 42 5.98 -3.96 1.77
CA CYS A 42 7.31 -4.19 2.40
C CYS A 42 8.25 -4.70 1.31
N HIS A 43 7.71 -5.29 0.28
CA HIS A 43 8.56 -5.80 -0.83
C HIS A 43 9.16 -4.61 -1.57
N GLU A 44 8.34 -3.78 -2.16
CA GLU A 44 8.88 -2.61 -2.89
C GLU A 44 9.71 -1.78 -1.91
N ASN A 45 9.48 -1.97 -0.64
CA ASN A 45 10.26 -1.20 0.37
C ASN A 45 11.66 -1.79 0.48
N LEU A 46 11.80 -3.06 0.22
CA LEU A 46 13.14 -3.69 0.29
C LEU A 46 14.00 -3.17 -0.87
N ILE A 47 13.41 -3.01 -2.02
CA ILE A 47 14.18 -2.51 -3.20
C ILE A 47 14.50 -1.03 -3.00
N ARG A 48 13.54 -0.25 -2.60
CA ARG A 48 13.80 1.20 -2.38
C ARG A 48 14.48 1.39 -1.02
N GLN A 49 14.16 0.57 -0.06
CA GLN A 49 14.78 0.70 1.28
C GLN A 49 14.45 2.08 1.87
N THR A 50 13.24 2.53 1.68
CA THR A 50 12.85 3.86 2.23
C THR A 50 11.97 3.66 3.46
N ASN A 51 11.84 2.45 3.93
CA ASN A 51 11.00 2.19 5.13
C ASN A 51 9.63 2.84 4.94
N THR A 52 8.93 2.48 3.90
CA THR A 52 7.58 3.07 3.66
C THR A 52 6.55 2.38 4.54
N HIS A 53 5.53 3.09 4.95
CA HIS A 53 4.48 2.47 5.80
C HIS A 53 3.13 2.62 5.10
N ILE A 54 2.11 1.99 5.61
CA ILE A 54 0.77 2.11 4.96
C ILE A 54 0.08 3.39 5.44
N ARG A 55 -0.36 4.21 4.52
CA ARG A 55 -1.04 5.48 4.90
C ARG A 55 -2.49 5.18 5.25
N SER A 56 -3.15 4.41 4.44
CA SER A 56 -4.57 4.07 4.71
C SER A 56 -4.95 2.81 3.92
N THR A 57 -5.76 1.96 4.48
CA THR A 57 -6.15 0.73 3.75
C THR A 57 -6.73 1.12 2.39
N GLY A 58 -6.56 0.29 1.40
CA GLY A 58 -7.10 0.62 0.05
C GLY A 58 -6.11 1.52 -0.69
N LYS A 59 -6.30 1.72 -1.96
CA LYS A 59 -5.36 2.58 -2.73
C LYS A 59 -5.44 4.00 -2.19
N CYS A 60 -4.52 4.85 -2.57
CA CYS A 60 -4.55 6.25 -2.08
C CYS A 60 -5.65 7.01 -2.81
N GLU A 61 -6.13 6.47 -3.89
CA GLU A 61 -7.21 7.15 -4.66
C GLU A 61 -8.55 6.92 -3.97
N GLU A 62 -8.62 5.95 -3.10
CA GLU A 62 -9.91 5.68 -2.39
C GLU A 62 -10.14 6.78 -1.36
N SER A 63 -9.09 7.28 -0.77
CA SER A 63 -9.25 8.36 0.25
C SER A 63 -9.92 9.56 -0.41
N SER A 64 -9.91 9.63 -1.71
CA SER A 64 -10.55 10.77 -2.40
C SER A 64 -11.67 10.26 -3.32
N THR A 65 -12.67 11.06 -3.56
CA THR A 65 -13.78 10.62 -4.44
C THR A 65 -13.94 11.59 -5.60
N PRO A 66 -13.08 11.46 -6.63
CA PRO A 66 -13.12 12.32 -7.81
C PRO A 66 -14.35 12.04 -8.68
N GLY A 67 -14.87 13.06 -9.32
CA GLY A 67 -16.06 12.85 -10.18
C GLY A 67 -15.64 12.23 -11.51
N THR A 68 -16.58 11.85 -12.33
CA THR A 68 -16.24 11.24 -13.65
C THR A 68 -16.89 12.03 -14.77
N THR A 69 -16.44 11.85 -15.98
CA THR A 69 -17.03 12.59 -17.12
C THR A 69 -17.53 11.61 -18.18
N ALA A 70 -18.41 12.04 -19.05
CA ALA A 70 -18.94 11.12 -20.09
C ALA A 70 -17.78 10.64 -20.97
N ALA A 71 -16.79 11.47 -21.18
CA ALA A 71 -15.64 11.04 -22.02
C ALA A 71 -14.85 9.95 -21.31
N SER A 72 -14.92 9.91 -20.01
CA SER A 72 -14.18 8.87 -19.24
C SER A 72 -14.68 7.49 -19.65
N MET A 73 -15.91 7.39 -20.06
CA MET A 73 -16.46 6.06 -20.46
C MET A 73 -17.19 6.20 -21.80
N PRO A 74 -17.36 5.07 -22.51
CA PRO A 74 -18.04 5.05 -23.80
C PRO A 74 -19.55 5.28 -23.66
N PRO A 75 -20.16 5.91 -24.67
CA PRO A 75 -21.61 6.21 -24.67
C PRO A 75 -22.45 4.93 -24.80
N SER A 76 -21.81 3.80 -25.00
CA SER A 76 -22.59 2.54 -25.13
C SER A 76 -22.87 1.97 -23.73
N ASP A 77 -22.23 2.50 -22.73
CA ASP A 77 -22.46 1.99 -21.35
C ASP A 77 -23.90 2.32 -20.92
N GLU A 78 -24.45 3.39 -21.42
CA GLU A 78 -25.84 3.75 -21.05
C GLU A 78 -26.41 4.72 -22.09
N ASP A 3 1.37 -3.73 8.75
CA ASP A 3 2.03 -2.65 7.98
C ASP A 3 3.52 -2.95 7.85
N SER A 4 4.23 -2.20 7.06
CA SER A 4 5.70 -2.45 6.91
C SER A 4 6.33 -2.64 8.29
N GLU A 5 5.84 -1.94 9.27
CA GLU A 5 6.40 -2.09 10.65
C GLU A 5 6.43 -3.57 11.00
N MET A 6 5.58 -4.35 10.40
CA MET A 6 5.55 -5.81 10.69
C MET A 6 6.74 -6.49 10.00
N CYS A 7 7.15 -5.99 8.86
CA CYS A 7 8.30 -6.61 8.16
C CYS A 7 9.60 -6.14 8.80
N LYS A 8 9.52 -5.19 9.71
CA LYS A 8 10.77 -4.70 10.36
C LYS A 8 11.56 -5.92 10.85
N ASP A 9 10.89 -7.01 11.07
CA ASP A 9 11.58 -8.25 11.54
C ASP A 9 11.47 -9.29 10.43
N TYR A 10 11.33 -8.86 9.21
CA TYR A 10 11.21 -9.81 8.08
C TYR A 10 12.59 -10.34 7.68
N ARG A 11 12.63 -11.42 6.96
CA ARG A 11 13.94 -11.98 6.53
C ARG A 11 13.76 -12.67 5.17
N VAL A 12 14.40 -12.17 4.16
CA VAL A 12 14.27 -12.80 2.81
C VAL A 12 15.59 -13.44 2.41
N LEU A 13 15.54 -14.50 1.66
CA LEU A 13 16.79 -15.18 1.24
C LEU A 13 16.79 -15.39 -0.27
N PRO A 14 17.89 -15.93 -0.82
CA PRO A 14 18.00 -16.18 -2.26
C PRO A 14 17.05 -17.27 -2.73
N ARG A 15 16.62 -18.10 -1.84
CA ARG A 15 15.67 -19.19 -2.22
C ARG A 15 14.32 -18.95 -1.53
N ILE A 16 14.33 -18.33 -0.38
CA ILE A 16 13.06 -18.06 0.34
C ILE A 16 12.37 -16.85 -0.29
N GLY A 17 13.11 -15.82 -0.61
CA GLY A 17 12.50 -14.61 -1.23
C GLY A 17 11.54 -13.97 -0.22
N TYR A 18 10.52 -13.30 -0.70
CA TYR A 18 9.56 -12.67 0.23
C TYR A 18 8.28 -13.52 0.31
N LEU A 19 7.64 -13.53 1.44
CA LEU A 19 6.41 -14.34 1.59
C LEU A 19 5.20 -13.43 1.79
N CYS A 20 4.20 -13.56 0.96
CA CYS A 20 2.99 -12.70 1.09
C CYS A 20 1.75 -13.56 0.83
N PRO A 21 0.60 -13.13 1.37
CA PRO A 21 -0.67 -13.87 1.20
C PRO A 21 -1.20 -13.77 -0.24
N LYS A 22 -2.16 -14.58 -0.58
CA LYS A 22 -2.70 -14.53 -1.97
C LYS A 22 -3.83 -13.50 -2.05
N ASP A 23 -4.32 -13.06 -0.93
CA ASP A 23 -5.42 -12.05 -0.95
C ASP A 23 -4.85 -10.68 -1.34
N LEU A 24 -5.38 -10.10 -2.38
CA LEU A 24 -4.88 -8.77 -2.81
C LEU A 24 -5.48 -7.67 -1.93
N LYS A 25 -4.66 -6.95 -1.23
CA LYS A 25 -5.18 -5.86 -0.35
C LYS A 25 -4.45 -4.56 -0.66
N PRO A 26 -5.09 -3.68 -1.46
CA PRO A 26 -4.49 -2.39 -1.84
C PRO A 26 -4.28 -1.47 -0.66
N VAL A 27 -3.05 -1.11 -0.38
CA VAL A 27 -2.77 -0.22 0.77
C VAL A 27 -2.23 1.11 0.26
N CYS A 28 -2.38 2.16 1.02
CA CYS A 28 -1.85 3.48 0.59
C CYS A 28 -0.47 3.68 1.22
N GLY A 29 0.47 4.21 0.48
CA GLY A 29 1.83 4.43 1.04
C GLY A 29 1.92 5.83 1.63
N ASP A 30 2.50 5.96 2.79
CA ASP A 30 2.62 7.31 3.41
C ASP A 30 3.60 8.16 2.60
N ASP A 31 4.26 7.57 1.65
CA ASP A 31 5.23 8.35 0.82
C ASP A 31 4.50 8.94 -0.39
N GLY A 32 3.21 8.75 -0.47
CA GLY A 32 2.45 9.31 -1.63
C GLY A 32 2.30 8.22 -2.71
N GLN A 33 2.53 6.99 -2.36
CA GLN A 33 2.41 5.89 -3.36
C GLN A 33 1.37 4.88 -2.88
N THR A 34 1.16 3.83 -3.63
CA THR A 34 0.17 2.80 -3.23
C THR A 34 0.69 1.42 -3.62
N TYR A 35 0.52 0.44 -2.77
CA TYR A 35 1.00 -0.92 -3.10
C TYR A 35 -0.19 -1.88 -3.20
N ASN A 36 -0.23 -2.68 -4.22
CA ASN A 36 -1.36 -3.63 -4.38
C ASN A 36 -1.50 -4.48 -3.12
N ASN A 37 -0.69 -5.48 -2.95
CA ASN A 37 -0.80 -6.33 -1.75
C ASN A 37 -0.05 -5.67 -0.58
N PRO A 38 -0.55 -5.85 0.66
CA PRO A 38 0.08 -5.27 1.86
C PRO A 38 1.47 -5.84 2.10
N CYS A 39 1.60 -7.15 2.11
CA CYS A 39 2.94 -7.75 2.32
C CYS A 39 3.84 -7.31 1.16
N MET A 40 3.24 -7.01 0.05
CA MET A 40 4.02 -6.55 -1.13
C MET A 40 4.53 -5.13 -0.89
N LEU A 41 4.17 -4.55 0.23
CA LEU A 41 4.63 -3.16 0.54
C LEU A 41 6.10 -3.20 0.93
N CYS A 42 6.42 -3.91 1.98
CA CYS A 42 7.85 -3.98 2.39
C CYS A 42 8.67 -4.49 1.21
N HIS A 43 8.05 -5.23 0.33
CA HIS A 43 8.79 -5.75 -0.86
C HIS A 43 9.27 -4.56 -1.68
N GLU A 44 8.38 -3.71 -2.09
CA GLU A 44 8.81 -2.52 -2.89
C GLU A 44 9.67 -1.64 -2.00
N ASN A 45 9.57 -1.81 -0.71
CA ASN A 45 10.40 -0.99 0.21
C ASN A 45 11.81 -1.58 0.27
N LEU A 46 11.93 -2.88 0.08
CA LEU A 46 13.28 -3.51 0.12
C LEU A 46 14.11 -2.99 -1.05
N ILE A 47 13.48 -2.77 -2.18
CA ILE A 47 14.24 -2.26 -3.36
C ILE A 47 14.45 -0.75 -3.21
N ARG A 48 13.46 -0.05 -2.71
CA ARG A 48 13.61 1.42 -2.53
C ARG A 48 14.41 1.70 -1.26
N GLN A 49 14.26 0.88 -0.27
CA GLN A 49 15.00 1.10 1.00
C GLN A 49 14.58 2.43 1.62
N THR A 50 13.30 2.74 1.58
CA THR A 50 12.84 4.02 2.17
C THR A 50 11.94 3.74 3.38
N ASN A 51 11.90 2.51 3.82
CA ASN A 51 11.05 2.17 5.00
C ASN A 51 9.68 2.82 4.84
N THR A 52 8.97 2.51 3.78
CA THR A 52 7.63 3.11 3.57
C THR A 52 6.59 2.38 4.42
N HIS A 53 5.70 3.10 5.04
CA HIS A 53 4.66 2.44 5.87
C HIS A 53 3.30 2.61 5.19
N ILE A 54 2.28 1.96 5.69
CA ILE A 54 0.94 2.10 5.05
C ILE A 54 0.27 3.37 5.57
N ARG A 55 -0.15 4.22 4.67
CA ARG A 55 -0.83 5.48 5.08
C ARG A 55 -2.27 5.20 5.44
N SER A 56 -2.93 4.42 4.63
CA SER A 56 -4.36 4.09 4.89
C SER A 56 -4.71 2.80 4.15
N THR A 57 -5.71 2.10 4.60
CA THR A 57 -6.11 0.84 3.92
C THR A 57 -6.76 1.16 2.58
N GLY A 58 -6.46 0.40 1.56
CA GLY A 58 -7.06 0.66 0.22
C GLY A 58 -6.18 1.62 -0.55
N LYS A 59 -6.36 1.68 -1.84
CA LYS A 59 -5.53 2.58 -2.68
C LYS A 59 -5.55 3.99 -2.09
N CYS A 60 -4.49 4.73 -2.24
CA CYS A 60 -4.44 6.11 -1.69
C CYS A 60 -5.68 6.88 -2.16
N GLU A 61 -6.23 6.50 -3.28
CA GLU A 61 -7.43 7.21 -3.80
C GLU A 61 -8.69 6.62 -3.15
N GLU A 62 -8.59 5.42 -2.65
CA GLU A 62 -9.77 4.79 -2.00
C GLU A 62 -9.76 5.10 -0.50
N SER A 63 -10.75 5.82 -0.02
CA SER A 63 -10.79 6.16 1.43
C SER A 63 -12.16 5.80 2.00
N SER A 64 -12.19 5.28 3.20
CA SER A 64 -13.49 4.90 3.81
C SER A 64 -13.68 5.69 5.12
N THR A 65 -14.90 5.89 5.52
CA THR A 65 -15.16 6.64 6.78
C THR A 65 -16.00 5.78 7.73
N PRO A 66 -15.35 4.81 8.40
CA PRO A 66 -16.04 3.92 9.34
C PRO A 66 -16.46 4.65 10.61
N GLY A 67 -17.54 4.23 11.23
CA GLY A 67 -18.00 4.91 12.47
C GLY A 67 -17.16 4.43 13.65
N THR A 68 -17.47 4.87 14.83
CA THR A 68 -16.69 4.44 16.03
C THR A 68 -16.86 2.93 16.24
N THR A 69 -17.98 2.40 15.84
CA THR A 69 -18.20 0.93 16.01
C THR A 69 -18.75 0.34 14.70
N ALA A 70 -18.61 -0.94 14.51
CA ALA A 70 -19.12 -1.56 13.26
C ALA A 70 -20.62 -1.30 13.13
N ALA A 71 -21.31 -1.17 14.24
CA ALA A 71 -22.78 -0.91 14.18
C ALA A 71 -23.02 0.44 13.49
N SER A 72 -22.16 1.40 13.71
CA SER A 72 -22.35 2.72 13.08
C SER A 72 -22.52 2.55 11.56
N MET A 73 -21.85 1.59 10.99
CA MET A 73 -21.97 1.37 9.52
C MET A 73 -23.40 0.98 9.19
N PRO A 74 -23.83 1.25 7.94
CA PRO A 74 -25.19 0.92 7.48
C PRO A 74 -25.40 -0.58 7.33
N PRO A 75 -26.60 -1.05 7.67
CA PRO A 75 -26.94 -2.48 7.59
C PRO A 75 -27.07 -2.95 6.14
N SER A 76 -27.12 -4.24 5.92
CA SER A 76 -27.24 -4.76 4.53
C SER A 76 -28.72 -4.92 4.16
N ASP A 77 -29.59 -4.76 5.12
CA ASP A 77 -31.05 -4.92 4.83
C ASP A 77 -31.70 -3.53 4.78
N GLU A 78 -32.10 -3.11 3.61
CA GLU A 78 -32.75 -1.76 3.48
C GLU A 78 -33.79 -1.60 4.60
N ASP A 3 2.04 -2.28 9.00
CA ASP A 3 2.98 -1.13 8.95
C ASP A 3 4.42 -1.64 8.82
N SER A 4 5.38 -0.77 8.93
CA SER A 4 6.80 -1.20 8.81
C SER A 4 7.13 -2.20 9.91
N GLU A 5 6.42 -2.15 11.01
CA GLU A 5 6.69 -3.11 12.12
C GLU A 5 6.62 -4.54 11.57
N MET A 6 5.94 -4.72 10.48
CA MET A 6 5.84 -6.09 9.88
C MET A 6 7.18 -6.45 9.23
N CYS A 7 7.90 -5.48 8.76
CA CYS A 7 9.21 -5.76 8.11
C CYS A 7 10.27 -5.95 9.20
N LYS A 8 10.00 -5.49 10.38
CA LYS A 8 10.99 -5.64 11.49
C LYS A 8 10.87 -7.04 12.10
N ASP A 9 10.17 -7.93 11.46
CA ASP A 9 10.02 -9.31 12.01
C ASP A 9 10.19 -10.35 10.89
N TYR A 10 10.50 -9.91 9.70
CA TYR A 10 10.67 -10.89 8.58
C TYR A 10 12.08 -10.77 8.00
N ARG A 11 12.63 -11.85 7.54
CA ARG A 11 13.99 -11.81 6.95
C ARG A 11 13.99 -12.54 5.60
N VAL A 12 14.40 -11.88 4.56
CA VAL A 12 14.40 -12.54 3.23
C VAL A 12 15.84 -12.84 2.78
N LEU A 13 16.04 -13.97 2.16
CA LEU A 13 17.41 -14.33 1.68
C LEU A 13 17.33 -14.76 0.21
N PRO A 14 18.48 -15.05 -0.41
CA PRO A 14 18.53 -15.49 -1.81
C PRO A 14 17.88 -16.86 -2.01
N ARG A 15 17.80 -17.64 -0.97
CA ARG A 15 17.17 -18.99 -1.09
C ARG A 15 15.72 -18.92 -0.63
N ILE A 16 15.45 -18.12 0.37
CA ILE A 16 14.06 -18.00 0.88
C ILE A 16 13.26 -17.06 -0.03
N GLY A 17 13.77 -15.90 -0.31
CA GLY A 17 13.05 -14.95 -1.19
C GLY A 17 12.01 -14.19 -0.37
N TYR A 18 11.16 -13.43 -1.01
CA TYR A 18 10.12 -12.67 -0.28
C TYR A 18 8.88 -13.55 -0.07
N LEU A 19 8.14 -13.30 0.96
CA LEU A 19 6.92 -14.12 1.21
C LEU A 19 5.70 -13.21 1.43
N CYS A 20 4.73 -13.31 0.57
CA CYS A 20 3.51 -12.46 0.72
C CYS A 20 2.27 -13.34 0.53
N PRO A 21 1.13 -12.91 1.09
CA PRO A 21 -0.13 -13.65 0.98
C PRO A 21 -0.70 -13.61 -0.44
N LYS A 22 -1.67 -14.43 -0.73
CA LYS A 22 -2.25 -14.44 -2.11
C LYS A 22 -3.47 -13.52 -2.14
N ASP A 23 -3.89 -13.01 -1.01
CA ASP A 23 -5.06 -12.10 -0.99
C ASP A 23 -4.66 -10.74 -1.56
N LEU A 24 -5.49 -10.16 -2.39
CA LEU A 24 -5.15 -8.84 -2.98
C LEU A 24 -5.72 -7.72 -2.11
N LYS A 25 -4.90 -6.87 -1.58
CA LYS A 25 -5.40 -5.75 -0.73
C LYS A 25 -4.64 -4.47 -1.05
N PRO A 26 -5.27 -3.56 -1.80
CA PRO A 26 -4.66 -2.27 -2.19
C PRO A 26 -4.43 -1.36 -0.98
N VAL A 27 -3.21 -1.02 -0.70
CA VAL A 27 -2.93 -0.13 0.47
C VAL A 27 -2.40 1.22 -0.01
N CYS A 28 -2.57 2.25 0.78
CA CYS A 28 -2.07 3.59 0.37
C CYS A 28 -0.76 3.89 1.09
N GLY A 29 0.35 3.90 0.38
CA GLY A 29 1.65 4.17 1.03
C GLY A 29 1.66 5.57 1.64
N ASP A 30 2.27 5.74 2.78
CA ASP A 30 2.31 7.09 3.42
C ASP A 30 3.24 7.99 2.61
N ASP A 31 3.97 7.44 1.69
CA ASP A 31 4.90 8.26 0.87
C ASP A 31 4.13 8.86 -0.32
N GLY A 32 2.84 8.68 -0.34
CA GLY A 32 2.04 9.24 -1.46
C GLY A 32 1.94 8.19 -2.58
N GLN A 33 2.38 6.99 -2.31
CA GLN A 33 2.31 5.92 -3.35
C GLN A 33 1.28 4.87 -2.95
N THR A 34 0.92 4.00 -3.85
CA THR A 34 -0.07 2.95 -3.51
C THR A 34 0.49 1.57 -3.88
N TYR A 35 0.42 0.63 -2.98
CA TYR A 35 0.95 -0.72 -3.27
C TYR A 35 -0.22 -1.70 -3.41
N ASN A 36 -0.30 -2.37 -4.52
CA ASN A 36 -1.42 -3.33 -4.74
C ASN A 36 -1.58 -4.24 -3.52
N ASN A 37 -0.74 -5.23 -3.39
CA ASN A 37 -0.85 -6.16 -2.22
C ASN A 37 -0.17 -5.52 -1.01
N PRO A 38 -0.65 -5.84 0.21
CA PRO A 38 -0.10 -5.31 1.45
C PRO A 38 1.35 -5.75 1.67
N CYS A 39 1.62 -7.03 1.66
CA CYS A 39 3.02 -7.50 1.85
C CYS A 39 3.86 -6.98 0.69
N MET A 40 3.25 -6.79 -0.45
CA MET A 40 4.01 -6.28 -1.62
C MET A 40 4.56 -4.89 -1.28
N LEU A 41 4.02 -4.28 -0.26
CA LEU A 41 4.51 -2.94 0.15
C LEU A 41 5.93 -3.10 0.68
N CYS A 42 6.09 -3.90 1.70
CA CYS A 42 7.46 -4.11 2.25
C CYS A 42 8.35 -4.61 1.12
N HIS A 43 7.77 -5.25 0.14
CA HIS A 43 8.56 -5.74 -1.02
C HIS A 43 9.16 -4.53 -1.74
N GLU A 44 8.31 -3.67 -2.25
CA GLU A 44 8.83 -2.46 -2.95
C GLU A 44 9.72 -1.70 -1.97
N ASN A 45 9.55 -1.94 -0.70
CA ASN A 45 10.38 -1.24 0.32
C ASN A 45 11.74 -1.94 0.42
N LEU A 46 11.78 -3.21 0.09
CA LEU A 46 13.07 -3.95 0.16
C LEU A 46 13.97 -3.46 -0.99
N ILE A 47 13.37 -3.10 -2.09
CA ILE A 47 14.18 -2.60 -3.24
C ILE A 47 14.55 -1.13 -3.01
N ARG A 48 13.60 -0.34 -2.61
CA ARG A 48 13.89 1.10 -2.36
C ARG A 48 14.54 1.26 -0.99
N GLN A 49 14.11 0.47 -0.03
CA GLN A 49 14.70 0.56 1.33
C GLN A 49 14.39 1.93 1.93
N THR A 50 13.20 2.44 1.71
CA THR A 50 12.83 3.76 2.27
C THR A 50 11.96 3.57 3.51
N ASN A 51 11.78 2.35 3.94
CA ASN A 51 10.94 2.10 5.14
C ASN A 51 9.58 2.76 4.96
N THR A 52 8.87 2.43 3.92
CA THR A 52 7.53 3.05 3.70
C THR A 52 6.49 2.35 4.57
N HIS A 53 5.57 3.09 5.12
CA HIS A 53 4.51 2.47 5.98
C HIS A 53 3.17 2.56 5.27
N ILE A 54 2.13 2.04 5.87
CA ILE A 54 0.79 2.08 5.22
C ILE A 54 0.06 3.36 5.62
N ARG A 55 -0.40 4.12 4.67
CA ARG A 55 -1.13 5.37 4.98
C ARG A 55 -2.58 5.03 5.36
N SER A 56 -3.29 4.43 4.46
CA SER A 56 -4.70 4.06 4.72
C SER A 56 -5.08 2.85 3.86
N THR A 57 -5.86 1.96 4.39
CA THR A 57 -6.26 0.76 3.58
C THR A 57 -6.86 1.21 2.26
N GLY A 58 -6.59 0.48 1.21
CA GLY A 58 -7.13 0.86 -0.12
C GLY A 58 -6.10 1.68 -0.89
N LYS A 59 -6.27 1.80 -2.17
CA LYS A 59 -5.29 2.58 -2.99
C LYS A 59 -5.33 4.04 -2.56
N CYS A 60 -4.23 4.74 -2.67
CA CYS A 60 -4.21 6.17 -2.26
C CYS A 60 -5.29 6.93 -3.04
N GLU A 61 -5.66 6.45 -4.18
CA GLU A 61 -6.71 7.14 -4.98
C GLU A 61 -8.10 6.67 -4.53
N GLU A 62 -8.15 5.54 -3.88
CA GLU A 62 -9.47 5.01 -3.40
C GLU A 62 -9.90 5.79 -2.16
N SER A 63 -8.98 6.31 -1.40
CA SER A 63 -9.34 7.07 -0.18
C SER A 63 -9.95 8.42 -0.57
N SER A 64 -9.60 8.93 -1.72
CA SER A 64 -10.15 10.24 -2.16
C SER A 64 -10.91 10.06 -3.48
N THR A 65 -11.87 10.90 -3.73
CA THR A 65 -12.65 10.79 -5.00
C THR A 65 -11.75 11.16 -6.18
N PRO A 66 -12.06 10.62 -7.38
CA PRO A 66 -11.28 10.90 -8.59
C PRO A 66 -11.46 12.34 -9.07
N GLY A 67 -10.41 12.96 -9.54
CA GLY A 67 -10.53 14.37 -10.01
C GLY A 67 -11.20 14.39 -11.38
N THR A 68 -11.23 15.53 -12.03
CA THR A 68 -11.89 15.61 -13.37
C THR A 68 -11.06 14.82 -14.38
N THR A 69 -9.77 14.74 -14.18
CA THR A 69 -8.91 13.98 -15.12
C THR A 69 -9.28 12.49 -15.06
N ALA A 70 -9.75 12.03 -13.94
CA ALA A 70 -10.12 10.59 -13.82
C ALA A 70 -11.41 10.35 -14.60
N ALA A 71 -12.26 11.34 -14.69
CA ALA A 71 -13.53 11.16 -15.44
C ALA A 71 -13.24 11.04 -16.94
N SER A 72 -12.10 11.50 -17.36
CA SER A 72 -11.74 11.42 -18.81
C SER A 72 -11.52 9.95 -19.19
N MET A 73 -11.12 9.14 -18.24
CA MET A 73 -10.88 7.70 -18.54
C MET A 73 -11.65 6.84 -17.53
N PRO A 74 -12.98 6.81 -17.65
CA PRO A 74 -13.84 6.03 -16.74
C PRO A 74 -13.68 4.52 -16.96
N PRO A 75 -14.25 3.73 -16.05
CA PRO A 75 -14.18 2.25 -16.12
C PRO A 75 -15.03 1.70 -17.28
N SER A 76 -15.90 2.49 -17.83
CA SER A 76 -16.74 2.00 -18.96
C SER A 76 -16.94 3.12 -19.99
N ASP A 77 -17.15 2.76 -21.22
CA ASP A 77 -17.34 3.80 -22.28
C ASP A 77 -18.56 4.66 -21.92
N GLU A 78 -18.43 5.96 -22.04
CA GLU A 78 -19.58 6.84 -21.71
C GLU A 78 -20.21 6.39 -20.39
N ASP A 3 2.58 -2.95 8.34
CA ASP A 3 3.42 -1.72 8.32
C ASP A 3 4.90 -2.10 8.37
N SER A 4 5.78 -1.14 8.47
CA SER A 4 7.23 -1.46 8.53
C SER A 4 7.50 -2.39 9.69
N GLU A 5 6.78 -2.24 10.78
CA GLU A 5 6.99 -3.13 11.94
C GLU A 5 6.85 -4.58 11.50
N MET A 6 6.09 -4.82 10.47
CA MET A 6 5.92 -6.22 9.98
C MET A 6 7.21 -6.66 9.29
N CYS A 7 8.01 -5.72 8.87
CA CYS A 7 9.30 -6.08 8.21
C CYS A 7 10.38 -6.25 9.27
N LYS A 8 10.14 -5.77 10.46
CA LYS A 8 11.15 -5.90 11.55
C LYS A 8 11.05 -7.30 12.18
N ASP A 9 10.37 -8.21 11.55
CA ASP A 9 10.24 -9.58 12.14
C ASP A 9 10.21 -10.64 11.03
N TYR A 10 10.50 -10.25 9.81
CA TYR A 10 10.49 -11.25 8.70
C TYR A 10 11.88 -11.34 8.08
N ARG A 11 12.23 -12.48 7.55
CA ARG A 11 13.57 -12.64 6.93
C ARG A 11 13.41 -13.27 5.53
N VAL A 12 14.07 -12.72 4.56
CA VAL A 12 13.95 -13.27 3.17
C VAL A 12 15.33 -13.67 2.65
N LEU A 13 15.40 -14.66 1.81
CA LEU A 13 16.71 -15.10 1.26
C LEU A 13 16.60 -15.22 -0.26
N PRO A 14 17.72 -15.53 -0.94
CA PRO A 14 17.76 -15.67 -2.40
C PRO A 14 16.94 -16.88 -2.87
N ARG A 15 16.73 -17.84 -2.00
CA ARG A 15 15.94 -19.04 -2.41
C ARG A 15 14.56 -18.97 -1.76
N ILE A 16 14.47 -18.39 -0.60
CA ILE A 16 13.15 -18.29 0.09
C ILE A 16 12.32 -17.18 -0.55
N GLY A 17 12.95 -16.09 -0.89
CA GLY A 17 12.21 -14.97 -1.54
C GLY A 17 11.31 -14.30 -0.50
N TYR A 18 10.34 -13.53 -0.93
CA TYR A 18 9.43 -12.85 0.03
C TYR A 18 8.17 -13.70 0.23
N LEU A 19 7.58 -13.61 1.39
CA LEU A 19 6.35 -14.41 1.66
C LEU A 19 5.15 -13.47 1.81
N CYS A 20 4.23 -13.49 0.89
CA CYS A 20 3.04 -12.60 0.97
C CYS A 20 1.78 -13.44 0.80
N PRO A 21 0.64 -12.93 1.31
CA PRO A 21 -0.65 -13.62 1.21
C PRO A 21 -1.19 -13.61 -0.23
N LYS A 22 -2.19 -14.38 -0.51
CA LYS A 22 -2.74 -14.40 -1.89
C LYS A 22 -3.94 -13.45 -1.98
N ASP A 23 -4.33 -12.87 -0.87
CA ASP A 23 -5.48 -11.93 -0.90
C ASP A 23 -5.03 -10.59 -1.48
N LEU A 24 -5.69 -10.13 -2.51
CA LEU A 24 -5.29 -8.84 -3.12
C LEU A 24 -5.92 -7.68 -2.34
N LYS A 25 -5.11 -6.82 -1.77
CA LYS A 25 -5.67 -5.68 -1.00
C LYS A 25 -4.82 -4.43 -1.25
N PRO A 26 -5.36 -3.47 -2.01
CA PRO A 26 -4.67 -2.22 -2.34
C PRO A 26 -4.44 -1.34 -1.11
N VAL A 27 -3.22 -0.99 -0.84
CA VAL A 27 -2.93 -0.13 0.34
C VAL A 27 -2.35 1.21 -0.11
N CYS A 28 -2.51 2.23 0.68
CA CYS A 28 -1.96 3.56 0.30
C CYS A 28 -0.63 3.78 1.03
N GLY A 29 0.42 4.01 0.30
CA GLY A 29 1.75 4.23 0.95
C GLY A 29 1.85 5.67 1.45
N ASP A 30 2.38 5.87 2.62
CA ASP A 30 2.51 7.25 3.17
C ASP A 30 3.55 8.03 2.35
N ASP A 31 4.25 7.36 1.48
CA ASP A 31 5.26 8.06 0.64
C ASP A 31 4.58 8.70 -0.56
N GLY A 32 3.27 8.70 -0.58
CA GLY A 32 2.54 9.29 -1.73
C GLY A 32 2.39 8.24 -2.83
N GLN A 33 2.61 6.99 -2.50
CA GLN A 33 2.48 5.92 -3.53
C GLN A 33 1.48 4.86 -3.05
N THR A 34 1.07 3.99 -3.92
CA THR A 34 0.08 2.94 -3.52
C THR A 34 0.62 1.56 -3.91
N TYR A 35 0.48 0.60 -3.05
CA TYR A 35 0.97 -0.77 -3.37
C TYR A 35 -0.22 -1.72 -3.50
N ASN A 36 -0.28 -2.46 -4.58
CA ASN A 36 -1.43 -3.39 -4.77
C ASN A 36 -1.61 -4.27 -3.52
N ASN A 37 -0.81 -5.28 -3.37
CA ASN A 37 -0.96 -6.17 -2.18
C ASN A 37 -0.27 -5.54 -0.97
N PRO A 38 -0.78 -5.81 0.24
CA PRO A 38 -0.21 -5.27 1.49
C PRO A 38 1.20 -5.78 1.74
N CYS A 39 1.40 -7.07 1.76
CA CYS A 39 2.77 -7.60 1.98
C CYS A 39 3.66 -7.12 0.84
N MET A 40 3.08 -6.94 -0.32
CA MET A 40 3.87 -6.44 -1.49
C MET A 40 4.42 -5.06 -1.15
N LEU A 41 3.91 -4.44 -0.12
CA LEU A 41 4.40 -3.09 0.28
C LEU A 41 5.81 -3.24 0.84
N CYS A 42 5.97 -4.03 1.86
CA CYS A 42 7.32 -4.23 2.43
C CYS A 42 8.26 -4.66 1.31
N HIS A 43 7.73 -5.32 0.31
CA HIS A 43 8.57 -5.76 -0.83
C HIS A 43 9.11 -4.52 -1.55
N GLU A 44 8.23 -3.70 -2.08
CA GLU A 44 8.70 -2.48 -2.78
C GLU A 44 9.56 -1.66 -1.82
N ASN A 45 9.42 -1.92 -0.55
CA ASN A 45 10.22 -1.17 0.46
C ASN A 45 11.62 -1.78 0.51
N LEU A 46 11.74 -3.03 0.16
CA LEU A 46 13.08 -3.68 0.18
C LEU A 46 13.93 -3.11 -0.96
N ILE A 47 13.31 -2.85 -2.09
CA ILE A 47 14.08 -2.29 -3.23
C ILE A 47 14.35 -0.81 -2.98
N ARG A 48 13.36 -0.09 -2.53
CA ARG A 48 13.56 1.36 -2.26
C ARG A 48 14.26 1.52 -0.91
N GLN A 49 13.94 0.71 0.04
CA GLN A 49 14.59 0.81 1.38
C GLN A 49 14.28 2.18 1.99
N THR A 50 13.07 2.65 1.85
CA THR A 50 12.71 3.97 2.41
C THR A 50 11.80 3.77 3.64
N ASN A 51 11.77 2.58 4.17
CA ASN A 51 10.91 2.32 5.35
C ASN A 51 9.52 2.94 5.13
N THR A 52 8.85 2.54 4.08
CA THR A 52 7.50 3.12 3.81
C THR A 52 6.45 2.43 4.69
N HIS A 53 5.44 3.15 5.08
CA HIS A 53 4.38 2.53 5.92
C HIS A 53 3.03 2.67 5.22
N ILE A 54 2.01 2.02 5.72
CA ILE A 54 0.68 2.12 5.06
C ILE A 54 -0.01 3.41 5.51
N ARG A 55 -0.36 4.25 4.59
CA ARG A 55 -1.05 5.53 4.94
C ARG A 55 -2.53 5.25 5.20
N SER A 56 -3.14 4.48 4.36
CA SER A 56 -4.59 4.17 4.54
C SER A 56 -4.93 2.88 3.80
N THR A 57 -5.93 2.18 4.23
CA THR A 57 -6.31 0.91 3.54
C THR A 57 -6.96 1.23 2.20
N GLY A 58 -6.54 0.57 1.16
CA GLY A 58 -7.14 0.84 -0.19
C GLY A 58 -6.21 1.76 -0.99
N LYS A 59 -6.41 1.83 -2.27
CA LYS A 59 -5.55 2.70 -3.11
C LYS A 59 -5.49 4.11 -2.48
N CYS A 60 -4.40 4.81 -2.68
CA CYS A 60 -4.28 6.17 -2.08
C CYS A 60 -5.45 7.03 -2.55
N GLU A 61 -5.94 6.79 -3.74
CA GLU A 61 -7.08 7.59 -4.26
C GLU A 61 -8.38 7.01 -3.70
N GLU A 62 -8.41 5.73 -3.47
CA GLU A 62 -9.64 5.11 -2.91
C GLU A 62 -10.04 5.85 -1.63
N SER A 63 -9.11 6.53 -1.02
CA SER A 63 -9.42 7.27 0.23
C SER A 63 -10.34 8.45 -0.10
N SER A 64 -10.15 9.07 -1.23
CA SER A 64 -11.00 10.23 -1.61
C SER A 64 -11.86 9.85 -2.81
N THR A 65 -13.08 10.32 -2.85
CA THR A 65 -13.98 10.01 -4.00
C THR A 65 -14.44 11.31 -4.66
N PRO A 66 -13.55 11.93 -5.45
CA PRO A 66 -13.86 13.18 -6.15
C PRO A 66 -14.89 12.99 -7.26
N GLY A 67 -15.05 11.77 -7.71
CA GLY A 67 -16.04 11.50 -8.80
C GLY A 67 -15.87 10.07 -9.30
N THR A 68 -16.63 9.68 -10.27
CA THR A 68 -16.52 8.29 -10.81
C THR A 68 -16.22 8.34 -12.31
N THR A 69 -15.69 7.28 -12.85
CA THR A 69 -15.37 7.26 -14.31
C THR A 69 -16.67 7.29 -15.11
N ALA A 70 -17.74 6.79 -14.55
CA ALA A 70 -19.04 6.80 -15.29
C ALA A 70 -19.47 8.24 -15.56
N ALA A 71 -19.15 9.14 -14.67
CA ALA A 71 -19.54 10.56 -14.89
C ALA A 71 -18.77 11.12 -16.09
N SER A 72 -17.58 10.65 -16.32
CA SER A 72 -16.79 11.16 -17.47
C SER A 72 -17.53 10.85 -18.78
N MET A 73 -18.32 9.82 -18.80
CA MET A 73 -19.07 9.47 -20.03
C MET A 73 -20.55 9.25 -19.68
N PRO A 74 -21.29 10.35 -19.49
CA PRO A 74 -22.72 10.30 -19.15
C PRO A 74 -23.57 9.81 -20.33
N PRO A 75 -24.70 9.15 -20.02
CA PRO A 75 -25.61 8.64 -21.06
C PRO A 75 -26.35 9.76 -21.80
N SER A 76 -26.80 9.50 -22.99
CA SER A 76 -27.51 10.55 -23.76
C SER A 76 -28.98 10.60 -23.32
N ASP A 77 -29.41 9.68 -22.52
CA ASP A 77 -30.82 9.67 -22.05
C ASP A 77 -31.05 10.84 -21.10
N GLU A 78 -30.03 11.26 -20.40
CA GLU A 78 -30.17 12.39 -19.45
C GLU A 78 -29.22 13.52 -19.85
N ASP A 3 1.15 -3.18 9.28
CA ASP A 3 1.85 -2.13 8.48
C ASP A 3 3.26 -2.61 8.12
N SER A 4 4.00 -1.84 7.38
CA SER A 4 5.38 -2.25 7.00
C SER A 4 6.16 -2.61 8.26
N GLU A 5 5.88 -1.95 9.35
CA GLU A 5 6.61 -2.26 10.62
C GLU A 5 6.50 -3.75 10.90
N MET A 6 5.48 -4.39 10.37
CA MET A 6 5.33 -5.85 10.60
C MET A 6 6.41 -6.60 9.83
N CYS A 7 6.89 -6.03 8.75
CA CYS A 7 7.94 -6.71 7.96
C CYS A 7 9.30 -6.45 8.62
N LYS A 8 9.38 -5.47 9.48
CA LYS A 8 10.67 -5.17 10.16
C LYS A 8 10.89 -6.13 11.32
N ASP A 9 10.05 -7.13 11.45
CA ASP A 9 10.21 -8.11 12.56
C ASP A 9 10.49 -9.50 11.99
N TYR A 10 10.33 -9.68 10.71
CA TYR A 10 10.59 -11.02 10.10
C TYR A 10 11.92 -10.99 9.36
N ARG A 11 12.38 -12.13 8.92
CA ARG A 11 13.68 -12.19 8.19
C ARG A 11 13.50 -13.00 6.90
N VAL A 12 14.34 -12.78 5.92
CA VAL A 12 14.19 -13.55 4.64
C VAL A 12 15.57 -14.00 4.17
N LEU A 13 15.61 -15.02 3.34
CA LEU A 13 16.92 -15.52 2.83
C LEU A 13 17.06 -15.14 1.35
N PRO A 14 18.23 -15.44 0.76
CA PRO A 14 18.50 -15.13 -0.65
C PRO A 14 17.64 -15.98 -1.60
N ARG A 15 17.25 -17.14 -1.16
CA ARG A 15 16.40 -18.01 -2.03
C ARG A 15 14.94 -17.60 -1.86
N ILE A 16 14.54 -17.27 -0.66
CA ILE A 16 13.13 -16.84 -0.43
C ILE A 16 12.96 -15.41 -0.91
N GLY A 17 13.98 -14.60 -0.76
CA GLY A 17 13.88 -13.18 -1.21
C GLY A 17 12.89 -12.42 -0.32
N TYR A 18 11.64 -12.80 -0.39
CA TYR A 18 10.63 -12.10 0.46
C TYR A 18 9.38 -12.98 0.59
N LEU A 19 8.67 -12.86 1.67
CA LEU A 19 7.45 -13.70 1.85
C LEU A 19 6.24 -12.79 2.08
N CYS A 20 5.12 -13.14 1.53
CA CYS A 20 3.90 -12.31 1.72
C CYS A 20 2.67 -13.22 1.77
N PRO A 21 1.58 -12.73 2.36
CA PRO A 21 0.33 -13.50 2.47
C PRO A 21 -0.35 -13.65 1.10
N LYS A 22 -1.28 -14.55 1.00
CA LYS A 22 -1.97 -14.75 -0.30
C LYS A 22 -3.21 -13.85 -0.37
N ASP A 23 -3.56 -13.23 0.72
CA ASP A 23 -4.76 -12.35 0.72
C ASP A 23 -4.42 -11.05 -0.02
N LEU A 24 -5.24 -10.66 -0.95
CA LEU A 24 -4.96 -9.40 -1.71
C LEU A 24 -5.58 -8.22 -0.97
N LYS A 25 -4.78 -7.26 -0.59
CA LYS A 25 -5.34 -6.08 0.14
C LYS A 25 -4.58 -4.81 -0.27
N PRO A 26 -5.26 -3.93 -1.03
CA PRO A 26 -4.66 -2.66 -1.50
C PRO A 26 -4.37 -1.71 -0.34
N VAL A 27 -3.15 -1.29 -0.19
CA VAL A 27 -2.81 -0.36 0.92
C VAL A 27 -2.31 0.98 0.35
N CYS A 28 -2.42 2.02 1.12
CA CYS A 28 -1.93 3.35 0.63
C CYS A 28 -0.53 3.58 1.20
N GLY A 29 0.38 4.06 0.39
CA GLY A 29 1.77 4.31 0.88
C GLY A 29 1.90 5.75 1.35
N ASP A 30 2.51 5.95 2.49
CA ASP A 30 2.68 7.35 3.00
C ASP A 30 3.59 8.14 2.04
N ASP A 31 4.21 7.46 1.12
CA ASP A 31 5.10 8.17 0.16
C ASP A 31 4.26 8.71 -1.01
N GLY A 32 2.96 8.67 -0.89
CA GLY A 32 2.10 9.18 -1.99
C GLY A 32 1.92 8.09 -3.05
N GLN A 33 2.10 6.86 -2.68
CA GLN A 33 1.95 5.75 -3.66
C GLN A 33 0.99 4.69 -3.10
N THR A 34 0.62 3.73 -3.89
CA THR A 34 -0.30 2.66 -3.41
C THR A 34 0.27 1.29 -3.79
N TYR A 35 0.18 0.34 -2.90
CA TYR A 35 0.72 -1.02 -3.21
C TYR A 35 -0.43 -2.03 -3.16
N ASN A 36 -0.52 -2.86 -4.17
CA ASN A 36 -1.61 -3.88 -4.20
C ASN A 36 -1.64 -4.67 -2.89
N ASN A 37 -0.77 -5.62 -2.74
CA ASN A 37 -0.77 -6.42 -1.47
C ASN A 37 -0.02 -5.66 -0.38
N PRO A 38 -0.42 -5.86 0.88
CA PRO A 38 0.21 -5.19 2.03
C PRO A 38 1.67 -5.59 2.19
N CYS A 39 1.96 -6.86 2.28
CA CYS A 39 3.39 -7.28 2.41
C CYS A 39 4.14 -6.79 1.18
N MET A 40 3.47 -6.75 0.06
CA MET A 40 4.13 -6.27 -1.19
C MET A 40 4.69 -4.86 -0.93
N LEU A 41 4.17 -4.20 0.07
CA LEU A 41 4.64 -2.83 0.39
C LEU A 41 6.07 -2.92 0.92
N CYS A 42 6.33 -3.82 1.82
CA CYS A 42 7.70 -3.95 2.36
C CYS A 42 8.60 -4.49 1.24
N HIS A 43 8.00 -5.12 0.26
CA HIS A 43 8.79 -5.65 -0.87
C HIS A 43 9.36 -4.47 -1.66
N GLU A 44 8.51 -3.58 -2.08
CA GLU A 44 9.00 -2.39 -2.83
C GLU A 44 9.91 -1.59 -1.90
N ASN A 45 9.78 -1.80 -0.62
CA ASN A 45 10.64 -1.07 0.35
C ASN A 45 12.01 -1.74 0.41
N LEU A 46 12.06 -3.01 0.07
CA LEU A 46 13.37 -3.72 0.10
C LEU A 46 14.21 -3.24 -1.09
N ILE A 47 13.58 -2.89 -2.17
CA ILE A 47 14.33 -2.41 -3.36
C ILE A 47 14.70 -0.94 -3.14
N ARG A 48 13.75 -0.13 -2.75
CA ARG A 48 14.05 1.32 -2.51
C ARG A 48 14.70 1.48 -1.13
N GLN A 49 14.31 0.68 -0.19
CA GLN A 49 14.90 0.79 1.18
C GLN A 49 14.56 2.14 1.78
N THR A 50 13.36 2.62 1.54
CA THR A 50 12.97 3.94 2.12
C THR A 50 12.08 3.73 3.35
N ASN A 51 11.89 2.49 3.74
CA ASN A 51 11.05 2.21 4.94
C ASN A 51 9.68 2.86 4.75
N THR A 52 8.98 2.51 3.70
CA THR A 52 7.63 3.10 3.47
C THR A 52 6.60 2.42 4.37
N HIS A 53 5.71 3.19 4.93
CA HIS A 53 4.67 2.58 5.82
C HIS A 53 3.31 2.74 5.16
N ILE A 54 2.31 2.05 5.65
CA ILE A 54 0.96 2.18 5.04
C ILE A 54 0.30 3.47 5.54
N ARG A 55 -0.14 4.30 4.64
CA ARG A 55 -0.79 5.57 5.04
C ARG A 55 -2.26 5.30 5.40
N SER A 56 -2.89 4.44 4.66
CA SER A 56 -4.32 4.11 4.94
C SER A 56 -4.67 2.77 4.29
N THR A 57 -5.59 2.05 4.84
CA THR A 57 -5.97 0.74 4.24
C THR A 57 -6.71 0.98 2.92
N GLY A 58 -6.49 0.14 1.95
CA GLY A 58 -7.19 0.31 0.64
C GLY A 58 -6.34 1.21 -0.25
N LYS A 59 -6.63 1.21 -1.52
CA LYS A 59 -5.85 2.07 -2.46
C LYS A 59 -5.86 3.52 -1.97
N CYS A 60 -4.83 4.26 -2.27
CA CYS A 60 -4.80 5.68 -1.83
C CYS A 60 -6.03 6.42 -2.36
N GLU A 61 -6.15 7.69 -2.06
CA GLU A 61 -7.33 8.45 -2.54
C GLU A 61 -7.00 9.15 -3.87
N GLU A 62 -5.98 8.68 -4.54
CA GLU A 62 -5.61 9.32 -5.83
C GLU A 62 -6.78 9.20 -6.81
N SER A 63 -7.50 8.12 -6.77
CA SER A 63 -8.66 7.95 -7.69
C SER A 63 -9.66 9.09 -7.48
N SER A 64 -10.30 9.53 -8.53
CA SER A 64 -11.29 10.64 -8.38
C SER A 64 -12.68 10.13 -8.75
N THR A 65 -13.70 10.73 -8.20
CA THR A 65 -15.09 10.27 -8.51
C THR A 65 -15.57 10.97 -9.79
N PRO A 66 -16.11 10.19 -10.73
CA PRO A 66 -16.63 10.73 -12.00
C PRO A 66 -17.92 11.53 -11.80
N GLY A 67 -18.57 11.35 -10.68
CA GLY A 67 -19.83 12.10 -10.43
C GLY A 67 -19.58 13.60 -10.59
N THR A 68 -18.39 14.05 -10.29
CA THR A 68 -18.08 15.50 -10.43
C THR A 68 -16.93 15.69 -11.43
N THR A 69 -16.75 16.88 -11.91
CA THR A 69 -15.65 17.13 -12.89
C THR A 69 -14.65 18.12 -12.29
N ALA A 70 -13.37 17.87 -12.49
CA ALA A 70 -12.35 18.80 -11.92
C ALA A 70 -12.48 20.16 -12.59
N ALA A 71 -12.95 20.21 -13.80
CA ALA A 71 -13.10 21.51 -14.50
C ALA A 71 -14.15 22.37 -13.77
N SER A 72 -15.13 21.74 -13.19
CA SER A 72 -16.19 22.50 -12.47
C SER A 72 -15.56 23.20 -11.26
N MET A 73 -14.51 22.65 -10.72
CA MET A 73 -13.86 23.28 -9.54
C MET A 73 -13.54 24.74 -9.86
N PRO A 74 -12.68 24.97 -10.87
CA PRO A 74 -12.29 26.32 -11.28
C PRO A 74 -13.44 27.07 -11.96
N PRO A 75 -13.44 28.41 -11.85
CA PRO A 75 -14.48 29.26 -12.45
C PRO A 75 -14.37 29.29 -13.97
N SER A 76 -15.48 29.34 -14.66
CA SER A 76 -15.45 29.38 -16.14
C SER A 76 -16.03 30.71 -16.63
N ASP A 77 -15.46 31.26 -17.67
CA ASP A 77 -15.98 32.55 -18.19
C ASP A 77 -17.03 32.28 -19.28
N GLU A 78 -17.44 31.06 -19.42
CA GLU A 78 -18.46 30.73 -20.46
C GLU A 78 -19.83 31.23 -20.01
N ASP A 3 -0.04 -3.00 10.08
CA ASP A 3 0.58 -2.19 8.99
C ASP A 3 1.90 -2.84 8.58
N SER A 4 2.68 -2.14 7.79
CA SER A 4 3.98 -2.71 7.34
C SER A 4 4.99 -2.66 8.50
N GLU A 5 4.58 -2.15 9.63
CA GLU A 5 5.51 -2.08 10.80
C GLU A 5 6.18 -3.44 10.97
N MET A 6 5.55 -4.48 10.49
CA MET A 6 6.15 -5.83 10.61
C MET A 6 7.41 -5.90 9.75
N CYS A 7 7.45 -5.13 8.70
CA CYS A 7 8.65 -5.12 7.81
C CYS A 7 9.69 -4.15 8.39
N LYS A 8 9.32 -3.40 9.40
CA LYS A 8 10.28 -2.44 10.00
C LYS A 8 11.53 -3.20 10.47
N ASP A 9 11.45 -4.50 10.59
CA ASP A 9 12.63 -5.27 11.06
C ASP A 9 12.50 -6.73 10.62
N TYR A 10 11.89 -6.98 9.49
CA TYR A 10 11.73 -8.38 9.03
C TYR A 10 13.04 -8.85 8.39
N ARG A 11 13.12 -10.09 8.00
CA ARG A 11 14.37 -10.59 7.37
C ARG A 11 14.05 -11.60 6.27
N VAL A 12 14.71 -11.49 5.15
CA VAL A 12 14.44 -12.44 4.03
C VAL A 12 15.77 -12.88 3.41
N LEU A 13 15.93 -14.14 3.15
CA LEU A 13 17.20 -14.62 2.55
C LEU A 13 17.01 -14.89 1.05
N PRO A 14 18.11 -15.18 0.34
CA PRO A 14 18.07 -15.45 -1.11
C PRO A 14 17.34 -16.77 -1.40
N ARG A 15 17.28 -17.65 -0.44
CA ARG A 15 16.57 -18.94 -0.67
C ARG A 15 15.17 -18.87 -0.07
N ILE A 16 14.99 -18.02 0.91
CA ILE A 16 13.64 -17.89 1.54
C ILE A 16 12.78 -16.92 0.74
N GLY A 17 13.33 -15.78 0.39
CA GLY A 17 12.55 -14.79 -0.39
C GLY A 17 11.47 -14.16 0.49
N TYR A 18 10.57 -13.43 -0.09
CA TYR A 18 9.49 -12.78 0.72
C TYR A 18 8.27 -13.70 0.76
N LEU A 19 7.51 -13.65 1.82
CA LEU A 19 6.30 -14.52 1.91
C LEU A 19 5.06 -13.64 2.05
N CYS A 20 4.29 -13.52 1.00
CA CYS A 20 3.06 -12.68 1.07
C CYS A 20 1.84 -13.56 0.81
N PRO A 21 0.67 -13.13 1.30
CA PRO A 21 -0.58 -13.87 1.12
C PRO A 21 -1.09 -13.77 -0.32
N LYS A 22 -2.11 -14.52 -0.66
CA LYS A 22 -2.64 -14.45 -2.04
C LYS A 22 -3.74 -13.40 -2.12
N ASP A 23 -4.36 -13.10 -1.01
CA ASP A 23 -5.44 -12.08 -1.02
C ASP A 23 -4.86 -10.74 -1.46
N LEU A 24 -5.48 -10.08 -2.40
CA LEU A 24 -4.95 -8.76 -2.87
C LEU A 24 -5.58 -7.63 -2.05
N LYS A 25 -4.80 -6.97 -1.23
CA LYS A 25 -5.35 -5.86 -0.41
C LYS A 25 -4.55 -4.59 -0.71
N PRO A 26 -5.18 -3.63 -1.42
CA PRO A 26 -4.53 -2.36 -1.79
C PRO A 26 -4.22 -1.49 -0.56
N VAL A 27 -2.97 -1.20 -0.34
CA VAL A 27 -2.59 -0.35 0.83
C VAL A 27 -2.07 0.99 0.34
N CYS A 28 -2.16 2.00 1.17
CA CYS A 28 -1.65 3.34 0.76
C CYS A 28 -0.23 3.51 1.33
N GLY A 29 0.66 4.11 0.59
CA GLY A 29 2.04 4.29 1.11
C GLY A 29 2.22 5.70 1.66
N ASP A 30 2.80 5.82 2.82
CA ASP A 30 3.00 7.17 3.42
C ASP A 30 3.90 8.01 2.50
N ASP A 31 4.53 7.39 1.54
CA ASP A 31 5.41 8.16 0.62
C ASP A 31 4.58 8.71 -0.54
N GLY A 32 3.28 8.72 -0.40
CA GLY A 32 2.42 9.24 -1.49
C GLY A 32 2.27 8.18 -2.58
N GLN A 33 2.53 6.95 -2.26
CA GLN A 33 2.40 5.86 -3.27
C GLN A 33 1.38 4.83 -2.80
N THR A 34 1.15 3.81 -3.59
CA THR A 34 0.16 2.77 -3.16
C THR A 34 0.65 1.40 -3.64
N TYR A 35 0.54 0.41 -2.80
CA TYR A 35 0.99 -0.96 -3.19
C TYR A 35 -0.22 -1.89 -3.29
N ASN A 36 -0.28 -2.68 -4.33
CA ASN A 36 -1.44 -3.60 -4.49
C ASN A 36 -1.59 -4.47 -3.24
N ASN A 37 -0.78 -5.48 -3.10
CA ASN A 37 -0.89 -6.35 -1.90
C ASN A 37 -0.15 -5.69 -0.74
N PRO A 38 -0.63 -5.89 0.50
CA PRO A 38 -0.02 -5.31 1.70
C PRO A 38 1.40 -5.82 1.92
N CYS A 39 1.58 -7.12 1.95
CA CYS A 39 2.94 -7.68 2.14
C CYS A 39 3.81 -7.23 0.97
N MET A 40 3.22 -7.01 -0.17
CA MET A 40 3.99 -6.56 -1.36
C MET A 40 4.48 -5.13 -1.13
N LEU A 41 3.96 -4.47 -0.13
CA LEU A 41 4.40 -3.06 0.14
C LEU A 41 5.84 -3.09 0.61
N CYS A 42 6.14 -3.88 1.62
CA CYS A 42 7.54 -3.93 2.10
C CYS A 42 8.42 -4.44 0.96
N HIS A 43 7.90 -5.31 0.15
CA HIS A 43 8.69 -5.81 -1.00
C HIS A 43 9.25 -4.61 -1.76
N GLU A 44 8.42 -3.64 -2.00
CA GLU A 44 8.89 -2.42 -2.72
C GLU A 44 9.88 -1.69 -1.81
N ASN A 45 9.69 -1.78 -0.53
CA ASN A 45 10.62 -1.10 0.42
C ASN A 45 11.97 -1.79 0.37
N LEU A 46 12.01 -3.03 -0.03
CA LEU A 46 13.30 -3.77 -0.09
C LEU A 46 14.14 -3.23 -1.26
N ILE A 47 13.51 -2.89 -2.35
CA ILE A 47 14.27 -2.37 -3.51
C ILE A 47 14.65 -0.91 -3.27
N ARG A 48 13.72 -0.11 -2.81
CA ARG A 48 14.02 1.32 -2.54
C ARG A 48 14.71 1.46 -1.18
N GLN A 49 14.35 0.63 -0.24
CA GLN A 49 14.99 0.72 1.10
C GLN A 49 14.67 2.06 1.74
N THR A 50 13.50 2.59 1.49
CA THR A 50 13.14 3.91 2.08
C THR A 50 12.32 3.69 3.35
N ASN A 51 12.21 2.46 3.79
CA ASN A 51 11.43 2.17 5.01
C ASN A 51 10.03 2.79 4.90
N THR A 52 9.36 2.55 3.81
CA THR A 52 8.00 3.11 3.62
C THR A 52 6.99 2.23 4.36
N HIS A 53 5.92 2.81 4.85
CA HIS A 53 4.90 2.00 5.57
C HIS A 53 3.53 2.26 4.96
N ILE A 54 2.50 1.68 5.52
CA ILE A 54 1.14 1.89 4.98
C ILE A 54 0.55 3.17 5.57
N ARG A 55 0.07 4.05 4.75
CA ARG A 55 -0.52 5.32 5.26
C ARG A 55 -1.98 5.07 5.65
N SER A 56 -2.66 4.28 4.87
CA SER A 56 -4.08 3.97 5.18
C SER A 56 -4.49 2.70 4.44
N THR A 57 -5.39 1.94 4.98
CA THR A 57 -5.80 0.69 4.30
C THR A 57 -6.54 1.03 3.00
N GLY A 58 -6.24 0.35 1.94
CA GLY A 58 -6.93 0.64 0.65
C GLY A 58 -6.08 1.60 -0.17
N LYS A 59 -6.33 1.67 -1.45
CA LYS A 59 -5.53 2.60 -2.31
C LYS A 59 -5.50 3.98 -1.66
N CYS A 60 -4.44 4.71 -1.86
CA CYS A 60 -4.34 6.06 -1.25
C CYS A 60 -5.59 6.87 -1.62
N GLU A 61 -6.17 6.60 -2.75
CA GLU A 61 -7.39 7.35 -3.16
C GLU A 61 -8.63 6.69 -2.51
N GLU A 62 -8.57 5.41 -2.31
CA GLU A 62 -9.73 4.71 -1.68
C GLU A 62 -9.97 5.31 -0.29
N SER A 63 -9.00 6.01 0.23
CA SER A 63 -9.18 6.62 1.58
C SER A 63 -10.17 7.78 1.50
N SER A 64 -10.99 7.95 2.50
CA SER A 64 -11.98 9.07 2.48
C SER A 64 -11.66 10.05 3.60
N THR A 65 -12.03 11.29 3.44
CA THR A 65 -11.75 12.29 4.50
C THR A 65 -12.49 11.90 5.78
N PRO A 66 -12.09 12.49 6.91
CA PRO A 66 -12.71 12.21 8.22
C PRO A 66 -14.11 12.82 8.32
N GLY A 67 -14.40 13.80 7.51
CA GLY A 67 -15.75 14.44 7.57
C GLY A 67 -15.77 15.48 8.68
N THR A 68 -14.63 15.94 9.11
CA THR A 68 -14.59 16.95 10.20
C THR A 68 -13.87 18.20 9.70
N THR A 69 -14.40 19.36 10.00
CA THR A 69 -13.74 20.62 9.53
C THR A 69 -13.45 21.50 10.73
N ALA A 70 -12.61 22.50 10.56
CA ALA A 70 -12.29 23.40 11.69
C ALA A 70 -13.55 24.13 12.15
N ALA A 71 -14.42 24.43 11.24
CA ALA A 71 -15.68 25.14 11.62
C ALA A 71 -16.83 24.64 10.76
N SER A 72 -18.05 24.76 11.23
CA SER A 72 -19.21 24.27 10.44
C SER A 72 -19.27 25.05 9.12
N MET A 73 -18.80 26.26 9.11
CA MET A 73 -18.83 27.06 7.85
C MET A 73 -17.74 26.56 6.91
N PRO A 74 -18.02 26.60 5.59
CA PRO A 74 -17.07 26.14 4.57
C PRO A 74 -15.88 27.10 4.43
N PRO A 75 -14.70 26.55 4.09
CA PRO A 75 -13.48 27.35 3.92
C PRO A 75 -13.53 28.21 2.66
N SER A 76 -14.43 27.91 1.76
CA SER A 76 -14.52 28.71 0.51
C SER A 76 -15.98 28.80 0.07
N ASP A 77 -16.33 29.82 -0.65
CA ASP A 77 -17.74 29.97 -1.11
C ASP A 77 -18.16 28.71 -1.88
N GLU A 78 -17.26 28.13 -2.62
CA GLU A 78 -17.61 26.90 -3.38
C GLU A 78 -18.79 27.19 -4.31
N ASP A 3 2.23 -2.13 8.69
CA ASP A 3 3.20 -1.00 8.80
C ASP A 3 4.63 -1.54 8.80
N SER A 4 5.60 -0.69 8.93
CA SER A 4 7.01 -1.16 8.94
C SER A 4 7.19 -2.23 10.01
N GLU A 5 6.46 -2.14 11.08
CA GLU A 5 6.60 -3.16 12.16
C GLU A 5 6.42 -4.55 11.55
N MET A 6 5.72 -4.64 10.45
CA MET A 6 5.51 -5.97 9.81
C MET A 6 6.82 -6.40 9.13
N CYS A 7 7.62 -5.46 8.74
CA CYS A 7 8.92 -5.81 8.08
C CYS A 7 9.94 -6.21 9.14
N LYS A 8 9.72 -5.80 10.35
CA LYS A 8 10.68 -6.17 11.45
C LYS A 8 10.39 -7.59 11.93
N ASP A 9 9.51 -8.29 11.25
CA ASP A 9 9.18 -9.68 11.68
C ASP A 9 9.43 -10.66 10.54
N TYR A 10 9.81 -10.18 9.39
CA TYR A 10 10.05 -11.12 8.26
C TYR A 10 11.54 -11.09 7.88
N ARG A 11 11.94 -11.96 7.00
CA ARG A 11 13.37 -11.99 6.56
C ARG A 11 13.43 -12.67 5.19
N VAL A 12 14.17 -12.09 4.28
CA VAL A 12 14.27 -12.69 2.92
C VAL A 12 15.70 -13.13 2.62
N LEU A 13 15.86 -14.20 1.91
CA LEU A 13 17.22 -14.69 1.57
C LEU A 13 17.41 -14.66 0.05
N PRO A 14 18.61 -14.98 -0.43
CA PRO A 14 18.91 -14.99 -1.87
C PRO A 14 18.14 -16.09 -2.61
N ARG A 15 17.74 -17.11 -1.91
CA ARG A 15 16.98 -18.22 -2.57
C ARG A 15 15.54 -18.24 -2.04
N ILE A 16 15.31 -17.70 -0.88
CA ILE A 16 13.94 -17.69 -0.31
C ILE A 16 13.11 -16.60 -0.99
N GLY A 17 13.67 -15.44 -1.15
CA GLY A 17 12.91 -14.32 -1.80
C GLY A 17 11.88 -13.77 -0.83
N TYR A 18 10.94 -13.00 -1.31
CA TYR A 18 9.90 -12.44 -0.41
C TYR A 18 8.68 -13.36 -0.38
N LEU A 19 7.98 -13.40 0.71
CA LEU A 19 6.77 -14.27 0.80
C LEU A 19 5.54 -13.42 1.08
N CYS A 20 4.62 -13.39 0.16
CA CYS A 20 3.37 -12.59 0.37
C CYS A 20 2.15 -13.49 0.15
N PRO A 21 1.02 -13.11 0.74
CA PRO A 21 -0.23 -13.86 0.63
C PRO A 21 -0.83 -13.76 -0.77
N LYS A 22 -1.79 -14.58 -1.09
CA LYS A 22 -2.41 -14.53 -2.45
C LYS A 22 -3.54 -13.50 -2.43
N ASP A 23 -4.09 -13.21 -1.29
CA ASP A 23 -5.19 -12.21 -1.22
C ASP A 23 -4.65 -10.85 -1.66
N LEU A 24 -5.35 -10.19 -2.55
CA LEU A 24 -4.88 -8.85 -3.02
C LEU A 24 -5.54 -7.75 -2.19
N LYS A 25 -4.77 -6.99 -1.47
CA LYS A 25 -5.36 -5.90 -0.65
C LYS A 25 -4.62 -4.60 -0.95
N PRO A 26 -5.27 -3.68 -1.68
CA PRO A 26 -4.69 -2.39 -2.06
C PRO A 26 -4.44 -1.50 -0.85
N VAL A 27 -3.20 -1.13 -0.61
CA VAL A 27 -2.90 -0.26 0.56
C VAL A 27 -2.36 1.08 0.08
N CYS A 28 -2.53 2.11 0.86
CA CYS A 28 -2.01 3.44 0.46
C CYS A 28 -0.64 3.66 1.11
N GLY A 29 0.32 4.14 0.38
CA GLY A 29 1.67 4.36 0.97
C GLY A 29 1.77 5.79 1.50
N ASP A 30 2.39 5.96 2.64
CA ASP A 30 2.52 7.33 3.22
C ASP A 30 3.48 8.15 2.36
N ASP A 31 4.12 7.53 1.40
CA ASP A 31 5.06 8.29 0.53
C ASP A 31 4.30 8.87 -0.66
N GLY A 32 2.99 8.78 -0.63
CA GLY A 32 2.18 9.33 -1.77
C GLY A 32 2.04 8.26 -2.84
N GLN A 33 2.35 7.03 -2.52
CA GLN A 33 2.23 5.94 -3.52
C GLN A 33 1.24 4.88 -3.01
N THR A 34 0.90 3.93 -3.83
CA THR A 34 -0.05 2.88 -3.39
C THR A 34 0.48 1.50 -3.82
N TYR A 35 0.36 0.53 -2.96
CA TYR A 35 0.87 -0.82 -3.31
C TYR A 35 -0.32 -1.78 -3.42
N ASN A 36 -0.42 -2.50 -4.51
CA ASN A 36 -1.55 -3.44 -4.68
C ASN A 36 -1.66 -4.35 -3.45
N ASN A 37 -0.83 -5.34 -3.36
CA ASN A 37 -0.89 -6.25 -2.19
C ASN A 37 -0.15 -5.63 -0.99
N PRO A 38 -0.62 -5.91 0.24
CA PRO A 38 0.00 -5.39 1.46
C PRO A 38 1.44 -5.88 1.64
N CYS A 39 1.65 -7.17 1.59
CA CYS A 39 3.04 -7.68 1.73
C CYS A 39 3.87 -7.15 0.57
N MET A 40 3.23 -6.89 -0.54
CA MET A 40 3.97 -6.36 -1.72
C MET A 40 4.51 -4.96 -1.38
N LEU A 41 4.02 -4.38 -0.31
CA LEU A 41 4.52 -3.04 0.09
C LEU A 41 5.93 -3.18 0.61
N CYS A 42 6.07 -3.87 1.70
CA CYS A 42 7.42 -4.08 2.28
C CYS A 42 8.35 -4.58 1.16
N HIS A 43 7.79 -5.25 0.19
CA HIS A 43 8.60 -5.76 -0.94
C HIS A 43 9.21 -4.57 -1.69
N GLU A 44 8.38 -3.73 -2.25
CA GLU A 44 8.93 -2.54 -2.97
C GLU A 44 9.75 -1.71 -1.99
N ASN A 45 9.54 -1.92 -0.72
CA ASN A 45 10.32 -1.16 0.30
C ASN A 45 11.71 -1.78 0.42
N LEU A 46 11.82 -3.06 0.18
CA LEU A 46 13.15 -3.73 0.27
C LEU A 46 13.99 -3.30 -0.92
N ILE A 47 13.36 -2.97 -2.01
CA ILE A 47 14.14 -2.52 -3.21
C ILE A 47 14.54 -1.06 -3.03
N ARG A 48 13.61 -0.23 -2.68
CA ARG A 48 13.94 1.22 -2.48
C ARG A 48 14.56 1.41 -1.10
N GLN A 49 14.14 0.63 -0.14
CA GLN A 49 14.71 0.76 1.23
C GLN A 49 14.39 2.14 1.79
N THR A 50 13.22 2.67 1.49
CA THR A 50 12.85 4.00 2.01
C THR A 50 12.01 3.85 3.28
N ASN A 51 11.80 2.65 3.73
CA ASN A 51 10.99 2.43 4.96
C ASN A 51 9.61 3.04 4.77
N THR A 52 8.91 2.65 3.72
CA THR A 52 7.56 3.21 3.49
C THR A 52 6.54 2.49 4.38
N HIS A 53 5.56 3.21 4.86
CA HIS A 53 4.53 2.57 5.72
C HIS A 53 3.17 2.69 5.05
N ILE A 54 2.16 2.07 5.61
CA ILE A 54 0.81 2.16 4.99
C ILE A 54 0.11 3.44 5.47
N ARG A 55 -0.31 4.26 4.55
CA ARG A 55 -0.99 5.53 4.94
C ARG A 55 -2.45 5.22 5.29
N SER A 56 -3.08 4.40 4.50
CA SER A 56 -4.51 4.05 4.78
C SER A 56 -4.84 2.75 4.05
N THR A 57 -5.82 2.03 4.53
CA THR A 57 -6.19 0.74 3.87
C THR A 57 -6.90 1.05 2.55
N GLY A 58 -6.51 0.39 1.49
CA GLY A 58 -7.16 0.63 0.17
C GLY A 58 -6.28 1.56 -0.65
N LYS A 59 -6.53 1.64 -1.92
CA LYS A 59 -5.72 2.54 -2.79
C LYS A 59 -5.72 3.95 -2.21
N CYS A 60 -4.65 4.68 -2.39
CA CYS A 60 -4.60 6.07 -1.85
C CYS A 60 -5.80 6.87 -2.35
N GLU A 61 -6.34 6.48 -3.48
CA GLU A 61 -7.52 7.22 -4.02
C GLU A 61 -8.80 6.65 -3.41
N GLU A 62 -8.75 5.44 -2.92
CA GLU A 62 -9.97 4.83 -2.31
C GLU A 62 -10.37 5.65 -1.09
N SER A 63 -9.42 6.18 -0.37
CA SER A 63 -9.75 6.98 0.84
C SER A 63 -10.38 8.32 0.42
N SER A 64 -11.43 8.72 1.07
CA SER A 64 -12.09 10.01 0.70
C SER A 64 -12.02 10.97 1.89
N THR A 65 -12.03 12.25 1.62
CA THR A 65 -11.97 13.24 2.73
C THR A 65 -13.01 14.34 2.50
N PRO A 66 -14.28 14.04 2.81
CA PRO A 66 -15.38 15.00 2.64
C PRO A 66 -15.29 16.16 3.63
N GLY A 67 -14.61 15.96 4.73
CA GLY A 67 -14.49 17.04 5.74
C GLY A 67 -15.88 17.46 6.22
N THR A 68 -16.15 18.74 6.24
CA THR A 68 -17.48 19.20 6.69
C THR A 68 -18.00 20.29 5.75
N THR A 69 -19.28 20.56 5.76
CA THR A 69 -19.83 21.61 4.87
C THR A 69 -19.17 22.94 5.17
N ALA A 70 -18.96 23.23 6.43
CA ALA A 70 -18.31 24.52 6.81
C ALA A 70 -18.55 24.80 8.30
N ALA A 71 -18.21 23.87 9.15
CA ALA A 71 -18.42 24.09 10.61
C ALA A 71 -17.59 25.28 11.08
N SER A 72 -16.41 25.45 10.52
CA SER A 72 -15.56 26.59 10.93
C SER A 72 -16.28 27.90 10.66
N MET A 73 -17.11 27.94 9.65
CA MET A 73 -17.85 29.19 9.33
C MET A 73 -19.34 28.87 9.21
N PRO A 74 -20.03 28.75 10.34
CA PRO A 74 -21.47 28.44 10.37
C PRO A 74 -22.30 29.63 9.90
N PRO A 75 -23.50 29.35 9.36
CA PRO A 75 -24.41 30.39 8.86
C PRO A 75 -25.00 31.21 10.00
N SER A 76 -25.44 32.42 9.71
CA SER A 76 -26.03 33.27 10.78
C SER A 76 -27.50 32.89 10.99
N ASP A 77 -28.04 32.07 10.13
CA ASP A 77 -29.47 31.67 10.28
C ASP A 77 -29.59 30.68 11.44
N GLU A 78 -28.55 29.96 11.73
CA GLU A 78 -28.61 28.98 12.87
C GLU A 78 -27.26 28.93 13.57
N ASP A 3 1.50 -4.72 7.72
CA ASP A 3 1.94 -3.30 7.73
C ASP A 3 3.45 -3.23 8.02
N SER A 4 4.02 -2.07 7.92
CA SER A 4 5.49 -1.94 8.18
C SER A 4 5.84 -2.69 9.47
N GLU A 5 4.92 -2.72 10.40
CA GLU A 5 5.19 -3.42 11.68
C GLU A 5 5.65 -4.85 11.37
N MET A 6 5.21 -5.38 10.26
CA MET A 6 5.63 -6.76 9.88
C MET A 6 7.10 -6.73 9.46
N CYS A 7 7.57 -5.62 8.99
CA CYS A 7 8.99 -5.52 8.57
C CYS A 7 9.86 -5.33 9.81
N LYS A 8 9.26 -5.04 10.93
CA LYS A 8 10.05 -4.86 12.18
C LYS A 8 10.88 -6.11 12.46
N ASP A 9 10.47 -7.24 11.95
CA ASP A 9 11.24 -8.48 12.21
C ASP A 9 11.08 -9.46 11.03
N TYR A 10 11.55 -9.10 9.87
CA TYR A 10 11.43 -10.02 8.70
C TYR A 10 12.79 -10.13 8.00
N ARG A 11 12.93 -11.03 7.08
CA ARG A 11 14.23 -11.19 6.37
C ARG A 11 13.98 -11.58 4.92
N VAL A 12 14.86 -11.20 4.02
CA VAL A 12 14.67 -11.56 2.59
C VAL A 12 16.03 -11.89 1.98
N LEU A 13 16.12 -12.99 1.29
CA LEU A 13 17.42 -13.37 0.66
C LEU A 13 17.25 -13.44 -0.86
N PRO A 14 18.36 -13.63 -1.59
CA PRO A 14 18.32 -13.72 -3.06
C PRO A 14 17.62 -15.00 -3.53
N ARG A 15 17.61 -16.01 -2.71
CA ARG A 15 16.95 -17.28 -3.12
C ARG A 15 15.61 -17.41 -2.38
N ILE A 16 15.49 -16.79 -1.24
CA ILE A 16 14.22 -16.87 -0.47
C ILE A 16 13.24 -15.80 -1.01
N GLY A 17 13.71 -14.60 -1.17
CA GLY A 17 12.81 -13.52 -1.68
C GLY A 17 11.91 -13.03 -0.55
N TYR A 18 10.78 -12.47 -0.88
CA TYR A 18 9.85 -11.97 0.17
C TYR A 18 8.67 -12.93 0.32
N LEU A 19 8.08 -12.99 1.48
CA LEU A 19 6.91 -13.91 1.69
C LEU A 19 5.65 -13.08 1.94
N CYS A 20 4.67 -13.22 1.09
CA CYS A 20 3.40 -12.45 1.28
C CYS A 20 2.20 -13.40 1.19
N PRO A 21 1.07 -13.00 1.79
CA PRO A 21 -0.15 -13.80 1.78
C PRO A 21 -0.81 -13.81 0.40
N LYS A 22 -1.79 -14.66 0.20
CA LYS A 22 -2.47 -14.71 -1.12
C LYS A 22 -3.65 -13.73 -1.11
N ASP A 23 -4.02 -13.25 0.04
CA ASP A 23 -5.17 -12.30 0.10
C ASP A 23 -4.77 -10.98 -0.56
N LEU A 24 -5.60 -10.47 -1.42
CA LEU A 24 -5.27 -9.19 -2.11
C LEU A 24 -5.82 -8.02 -1.28
N LYS A 25 -4.97 -7.10 -0.89
CA LYS A 25 -5.46 -5.94 -0.09
C LYS A 25 -4.66 -4.68 -0.46
N PRO A 26 -5.29 -3.77 -1.22
CA PRO A 26 -4.66 -2.52 -1.66
C PRO A 26 -4.34 -1.58 -0.50
N VAL A 27 -3.09 -1.23 -0.33
CA VAL A 27 -2.72 -0.32 0.79
C VAL A 27 -2.16 0.98 0.21
N CYS A 28 -2.26 2.06 0.94
CA CYS A 28 -1.70 3.34 0.44
C CYS A 28 -0.30 3.50 1.04
N GLY A 29 0.64 3.96 0.26
CA GLY A 29 2.02 4.13 0.79
C GLY A 29 2.23 5.58 1.25
N ASP A 30 2.89 5.76 2.36
CA ASP A 30 3.12 7.15 2.86
C ASP A 30 4.03 7.90 1.88
N ASP A 31 4.61 7.20 0.95
CA ASP A 31 5.50 7.87 -0.04
C ASP A 31 4.66 8.47 -1.16
N GLY A 32 3.36 8.45 -1.02
CA GLY A 32 2.48 9.01 -2.08
C GLY A 32 2.24 7.96 -3.16
N GLN A 33 2.39 6.71 -2.82
CA GLN A 33 2.16 5.63 -3.82
C GLN A 33 1.22 4.58 -3.24
N THR A 34 0.83 3.61 -4.02
CA THR A 34 -0.10 2.56 -3.51
C THR A 34 0.44 1.17 -3.86
N TYR A 35 0.32 0.25 -2.96
CA TYR A 35 0.82 -1.13 -3.23
C TYR A 35 -0.36 -2.11 -3.23
N ASN A 36 -0.51 -2.88 -4.27
CA ASN A 36 -1.64 -3.83 -4.34
C ASN A 36 -1.73 -4.64 -3.04
N ASN A 37 -0.91 -5.63 -2.88
CA ASN A 37 -0.96 -6.44 -1.62
C ASN A 37 -0.19 -5.70 -0.52
N PRO A 38 -0.65 -5.85 0.74
CA PRO A 38 -0.01 -5.20 1.89
C PRO A 38 1.43 -5.69 2.10
N CYS A 39 1.62 -6.97 2.19
CA CYS A 39 3.01 -7.48 2.38
C CYS A 39 3.82 -7.07 1.15
N MET A 40 3.18 -6.91 0.03
CA MET A 40 3.90 -6.49 -1.20
C MET A 40 4.43 -5.07 -1.00
N LEU A 41 3.99 -4.40 0.03
CA LEU A 41 4.47 -3.02 0.28
C LEU A 41 5.91 -3.09 0.80
N CYS A 42 6.13 -3.79 1.89
CA CYS A 42 7.51 -3.91 2.43
C CYS A 42 8.45 -4.24 1.28
N HIS A 43 8.08 -5.16 0.44
CA HIS A 43 8.94 -5.51 -0.72
C HIS A 43 9.36 -4.22 -1.40
N GLU A 44 8.41 -3.36 -1.70
CA GLU A 44 8.74 -2.07 -2.36
C GLU A 44 9.74 -1.32 -1.50
N ASN A 45 9.85 -1.68 -0.25
CA ASN A 45 10.84 -0.98 0.64
C ASN A 45 12.23 -1.54 0.35
N LEU A 46 12.32 -2.81 0.06
CA LEU A 46 13.63 -3.42 -0.23
C LEU A 46 14.13 -2.94 -1.61
N ILE A 47 13.22 -2.68 -2.50
CA ILE A 47 13.61 -2.21 -3.85
C ILE A 47 13.95 -0.71 -3.79
N ARG A 48 13.08 0.08 -3.25
CA ARG A 48 13.35 1.54 -3.16
C ARG A 48 14.26 1.81 -1.97
N GLN A 49 14.14 1.03 -0.93
CA GLN A 49 15.01 1.24 0.27
C GLN A 49 14.74 2.62 0.86
N THR A 50 13.49 3.03 0.90
CA THR A 50 13.17 4.36 1.46
C THR A 50 12.35 4.20 2.75
N ASN A 51 12.18 2.98 3.19
CA ASN A 51 11.39 2.76 4.44
C ASN A 51 9.95 3.23 4.23
N THR A 52 9.33 2.80 3.17
CA THR A 52 7.93 3.22 2.90
C THR A 52 6.96 2.41 3.77
N HIS A 53 6.01 3.07 4.38
CA HIS A 53 5.04 2.34 5.24
C HIS A 53 3.64 2.46 4.64
N ILE A 54 2.64 2.05 5.36
CA ILE A 54 1.25 2.16 4.83
C ILE A 54 0.63 3.48 5.29
N ARG A 55 0.19 4.28 4.37
CA ARG A 55 -0.43 5.58 4.75
C ARG A 55 -1.88 5.36 5.15
N SER A 56 -2.57 4.53 4.43
CA SER A 56 -4.00 4.27 4.75
C SER A 56 -4.44 2.96 4.10
N THR A 57 -5.30 2.22 4.74
CA THR A 57 -5.76 0.93 4.16
C THR A 57 -6.52 1.21 2.87
N GLY A 58 -6.31 0.40 1.86
CA GLY A 58 -7.02 0.61 0.57
C GLY A 58 -6.17 1.51 -0.33
N LYS A 59 -6.47 1.53 -1.60
CA LYS A 59 -5.69 2.37 -2.54
C LYS A 59 -5.58 3.79 -1.98
N CYS A 60 -4.50 4.47 -2.26
CA CYS A 60 -4.35 5.86 -1.75
C CYS A 60 -5.59 6.68 -2.09
N GLU A 61 -6.21 6.39 -3.20
CA GLU A 61 -7.44 7.14 -3.60
C GLU A 61 -8.64 6.54 -2.89
N GLU A 62 -8.62 5.25 -2.70
CA GLU A 62 -9.75 4.58 -2.00
C GLU A 62 -9.91 5.19 -0.61
N SER A 63 -8.86 5.75 -0.08
CA SER A 63 -8.94 6.36 1.28
C SER A 63 -9.77 7.65 1.22
N SER A 64 -10.55 7.91 2.22
CA SER A 64 -11.38 9.15 2.22
C SER A 64 -10.89 10.09 3.33
N THR A 65 -10.91 11.37 3.09
CA THR A 65 -10.44 12.33 4.12
C THR A 65 -11.58 13.28 4.50
N PRO A 66 -12.56 12.77 5.27
CA PRO A 66 -13.71 13.57 5.70
C PRO A 66 -13.31 14.61 6.76
N GLY A 67 -12.20 14.42 7.41
CA GLY A 67 -11.76 15.40 8.44
C GLY A 67 -12.42 15.06 9.77
N THR A 68 -12.36 15.95 10.72
CA THR A 68 -12.99 15.67 12.05
C THR A 68 -14.51 15.75 11.92
N THR A 69 -14.99 16.53 10.98
CA THR A 69 -16.46 16.66 10.81
C THR A 69 -16.83 16.35 9.36
N ALA A 70 -17.88 15.62 9.14
CA ALA A 70 -18.29 15.30 7.74
C ALA A 70 -18.64 16.59 7.00
N ALA A 71 -19.14 17.57 7.70
CA ALA A 71 -19.50 18.85 7.03
C ALA A 71 -18.24 19.50 6.47
N SER A 72 -17.11 19.26 7.07
CA SER A 72 -15.85 19.87 6.55
C SER A 72 -15.63 19.46 5.10
N MET A 73 -16.14 18.32 4.72
CA MET A 73 -15.96 17.87 3.31
C MET A 73 -16.88 18.68 2.39
N PRO A 74 -16.34 19.15 1.25
CA PRO A 74 -17.10 19.95 0.28
C PRO A 74 -18.14 19.09 -0.46
N PRO A 75 -19.31 19.69 -0.75
CA PRO A 75 -20.40 18.99 -1.44
C PRO A 75 -20.05 18.74 -2.91
N SER A 76 -20.46 17.61 -3.45
CA SER A 76 -20.16 17.31 -4.87
C SER A 76 -21.46 17.26 -5.66
N ASP A 77 -21.45 17.74 -6.88
CA ASP A 77 -22.69 17.71 -7.71
C ASP A 77 -22.75 16.42 -8.51
N GLU A 78 -21.90 15.48 -8.19
CA GLU A 78 -21.91 14.19 -8.95
C GLU A 78 -22.24 13.05 -7.98
N ASP A 3 1.48 -4.23 8.99
CA ASP A 3 2.05 -3.14 8.15
C ASP A 3 3.57 -3.23 8.14
N SER A 4 4.22 -2.40 7.37
CA SER A 4 5.72 -2.45 7.32
C SER A 4 6.27 -2.59 8.74
N GLU A 5 5.56 -2.10 9.71
CA GLU A 5 6.04 -2.22 11.11
C GLU A 5 6.47 -3.67 11.34
N MET A 6 5.85 -4.58 10.65
CA MET A 6 6.23 -6.01 10.79
C MET A 6 7.48 -6.27 9.96
N CYS A 7 7.60 -5.61 8.84
CA CYS A 7 8.80 -5.79 7.98
C CYS A 7 9.96 -4.97 8.55
N LYS A 8 9.76 -4.35 9.68
CA LYS A 8 10.85 -3.54 10.28
C LYS A 8 12.09 -4.42 10.51
N ASP A 9 11.88 -5.69 10.75
CA ASP A 9 13.03 -6.60 10.98
C ASP A 9 12.74 -7.98 10.36
N TYR A 10 12.73 -8.07 9.06
CA TYR A 10 12.46 -9.38 8.40
C TYR A 10 13.72 -9.81 7.64
N ARG A 11 13.62 -10.88 6.88
CA ARG A 11 14.80 -11.36 6.11
C ARG A 11 14.32 -12.04 4.83
N VAL A 12 15.07 -11.91 3.77
CA VAL A 12 14.67 -12.55 2.49
C VAL A 12 15.93 -12.95 1.70
N LEU A 13 15.89 -14.07 1.04
CA LEU A 13 17.09 -14.52 0.27
C LEU A 13 16.76 -14.56 -1.23
N PRO A 14 17.78 -14.78 -2.07
CA PRO A 14 17.60 -14.85 -3.52
C PRO A 14 16.81 -16.10 -3.93
N ARG A 15 16.82 -17.11 -3.12
CA ARG A 15 16.07 -18.36 -3.46
C ARG A 15 14.75 -18.37 -2.69
N ILE A 16 14.68 -17.66 -1.59
CA ILE A 16 13.42 -17.62 -0.80
C ILE A 16 12.53 -16.49 -1.31
N GLY A 17 13.10 -15.36 -1.61
CA GLY A 17 12.27 -14.21 -2.10
C GLY A 17 11.43 -13.66 -0.94
N TYR A 18 10.58 -12.72 -1.22
CA TYR A 18 9.73 -12.16 -0.13
C TYR A 18 8.53 -13.08 0.11
N LEU A 19 7.98 -13.04 1.30
CA LEU A 19 6.81 -13.92 1.60
C LEU A 19 5.56 -13.06 1.81
N CYS A 20 4.56 -13.24 0.98
CA CYS A 20 3.31 -12.44 1.13
C CYS A 20 2.11 -13.37 0.99
N PRO A 21 0.96 -12.96 1.56
CA PRO A 21 -0.28 -13.74 1.50
C PRO A 21 -0.89 -13.75 0.10
N LYS A 22 -1.86 -14.59 -0.13
CA LYS A 22 -2.50 -14.64 -1.47
C LYS A 22 -3.72 -13.72 -1.50
N ASP A 23 -4.06 -13.13 -0.39
CA ASP A 23 -5.23 -12.21 -0.35
C ASP A 23 -4.84 -10.85 -0.93
N LEU A 24 -5.62 -10.35 -1.85
CA LEU A 24 -5.29 -9.03 -2.46
C LEU A 24 -5.85 -7.91 -1.58
N LYS A 25 -5.01 -7.01 -1.15
CA LYS A 25 -5.51 -5.88 -0.30
C LYS A 25 -4.74 -4.61 -0.63
N PRO A 26 -5.38 -3.71 -1.39
CA PRO A 26 -4.77 -2.43 -1.81
C PRO A 26 -4.50 -1.51 -0.62
N VAL A 27 -3.26 -1.12 -0.44
CA VAL A 27 -2.93 -0.22 0.72
C VAL A 27 -2.33 1.08 0.20
N CYS A 28 -2.45 2.14 0.97
CA CYS A 28 -1.86 3.44 0.54
C CYS A 28 -0.54 3.64 1.28
N GLY A 29 0.50 4.00 0.57
CA GLY A 29 1.81 4.19 1.23
C GLY A 29 1.95 5.65 1.70
N ASP A 30 2.48 5.85 2.87
CA ASP A 30 2.64 7.25 3.39
C ASP A 30 3.63 8.01 2.51
N ASP A 31 4.31 7.33 1.63
CA ASP A 31 5.29 8.03 0.76
C ASP A 31 4.57 8.58 -0.48
N GLY A 32 3.26 8.57 -0.46
CA GLY A 32 2.50 9.09 -1.64
C GLY A 32 2.44 8.01 -2.72
N GLN A 33 2.49 6.77 -2.34
CA GLN A 33 2.43 5.67 -3.34
C GLN A 33 1.39 4.64 -2.90
N THR A 34 0.92 3.83 -3.81
CA THR A 34 -0.08 2.79 -3.43
C THR A 34 0.46 1.40 -3.78
N TYR A 35 0.31 0.46 -2.89
CA TYR A 35 0.81 -0.90 -3.18
C TYR A 35 -0.36 -1.88 -3.21
N ASN A 36 -0.50 -2.62 -4.29
CA ASN A 36 -1.64 -3.57 -4.39
C ASN A 36 -1.74 -4.42 -3.11
N ASN A 37 -0.92 -5.42 -2.99
CA ASN A 37 -0.98 -6.28 -1.76
C ASN A 37 -0.21 -5.58 -0.63
N PRO A 38 -0.68 -5.78 0.62
CA PRO A 38 -0.05 -5.17 1.80
C PRO A 38 1.39 -5.68 2.00
N CYS A 39 1.59 -6.97 2.03
CA CYS A 39 2.97 -7.48 2.20
C CYS A 39 3.79 -7.03 1.00
N MET A 40 3.16 -6.84 -0.13
CA MET A 40 3.89 -6.38 -1.33
C MET A 40 4.45 -4.99 -1.08
N LEU A 41 4.02 -4.35 -0.02
CA LEU A 41 4.52 -2.99 0.30
C LEU A 41 5.98 -3.10 0.75
N CYS A 42 6.27 -3.91 1.72
CA CYS A 42 7.68 -4.05 2.15
C CYS A 42 8.49 -4.61 0.98
N HIS A 43 7.81 -5.13 -0.01
CA HIS A 43 8.54 -5.67 -1.19
C HIS A 43 9.20 -4.50 -1.92
N GLU A 44 8.43 -3.51 -2.29
CA GLU A 44 9.02 -2.34 -2.98
C GLU A 44 9.94 -1.61 -2.00
N ASN A 45 9.73 -1.83 -0.73
CA ASN A 45 10.58 -1.15 0.29
C ASN A 45 11.94 -1.86 0.33
N LEU A 46 11.97 -3.14 0.08
CA LEU A 46 13.26 -3.87 0.09
C LEU A 46 14.12 -3.37 -1.07
N ILE A 47 13.50 -2.97 -2.15
CA ILE A 47 14.27 -2.45 -3.31
C ILE A 47 14.73 -1.03 -3.01
N ARG A 48 13.86 -0.21 -2.48
CA ARG A 48 14.24 1.19 -2.16
C ARG A 48 15.00 1.21 -0.83
N GLN A 49 14.85 0.18 -0.04
CA GLN A 49 15.56 0.13 1.27
C GLN A 49 15.07 1.26 2.17
N THR A 50 13.80 1.55 2.12
CA THR A 50 13.25 2.65 2.97
C THR A 50 12.25 2.06 3.97
N ASN A 51 11.78 2.85 4.89
CA ASN A 51 10.82 2.32 5.90
C ASN A 51 9.43 2.89 5.61
N THR A 52 8.89 2.62 4.45
CA THR A 52 7.54 3.14 4.10
C THR A 52 6.48 2.35 4.87
N HIS A 53 5.51 3.03 5.42
CA HIS A 53 4.44 2.32 6.18
C HIS A 53 3.10 2.51 5.46
N ILE A 54 2.07 1.84 5.90
CA ILE A 54 0.75 1.99 5.24
C ILE A 54 0.09 3.28 5.71
N ARG A 55 -0.27 4.14 4.81
CA ARG A 55 -0.91 5.42 5.20
C ARG A 55 -2.39 5.18 5.48
N SER A 56 -3.06 4.48 4.60
CA SER A 56 -4.50 4.20 4.80
C SER A 56 -4.87 2.91 4.06
N THR A 57 -5.82 2.18 4.56
CA THR A 57 -6.22 0.92 3.88
C THR A 57 -6.85 1.24 2.53
N GLY A 58 -6.60 0.42 1.54
CA GLY A 58 -7.17 0.68 0.19
C GLY A 58 -6.19 1.53 -0.62
N LYS A 59 -6.42 1.64 -1.89
CA LYS A 59 -5.50 2.46 -2.75
C LYS A 59 -5.81 3.94 -2.53
N CYS A 60 -4.83 4.69 -2.09
CA CYS A 60 -5.05 6.14 -1.86
C CYS A 60 -5.80 6.75 -3.05
N GLU A 61 -5.55 6.26 -4.23
CA GLU A 61 -6.26 6.81 -5.42
C GLU A 61 -7.63 6.14 -5.55
N GLU A 62 -7.80 4.99 -4.95
CA GLU A 62 -9.12 4.30 -5.02
C GLU A 62 -10.20 5.27 -4.53
N SER A 63 -9.80 6.27 -3.79
CA SER A 63 -10.80 7.25 -3.26
C SER A 63 -11.38 8.07 -4.41
N SER A 64 -10.58 8.34 -5.42
CA SER A 64 -11.09 9.13 -6.57
C SER A 64 -11.26 8.24 -7.79
N THR A 65 -12.20 8.54 -8.64
CA THR A 65 -12.41 7.70 -9.85
C THR A 65 -11.19 7.81 -10.77
N PRO A 66 -10.87 6.72 -11.50
CA PRO A 66 -9.73 6.69 -12.40
C PRO A 66 -9.97 7.54 -13.65
N GLY A 67 -11.19 7.93 -13.90
CA GLY A 67 -11.49 8.77 -15.10
C GLY A 67 -11.34 10.24 -14.74
N THR A 68 -11.62 11.13 -15.66
CA THR A 68 -11.48 12.58 -15.37
C THR A 68 -12.64 13.03 -14.47
N THR A 69 -13.74 12.32 -14.52
CA THR A 69 -14.91 12.70 -13.67
C THR A 69 -15.38 11.48 -12.87
N ALA A 70 -16.19 11.69 -11.87
CA ALA A 70 -16.68 10.54 -11.06
C ALA A 70 -17.61 9.68 -11.91
N ALA A 71 -18.25 10.27 -12.89
CA ALA A 71 -19.17 9.48 -13.76
C ALA A 71 -18.38 8.43 -14.52
N SER A 72 -17.11 8.65 -14.72
CA SER A 72 -16.28 7.66 -15.47
C SER A 72 -16.35 6.31 -14.76
N MET A 73 -16.56 6.31 -13.47
CA MET A 73 -16.62 5.02 -12.72
C MET A 73 -17.91 4.27 -13.12
N PRO A 74 -17.85 2.94 -13.14
CA PRO A 74 -19.00 2.10 -13.49
C PRO A 74 -20.08 2.12 -12.41
N PRO A 75 -21.35 2.07 -12.81
CA PRO A 75 -22.48 2.09 -11.88
C PRO A 75 -22.59 0.78 -11.09
N SER A 76 -21.70 -0.15 -11.32
CA SER A 76 -21.75 -1.43 -10.59
C SER A 76 -20.34 -1.87 -10.23
N ASP A 77 -20.14 -2.38 -9.04
CA ASP A 77 -18.78 -2.83 -8.63
C ASP A 77 -18.21 -3.78 -9.68
N GLU A 78 -19.05 -4.57 -10.29
CA GLU A 78 -18.56 -5.52 -11.33
C GLU A 78 -19.26 -5.22 -12.66
N ASP A 3 2.34 -3.44 8.08
CA ASP A 3 3.13 -2.19 8.04
C ASP A 3 4.61 -2.52 8.22
N SER A 4 5.47 -1.54 8.09
CA SER A 4 6.93 -1.80 8.26
C SER A 4 7.16 -2.61 9.54
N GLU A 5 6.31 -2.45 10.51
CA GLU A 5 6.48 -3.21 11.78
C GLU A 5 6.70 -4.68 11.44
N MET A 6 6.19 -5.12 10.32
CA MET A 6 6.37 -6.53 9.92
C MET A 6 7.80 -6.72 9.39
N CYS A 7 8.36 -5.70 8.82
CA CYS A 7 9.76 -5.82 8.28
C CYS A 7 10.75 -5.68 9.43
N LYS A 8 10.28 -5.34 10.60
CA LYS A 8 11.20 -5.19 11.76
C LYS A 8 11.95 -6.50 12.01
N ASP A 9 11.40 -7.60 11.58
CA ASP A 9 12.08 -8.91 11.82
C ASP A 9 11.75 -9.90 10.71
N TYR A 10 12.15 -9.61 9.50
CA TYR A 10 11.87 -10.55 8.37
C TYR A 10 13.16 -10.79 7.58
N ARG A 11 13.17 -11.77 6.71
CA ARG A 11 14.40 -12.05 5.92
C ARG A 11 14.01 -12.50 4.51
N VAL A 12 14.74 -12.06 3.52
CA VAL A 12 14.41 -12.47 2.13
C VAL A 12 15.70 -12.86 1.39
N LEU A 13 15.74 -14.02 0.80
CA LEU A 13 16.97 -14.45 0.07
C LEU A 13 16.66 -14.58 -1.42
N PRO A 14 17.70 -14.72 -2.26
CA PRO A 14 17.54 -14.85 -3.71
C PRO A 14 16.83 -16.15 -4.08
N ARG A 15 16.91 -17.14 -3.23
CA ARG A 15 16.24 -18.43 -3.52
C ARG A 15 14.91 -18.48 -2.77
N ILE A 16 14.82 -17.78 -1.67
CA ILE A 16 13.57 -17.77 -0.88
C ILE A 16 12.65 -16.67 -1.40
N GLY A 17 13.19 -15.50 -1.64
CA GLY A 17 12.35 -14.38 -2.15
C GLY A 17 11.47 -13.86 -1.02
N TYR A 18 10.47 -13.08 -1.35
CA TYR A 18 9.57 -12.53 -0.29
C TYR A 18 8.28 -13.37 -0.24
N LEU A 19 7.68 -13.48 0.90
CA LEU A 19 6.42 -14.27 1.02
C LEU A 19 5.24 -13.33 1.28
N CYS A 20 4.15 -13.53 0.59
CA CYS A 20 2.96 -12.67 0.78
C CYS A 20 1.70 -13.49 0.57
N PRO A 21 0.56 -13.04 1.13
CA PRO A 21 -0.71 -13.75 1.00
C PRO A 21 -1.27 -13.65 -0.42
N LYS A 22 -2.23 -14.47 -0.75
CA LYS A 22 -2.81 -14.42 -2.12
C LYS A 22 -3.89 -13.34 -2.19
N ASP A 23 -4.54 -13.06 -1.09
CA ASP A 23 -5.60 -12.02 -1.09
C ASP A 23 -4.98 -10.68 -1.53
N LEU A 24 -5.55 -10.07 -2.53
CA LEU A 24 -5.00 -8.75 -3.00
C LEU A 24 -5.67 -7.62 -2.24
N LYS A 25 -4.91 -6.88 -1.48
CA LYS A 25 -5.51 -5.73 -0.71
C LYS A 25 -4.71 -4.46 -1.00
N PRO A 26 -5.29 -3.55 -1.80
CA PRO A 26 -4.64 -2.29 -2.17
C PRO A 26 -4.41 -1.37 -0.96
N VAL A 27 -3.19 -0.99 -0.71
CA VAL A 27 -2.92 -0.10 0.45
C VAL A 27 -2.33 1.21 -0.04
N CYS A 28 -2.50 2.26 0.73
CA CYS A 28 -1.93 3.57 0.32
C CYS A 28 -0.61 3.76 1.07
N GLY A 29 0.40 4.27 0.40
CA GLY A 29 1.71 4.45 1.07
C GLY A 29 1.81 5.87 1.65
N ASP A 30 2.37 5.99 2.82
CA ASP A 30 2.49 7.34 3.45
C ASP A 30 3.50 8.18 2.66
N ASP A 31 4.23 7.56 1.77
CA ASP A 31 5.24 8.33 0.97
C ASP A 31 4.57 8.86 -0.30
N GLY A 32 3.27 8.77 -0.39
CA GLY A 32 2.57 9.28 -1.60
C GLY A 32 2.54 8.17 -2.67
N GLN A 33 2.74 6.94 -2.27
CA GLN A 33 2.73 5.83 -3.26
C GLN A 33 1.62 4.84 -2.90
N THR A 34 1.33 3.91 -3.76
CA THR A 34 0.25 2.91 -3.46
C THR A 34 0.76 1.51 -3.80
N TYR A 35 0.54 0.57 -2.92
CA TYR A 35 1.00 -0.82 -3.19
C TYR A 35 -0.21 -1.73 -3.34
N ASN A 36 -0.25 -2.53 -4.37
CA ASN A 36 -1.42 -3.43 -4.57
C ASN A 36 -1.60 -4.31 -3.33
N ASN A 37 -0.80 -5.34 -3.19
CA ASN A 37 -0.94 -6.21 -2.00
C ASN A 37 -0.21 -5.60 -0.80
N PRO A 38 -0.74 -5.81 0.41
CA PRO A 38 -0.15 -5.27 1.64
C PRO A 38 1.26 -5.83 1.89
N CYS A 39 1.42 -7.12 1.86
CA CYS A 39 2.78 -7.68 2.07
C CYS A 39 3.68 -7.17 0.94
N MET A 40 3.12 -6.92 -0.20
CA MET A 40 3.92 -6.40 -1.34
C MET A 40 4.47 -5.03 -0.97
N LEU A 41 3.97 -4.44 0.08
CA LEU A 41 4.46 -3.11 0.51
C LEU A 41 5.89 -3.25 1.02
N CYS A 42 6.12 -4.12 1.95
CA CYS A 42 7.51 -4.31 2.46
C CYS A 42 8.38 -4.80 1.30
N HIS A 43 7.76 -5.38 0.29
CA HIS A 43 8.55 -5.86 -0.88
C HIS A 43 9.08 -4.66 -1.65
N GLU A 44 8.21 -3.79 -2.09
CA GLU A 44 8.67 -2.59 -2.83
C GLU A 44 9.53 -1.75 -1.89
N ASN A 45 9.37 -1.94 -0.61
CA ASN A 45 10.18 -1.17 0.37
C ASN A 45 11.61 -1.73 0.38
N LEU A 46 11.75 -3.01 0.16
CA LEU A 46 13.11 -3.61 0.14
C LEU A 46 13.89 -3.04 -1.04
N ILE A 47 13.23 -2.84 -2.15
CA ILE A 47 13.92 -2.29 -3.34
C ILE A 47 14.26 -0.82 -3.07
N ARG A 48 13.34 -0.09 -2.50
CA ARG A 48 13.63 1.35 -2.20
C ARG A 48 14.46 1.44 -0.92
N GLN A 49 14.39 0.44 -0.10
CA GLN A 49 15.18 0.47 1.18
C GLN A 49 14.71 1.63 2.04
N THR A 50 13.42 1.79 2.17
CA THR A 50 12.87 2.90 3.00
C THR A 50 11.86 2.34 4.00
N ASN A 51 11.60 3.05 5.06
CA ASN A 51 10.62 2.56 6.07
C ASN A 51 9.23 3.09 5.72
N THR A 52 8.74 2.77 4.55
CA THR A 52 7.39 3.26 4.15
C THR A 52 6.31 2.52 4.94
N HIS A 53 5.27 3.21 5.32
CA HIS A 53 4.18 2.55 6.08
C HIS A 53 2.87 2.74 5.31
N ILE A 54 1.81 2.09 5.73
CA ILE A 54 0.52 2.25 5.01
C ILE A 54 -0.15 3.55 5.44
N ARG A 55 -0.50 4.37 4.51
CA ARG A 55 -1.16 5.66 4.83
C ARG A 55 -2.64 5.40 5.13
N SER A 56 -3.27 4.61 4.30
CA SER A 56 -4.71 4.30 4.49
C SER A 56 -5.05 3.03 3.73
N THR A 57 -6.07 2.32 4.13
CA THR A 57 -6.43 1.07 3.42
C THR A 57 -6.93 1.42 2.02
N GLY A 58 -6.56 0.63 1.04
CA GLY A 58 -7.02 0.92 -0.35
C GLY A 58 -5.94 1.73 -1.07
N LYS A 59 -6.06 1.88 -2.36
CA LYS A 59 -5.05 2.66 -3.12
C LYS A 59 -5.14 4.14 -2.72
N CYS A 60 -4.03 4.82 -2.68
CA CYS A 60 -4.05 6.26 -2.31
C CYS A 60 -5.12 6.99 -3.14
N GLU A 61 -5.40 6.49 -4.30
CA GLU A 61 -6.43 7.14 -5.16
C GLU A 61 -7.82 6.66 -4.76
N GLU A 62 -7.90 5.48 -4.19
CA GLU A 62 -9.23 4.95 -3.78
C GLU A 62 -9.80 5.81 -2.66
N SER A 63 -8.94 6.38 -1.85
CA SER A 63 -9.43 7.24 -0.73
C SER A 63 -10.18 8.45 -1.29
N SER A 64 -9.71 9.01 -2.37
CA SER A 64 -10.38 10.20 -2.95
C SER A 64 -10.94 9.84 -4.34
N THR A 65 -12.03 10.44 -4.72
CA THR A 65 -12.62 10.15 -6.05
C THR A 65 -11.66 10.63 -7.15
N PRO A 66 -11.80 10.07 -8.36
CA PRO A 66 -10.94 10.43 -9.50
C PRO A 66 -11.23 11.84 -9.99
N GLY A 67 -12.39 12.37 -9.68
CA GLY A 67 -12.73 13.75 -10.14
C GLY A 67 -13.43 13.68 -11.49
N THR A 68 -13.77 12.50 -11.95
CA THR A 68 -14.46 12.38 -13.27
C THR A 68 -15.87 12.95 -13.15
N THR A 69 -16.40 13.02 -11.96
CA THR A 69 -17.78 13.57 -11.79
C THR A 69 -17.76 15.07 -12.06
N ALA A 70 -16.62 15.70 -11.92
CA ALA A 70 -16.53 17.16 -12.17
C ALA A 70 -16.90 17.46 -13.62
N ALA A 71 -16.58 16.57 -14.52
CA ALA A 71 -16.92 16.79 -15.95
C ALA A 71 -18.43 16.81 -16.13
N SER A 72 -19.14 16.12 -15.28
CA SER A 72 -20.63 16.10 -15.40
C SER A 72 -21.19 17.49 -15.07
N MET A 73 -20.50 18.24 -14.26
CA MET A 73 -21.00 19.60 -13.91
C MET A 73 -21.28 20.38 -15.19
N PRO A 74 -20.25 20.58 -16.02
CA PRO A 74 -20.38 21.30 -17.29
C PRO A 74 -21.20 20.52 -18.32
N PRO A 75 -21.89 21.25 -19.22
CA PRO A 75 -22.71 20.62 -20.26
C PRO A 75 -21.86 19.90 -21.32
N SER A 76 -20.62 20.29 -21.45
CA SER A 76 -19.75 19.63 -22.46
C SER A 76 -18.44 19.20 -21.79
N ASP A 77 -17.93 18.06 -22.17
CA ASP A 77 -16.65 17.58 -21.55
C ASP A 77 -15.55 18.61 -21.78
N GLU A 78 -15.55 19.25 -22.93
CA GLU A 78 -14.51 20.27 -23.22
C GLU A 78 -15.08 21.34 -24.14
N ASP A 3 1.58 -5.66 9.44
CA ASP A 3 1.66 -4.34 8.74
C ASP A 3 3.13 -3.99 8.50
N SER A 4 3.39 -2.97 7.73
CA SER A 4 4.80 -2.58 7.46
C SER A 4 5.60 -2.60 8.77
N GLU A 5 4.96 -2.27 9.86
CA GLU A 5 5.68 -2.28 11.17
C GLU A 5 6.38 -3.63 11.33
N MET A 6 5.84 -4.65 10.74
CA MET A 6 6.47 -6.00 10.85
C MET A 6 7.65 -6.06 9.88
N CYS A 7 7.55 -5.37 8.77
CA CYS A 7 8.66 -5.38 7.79
C CYS A 7 9.72 -4.34 8.21
N LYS A 8 9.50 -3.69 9.32
CA LYS A 8 10.48 -2.66 9.78
C LYS A 8 11.83 -3.35 10.05
N ASP A 9 11.80 -4.58 10.47
CA ASP A 9 13.08 -5.29 10.75
C ASP A 9 12.95 -6.77 10.38
N TYR A 10 12.83 -7.07 9.12
CA TYR A 10 12.71 -8.50 8.70
C TYR A 10 13.89 -8.87 7.79
N ARG A 11 13.86 -10.02 7.19
CA ARG A 11 14.98 -10.42 6.30
C ARG A 11 14.46 -11.36 5.20
N VAL A 12 15.10 -11.37 4.06
CA VAL A 12 14.65 -12.26 2.96
C VAL A 12 15.85 -12.70 2.13
N LEU A 13 15.98 -13.97 1.87
CA LEU A 13 17.13 -14.47 1.06
C LEU A 13 16.65 -14.79 -0.37
N PRO A 14 17.59 -15.14 -1.26
CA PRO A 14 17.27 -15.47 -2.65
C PRO A 14 16.46 -16.76 -2.76
N ARG A 15 16.58 -17.63 -1.79
CA ARG A 15 15.82 -18.91 -1.85
C ARG A 15 14.53 -18.78 -1.03
N ILE A 16 14.53 -17.93 -0.04
CA ILE A 16 13.31 -17.76 0.79
C ILE A 16 12.37 -16.77 0.10
N GLY A 17 12.88 -15.68 -0.37
CA GLY A 17 12.00 -14.68 -1.06
C GLY A 17 11.08 -14.03 -0.03
N TYR A 18 10.09 -13.30 -0.48
CA TYR A 18 9.15 -12.65 0.47
C TYR A 18 7.92 -13.53 0.66
N LEU A 19 7.31 -13.49 1.81
CA LEU A 19 6.10 -14.32 2.06
C LEU A 19 4.88 -13.40 2.18
N CYS A 20 3.99 -13.46 1.24
CA CYS A 20 2.77 -12.60 1.30
C CYS A 20 1.52 -13.45 1.13
N PRO A 21 0.37 -12.96 1.64
CA PRO A 21 -0.90 -13.66 1.54
C PRO A 21 -1.44 -13.66 0.12
N LYS A 22 -2.45 -14.44 -0.16
CA LYS A 22 -3.01 -14.47 -1.53
C LYS A 22 -4.14 -13.45 -1.65
N ASP A 23 -4.63 -12.95 -0.54
CA ASP A 23 -5.73 -11.96 -0.59
C ASP A 23 -5.18 -10.62 -1.08
N LEU A 24 -5.67 -10.12 -2.19
CA LEU A 24 -5.16 -8.83 -2.72
C LEU A 24 -5.81 -7.67 -1.95
N LYS A 25 -5.03 -6.94 -1.20
CA LYS A 25 -5.59 -5.79 -0.42
C LYS A 25 -4.79 -4.53 -0.74
N PRO A 26 -5.39 -3.59 -1.46
CA PRO A 26 -4.74 -2.33 -1.85
C PRO A 26 -4.41 -1.46 -0.63
N VAL A 27 -3.16 -1.12 -0.47
CA VAL A 27 -2.77 -0.27 0.69
C VAL A 27 -2.15 1.03 0.19
N CYS A 28 -2.21 2.07 0.96
CA CYS A 28 -1.60 3.36 0.54
C CYS A 28 -0.20 3.45 1.14
N GLY A 29 0.74 3.99 0.42
CA GLY A 29 2.12 4.10 0.98
C GLY A 29 2.30 5.50 1.58
N ASP A 30 2.95 5.58 2.71
CA ASP A 30 3.15 6.92 3.34
C ASP A 30 4.13 7.74 2.49
N ASP A 31 4.70 7.15 1.48
CA ASP A 31 5.66 7.92 0.62
C ASP A 31 4.90 8.56 -0.54
N GLY A 32 3.61 8.38 -0.60
CA GLY A 32 2.83 8.99 -1.70
C GLY A 32 2.63 7.97 -2.82
N GLN A 33 2.69 6.70 -2.50
CA GLN A 33 2.51 5.65 -3.55
C GLN A 33 1.51 4.61 -3.06
N THR A 34 0.99 3.80 -3.94
CA THR A 34 0.01 2.76 -3.50
C THR A 34 0.54 1.37 -3.87
N TYR A 35 0.19 0.37 -3.12
CA TYR A 35 0.68 -1.00 -3.42
C TYR A 35 -0.51 -1.96 -3.46
N ASN A 36 -0.59 -2.76 -4.49
CA ASN A 36 -1.74 -3.71 -4.59
C ASN A 36 -1.87 -4.52 -3.29
N ASN A 37 -1.05 -5.52 -3.11
CA ASN A 37 -1.14 -6.33 -1.87
C ASN A 37 -0.39 -5.62 -0.72
N PRO A 38 -0.87 -5.80 0.52
CA PRO A 38 -0.24 -5.18 1.71
C PRO A 38 1.17 -5.71 1.94
N CYS A 39 1.33 -7.00 2.00
CA CYS A 39 2.70 -7.56 2.19
C CYS A 39 3.56 -7.15 1.01
N MET A 40 2.95 -6.99 -0.13
CA MET A 40 3.70 -6.58 -1.35
C MET A 40 4.26 -5.16 -1.13
N LEU A 41 3.74 -4.46 -0.16
CA LEU A 41 4.23 -3.09 0.10
C LEU A 41 5.66 -3.17 0.65
N CYS A 42 5.86 -3.94 1.68
CA CYS A 42 7.24 -4.06 2.25
C CYS A 42 8.19 -4.39 1.10
N HIS A 43 7.78 -5.22 0.19
CA HIS A 43 8.66 -5.57 -0.95
C HIS A 43 9.19 -4.27 -1.56
N GLU A 44 8.32 -3.31 -1.73
CA GLU A 44 8.75 -2.01 -2.30
C GLU A 44 9.78 -1.38 -1.35
N ASN A 45 9.79 -1.79 -0.12
CA ASN A 45 10.77 -1.23 0.86
C ASN A 45 12.14 -1.85 0.59
N LEU A 46 12.17 -3.07 0.14
CA LEU A 46 13.47 -3.74 -0.13
C LEU A 46 14.13 -3.11 -1.36
N ILE A 47 13.33 -2.73 -2.32
CA ILE A 47 13.91 -2.10 -3.55
C ILE A 47 14.33 -0.65 -3.24
N ARG A 48 13.44 0.11 -2.67
CA ARG A 48 13.78 1.53 -2.34
C ARG A 48 14.57 1.59 -1.04
N GLN A 49 14.24 0.75 -0.10
CA GLN A 49 14.97 0.75 1.21
C GLN A 49 14.75 2.09 1.90
N THR A 50 13.60 2.68 1.75
CA THR A 50 13.33 3.99 2.41
C THR A 50 12.43 3.78 3.62
N ASN A 51 12.17 2.55 3.97
CA ASN A 51 11.30 2.28 5.14
C ASN A 51 9.89 2.81 4.87
N THR A 52 9.36 2.50 3.72
CA THR A 52 7.98 2.98 3.39
C THR A 52 6.95 2.07 4.06
N HIS A 53 6.06 2.64 4.82
CA HIS A 53 5.02 1.81 5.49
C HIS A 53 3.66 2.07 4.85
N ILE A 54 2.62 1.57 5.44
CA ILE A 54 1.26 1.78 4.87
C ILE A 54 0.68 3.09 5.41
N ARG A 55 0.26 3.95 4.53
CA ARG A 55 -0.32 5.25 4.96
C ARG A 55 -1.76 5.03 5.40
N SER A 56 -2.51 4.32 4.61
CA SER A 56 -3.94 4.06 4.95
C SER A 56 -4.42 2.82 4.20
N THR A 57 -5.17 1.97 4.85
CA THR A 57 -5.66 0.74 4.16
C THR A 57 -6.40 1.13 2.88
N GLY A 58 -6.40 0.27 1.90
CA GLY A 58 -7.11 0.59 0.63
C GLY A 58 -6.27 1.61 -0.15
N LYS A 59 -6.54 1.74 -1.42
CA LYS A 59 -5.77 2.72 -2.23
C LYS A 59 -5.97 4.13 -1.65
N CYS A 60 -4.97 4.95 -1.70
CA CYS A 60 -5.10 6.33 -1.16
C CYS A 60 -6.19 7.08 -1.92
N GLU A 61 -6.30 6.83 -3.19
CA GLU A 61 -7.35 7.52 -3.99
C GLU A 61 -8.68 6.79 -3.79
N GLU A 62 -8.61 5.55 -3.41
CA GLU A 62 -9.86 4.78 -3.18
C GLU A 62 -10.60 5.36 -1.98
N SER A 63 -9.92 6.10 -1.16
CA SER A 63 -10.57 6.71 0.03
C SER A 63 -11.37 7.94 -0.39
N SER A 64 -11.00 8.57 -1.47
CA SER A 64 -11.74 9.79 -1.93
C SER A 64 -13.13 9.38 -2.43
N THR A 65 -14.05 10.30 -2.45
CA THR A 65 -15.43 9.96 -2.93
C THR A 65 -15.35 9.40 -4.35
N PRO A 66 -16.35 8.60 -4.75
CA PRO A 66 -16.40 7.99 -6.08
C PRO A 66 -16.69 9.03 -7.16
N GLY A 67 -17.12 10.20 -6.77
CA GLY A 67 -17.41 11.26 -7.77
C GLY A 67 -18.88 11.18 -8.18
N THR A 68 -19.66 10.40 -7.49
CA THR A 68 -21.10 10.27 -7.84
C THR A 68 -21.95 10.66 -6.62
N THR A 69 -23.19 11.00 -6.85
CA THR A 69 -24.07 11.39 -5.70
C THR A 69 -24.45 10.13 -4.91
N ALA A 70 -24.25 8.97 -5.47
CA ALA A 70 -24.60 7.71 -4.76
C ALA A 70 -23.69 7.56 -3.53
N ALA A 71 -22.49 8.07 -3.60
CA ALA A 71 -21.57 7.94 -2.44
C ALA A 71 -22.18 8.65 -1.23
N SER A 72 -21.99 8.09 -0.06
CA SER A 72 -22.56 8.72 1.17
C SER A 72 -22.01 10.14 1.32
N MET A 73 -20.79 10.36 0.91
CA MET A 73 -20.19 11.71 1.04
C MET A 73 -20.96 12.70 0.15
N PRO A 74 -20.95 13.98 0.53
CA PRO A 74 -21.65 15.03 -0.23
C PRO A 74 -20.97 15.32 -1.57
N PRO A 75 -21.76 15.72 -2.57
CA PRO A 75 -21.25 16.04 -3.92
C PRO A 75 -20.40 17.31 -3.92
N SER A 76 -19.66 17.54 -4.97
CA SER A 76 -18.81 18.77 -5.04
C SER A 76 -19.64 19.93 -5.59
N ASP A 77 -20.80 19.65 -6.12
CA ASP A 77 -21.64 20.74 -6.68
C ASP A 77 -22.55 21.29 -5.58
N GLU A 78 -22.41 22.54 -5.24
CA GLU A 78 -23.27 23.14 -4.18
C GLU A 78 -23.01 22.42 -2.86
N ASP A 3 2.68 -3.16 8.47
CA ASP A 3 3.53 -1.94 8.34
C ASP A 3 5.01 -2.36 8.33
N SER A 4 5.90 -1.41 8.28
CA SER A 4 7.35 -1.74 8.26
C SER A 4 7.69 -2.59 9.49
N GLU A 5 7.05 -2.32 10.60
CA GLU A 5 7.34 -3.10 11.82
C GLU A 5 7.22 -4.59 11.49
N MET A 6 6.42 -4.92 10.51
CA MET A 6 6.28 -6.35 10.13
C MET A 6 7.52 -6.79 9.37
N CYS A 7 8.18 -5.88 8.73
CA CYS A 7 9.40 -6.24 7.96
C CYS A 7 10.59 -6.34 8.93
N LYS A 8 10.42 -5.87 10.13
CA LYS A 8 11.54 -5.95 11.13
C LYS A 8 11.58 -7.34 11.74
N ASP A 9 10.79 -8.26 11.25
CA ASP A 9 10.80 -9.63 11.84
C ASP A 9 10.71 -10.69 10.73
N TYR A 10 10.94 -10.31 9.50
CA TYR A 10 10.87 -11.31 8.40
C TYR A 10 12.20 -11.36 7.65
N ARG A 11 12.53 -12.48 7.08
CA ARG A 11 13.81 -12.59 6.33
C ARG A 11 13.54 -13.17 4.95
N VAL A 12 14.13 -12.61 3.92
CA VAL A 12 13.89 -13.13 2.55
C VAL A 12 15.23 -13.42 1.88
N LEU A 13 15.27 -14.40 1.01
CA LEU A 13 16.55 -14.74 0.33
C LEU A 13 16.35 -14.68 -1.18
N PRO A 14 17.45 -14.85 -1.94
CA PRO A 14 17.40 -14.83 -3.41
C PRO A 14 16.63 -16.01 -3.98
N ARG A 15 16.51 -17.06 -3.24
CA ARG A 15 15.76 -18.26 -3.73
C ARG A 15 14.41 -18.34 -3.02
N ILE A 16 14.29 -17.77 -1.86
CA ILE A 16 13.00 -17.81 -1.13
C ILE A 16 12.06 -16.73 -1.66
N GLY A 17 12.55 -15.52 -1.79
CA GLY A 17 11.69 -14.42 -2.31
C GLY A 17 10.83 -13.87 -1.17
N TYR A 18 9.81 -13.13 -1.49
CA TYR A 18 8.94 -12.57 -0.41
C TYR A 18 7.71 -13.45 -0.21
N LEU A 19 7.18 -13.48 0.97
CA LEU A 19 5.99 -14.34 1.23
C LEU A 19 4.76 -13.46 1.50
N CYS A 20 3.83 -13.43 0.59
CA CYS A 20 2.62 -12.59 0.79
C CYS A 20 1.38 -13.47 0.62
N PRO A 21 0.26 -13.06 1.23
CA PRO A 21 -1.00 -13.82 1.14
C PRO A 21 -1.62 -13.72 -0.26
N LYS A 22 -2.56 -14.57 -0.55
CA LYS A 22 -3.20 -14.54 -1.90
C LYS A 22 -4.30 -13.48 -1.91
N ASP A 23 -4.83 -13.13 -0.77
CA ASP A 23 -5.90 -12.10 -0.72
C ASP A 23 -5.34 -10.77 -1.22
N LEU A 24 -5.96 -10.17 -2.19
CA LEU A 24 -5.47 -8.87 -2.70
C LEU A 24 -6.04 -7.72 -1.86
N LYS A 25 -5.20 -6.91 -1.29
CA LYS A 25 -5.69 -5.79 -0.45
C LYS A 25 -4.91 -4.51 -0.81
N PRO A 26 -5.53 -3.62 -1.58
CA PRO A 26 -4.92 -2.36 -2.02
C PRO A 26 -4.61 -1.42 -0.85
N VAL A 27 -3.37 -1.08 -0.66
CA VAL A 27 -3.00 -0.15 0.45
C VAL A 27 -2.41 1.14 -0.11
N CYS A 28 -2.48 2.21 0.63
CA CYS A 28 -1.92 3.50 0.15
C CYS A 28 -0.57 3.75 0.85
N GLY A 29 0.51 3.66 0.13
CA GLY A 29 1.85 3.88 0.77
C GLY A 29 1.96 5.34 1.22
N ASP A 30 2.50 5.56 2.40
CA ASP A 30 2.64 6.96 2.89
C ASP A 30 3.69 7.69 2.06
N ASP A 31 4.41 6.98 1.24
CA ASP A 31 5.44 7.65 0.39
C ASP A 31 4.77 8.24 -0.85
N GLY A 32 3.47 8.17 -0.93
CA GLY A 32 2.77 8.75 -2.12
C GLY A 32 2.61 7.65 -3.17
N GLN A 33 2.79 6.42 -2.79
CA GLN A 33 2.65 5.30 -3.76
C GLN A 33 1.58 4.33 -3.27
N THR A 34 1.00 3.57 -4.15
CA THR A 34 -0.04 2.60 -3.73
C THR A 34 0.40 1.18 -4.07
N TYR A 35 0.24 0.26 -3.16
CA TYR A 35 0.66 -1.14 -3.44
C TYR A 35 -0.58 -2.04 -3.49
N ASN A 36 -0.70 -2.82 -4.53
CA ASN A 36 -1.89 -3.72 -4.64
C ASN A 36 -2.03 -4.53 -3.35
N ASN A 37 -1.23 -5.54 -3.17
CA ASN A 37 -1.33 -6.35 -1.93
C ASN A 37 -0.58 -5.66 -0.79
N PRO A 38 -1.05 -5.83 0.45
CA PRO A 38 -0.42 -5.21 1.63
C PRO A 38 1.00 -5.76 1.84
N CYS A 39 1.16 -7.06 1.87
CA CYS A 39 2.52 -7.62 2.05
C CYS A 39 3.38 -7.14 0.89
N MET A 40 2.77 -6.89 -0.23
CA MET A 40 3.54 -6.40 -1.41
C MET A 40 4.10 -5.01 -1.11
N LEU A 41 3.55 -4.34 -0.13
CA LEU A 41 4.06 -2.99 0.22
C LEU A 41 5.47 -3.14 0.78
N CYS A 42 5.65 -3.98 1.76
CA CYS A 42 7.00 -4.17 2.34
C CYS A 42 7.98 -4.45 1.19
N HIS A 43 7.47 -4.98 0.11
CA HIS A 43 8.35 -5.25 -1.06
C HIS A 43 8.97 -3.94 -1.53
N GLU A 44 8.17 -2.93 -1.72
CA GLU A 44 8.72 -1.62 -2.15
C GLU A 44 9.73 -1.15 -1.11
N ASN A 45 9.66 -1.69 0.08
CA ASN A 45 10.63 -1.27 1.14
C ASN A 45 11.98 -1.97 0.88
N LEU A 46 11.94 -3.18 0.42
CA LEU A 46 13.20 -3.91 0.14
C LEU A 46 13.90 -3.27 -1.06
N ILE A 47 13.15 -2.78 -2.01
CA ILE A 47 13.77 -2.15 -3.21
C ILE A 47 14.32 -0.76 -2.85
N ARG A 48 13.50 0.09 -2.28
CA ARG A 48 13.98 1.45 -1.94
C ARG A 48 14.60 1.46 -0.53
N GLN A 49 14.13 0.61 0.35
CA GLN A 49 14.69 0.58 1.72
C GLN A 49 14.44 1.94 2.40
N THR A 50 13.31 2.53 2.15
CA THR A 50 13.01 3.85 2.77
C THR A 50 12.06 3.65 3.96
N ASN A 51 11.78 2.43 4.31
CA ASN A 51 10.87 2.17 5.47
C ASN A 51 9.49 2.75 5.15
N THR A 52 8.93 2.41 4.02
CA THR A 52 7.58 2.94 3.67
C THR A 52 6.52 2.19 4.47
N HIS A 53 5.51 2.87 4.94
CA HIS A 53 4.45 2.19 5.72
C HIS A 53 3.11 2.35 5.02
N ILE A 54 2.05 1.88 5.62
CA ILE A 54 0.71 2.01 4.99
C ILE A 54 0.09 3.34 5.40
N ARG A 55 -0.28 4.14 4.44
CA ARG A 55 -0.90 5.46 4.75
C ARG A 55 -2.38 5.26 5.06
N SER A 56 -3.10 4.67 4.14
CA SER A 56 -4.55 4.44 4.36
C SER A 56 -4.97 3.17 3.63
N THR A 57 -5.83 2.39 4.22
CA THR A 57 -6.26 1.13 3.56
C THR A 57 -6.89 1.46 2.21
N GLY A 58 -6.69 0.61 1.24
CA GLY A 58 -7.25 0.86 -0.12
C GLY A 58 -6.30 1.74 -0.91
N LYS A 59 -6.46 1.77 -2.21
CA LYS A 59 -5.57 2.60 -3.06
C LYS A 59 -5.88 4.08 -2.82
N CYS A 60 -4.87 4.89 -2.63
CA CYS A 60 -5.11 6.34 -2.40
C CYS A 60 -5.83 6.93 -3.61
N GLU A 61 -5.58 6.41 -4.78
CA GLU A 61 -6.25 6.94 -5.99
C GLU A 61 -7.64 6.30 -6.13
N GLU A 62 -7.90 5.26 -5.39
CA GLU A 62 -9.22 4.60 -5.47
C GLU A 62 -10.28 5.49 -4.83
N SER A 63 -9.89 6.28 -3.85
CA SER A 63 -10.86 7.18 -3.19
C SER A 63 -11.41 8.19 -4.19
N SER A 64 -10.58 8.63 -5.12
CA SER A 64 -11.05 9.61 -6.13
C SER A 64 -10.93 9.00 -7.53
N THR A 65 -11.79 9.39 -8.43
CA THR A 65 -11.74 8.83 -9.81
C THR A 65 -11.46 9.97 -10.80
N PRO A 66 -11.07 9.62 -12.04
CA PRO A 66 -10.78 10.60 -13.08
C PRO A 66 -12.04 11.30 -13.58
N GLY A 67 -13.18 10.70 -13.37
CA GLY A 67 -14.45 11.34 -13.84
C GLY A 67 -14.97 12.30 -12.76
N THR A 68 -16.13 12.86 -12.97
CA THR A 68 -16.70 13.80 -11.96
C THR A 68 -18.08 13.33 -11.54
N THR A 69 -18.57 13.79 -10.42
CA THR A 69 -19.91 13.37 -9.97
C THR A 69 -20.86 14.57 -9.94
N ALA A 70 -22.14 14.33 -9.85
CA ALA A 70 -23.11 15.47 -9.81
C ALA A 70 -22.89 16.29 -8.54
N ALA A 71 -22.46 15.65 -7.49
CA ALA A 71 -22.23 16.39 -6.21
C ALA A 71 -20.74 16.56 -5.98
N SER A 72 -20.32 17.73 -5.54
CA SER A 72 -18.87 17.96 -5.30
C SER A 72 -18.34 16.91 -4.33
N MET A 73 -19.16 16.47 -3.42
CA MET A 73 -18.70 15.44 -2.44
C MET A 73 -19.65 14.23 -2.50
N PRO A 74 -19.36 13.28 -3.38
CA PRO A 74 -20.18 12.07 -3.54
C PRO A 74 -20.04 11.13 -2.34
N PRO A 75 -21.06 10.30 -2.09
CA PRO A 75 -21.07 9.35 -0.98
C PRO A 75 -20.08 8.20 -1.20
N SER A 76 -19.38 8.21 -2.30
CA SER A 76 -18.41 7.12 -2.57
C SER A 76 -17.01 7.53 -2.05
N ASP A 77 -16.84 8.79 -1.74
CA ASP A 77 -15.52 9.24 -1.23
C ASP A 77 -15.54 9.24 0.30
N GLU A 78 -14.87 8.29 0.90
CA GLU A 78 -14.85 8.23 2.39
C GLU A 78 -13.58 7.51 2.86
N ASP A 3 1.28 -4.24 8.93
CA ASP A 3 1.88 -3.13 8.13
C ASP A 3 3.41 -3.26 8.16
N SER A 4 4.10 -2.42 7.43
CA SER A 4 5.59 -2.50 7.41
C SER A 4 6.11 -2.71 8.83
N GLU A 5 5.38 -2.27 9.82
CA GLU A 5 5.82 -2.45 11.22
C GLU A 5 6.29 -3.89 11.39
N MET A 6 5.67 -4.79 10.67
CA MET A 6 6.07 -6.22 10.74
C MET A 6 7.37 -6.40 9.96
N CYS A 7 7.52 -5.66 8.90
CA CYS A 7 8.75 -5.78 8.08
C CYS A 7 9.86 -4.92 8.71
N LYS A 8 9.61 -4.39 9.88
CA LYS A 8 10.65 -3.56 10.55
C LYS A 8 11.90 -4.41 10.81
N ASP A 9 11.71 -5.66 11.11
CA ASP A 9 12.88 -6.55 11.38
C ASP A 9 12.64 -7.93 10.77
N TYR A 10 12.66 -8.04 9.48
CA TYR A 10 12.44 -9.37 8.84
C TYR A 10 13.71 -9.80 8.11
N ARG A 11 13.63 -10.84 7.32
CA ARG A 11 14.84 -11.30 6.58
C ARG A 11 14.41 -12.01 5.29
N VAL A 12 15.15 -11.82 4.23
CA VAL A 12 14.78 -12.48 2.94
C VAL A 12 16.06 -12.91 2.22
N LEU A 13 16.07 -14.08 1.64
CA LEU A 13 17.28 -14.54 0.92
C LEU A 13 16.94 -14.79 -0.56
N PRO A 14 17.96 -15.11 -1.37
CA PRO A 14 17.78 -15.37 -2.81
C PRO A 14 16.98 -16.66 -3.06
N ARG A 15 17.00 -17.56 -2.13
CA ARG A 15 16.25 -18.83 -2.32
C ARG A 15 14.95 -18.77 -1.53
N ILE A 16 14.84 -17.86 -0.62
CA ILE A 16 13.58 -17.74 0.19
C ILE A 16 12.69 -16.66 -0.41
N GLY A 17 13.25 -15.55 -0.81
CA GLY A 17 12.43 -14.46 -1.39
C GLY A 17 11.59 -13.81 -0.30
N TYR A 18 10.81 -12.82 -0.64
CA TYR A 18 9.97 -12.15 0.40
C TYR A 18 8.75 -13.02 0.71
N LEU A 19 8.20 -12.88 1.89
CA LEU A 19 7.02 -13.70 2.26
C LEU A 19 5.79 -12.80 2.35
N CYS A 20 4.76 -13.11 1.61
CA CYS A 20 3.52 -12.28 1.65
C CYS A 20 2.31 -13.18 1.41
N PRO A 21 1.13 -12.75 1.87
CA PRO A 21 -0.11 -13.52 1.71
C PRO A 21 -0.58 -13.54 0.26
N LYS A 22 -1.53 -14.36 -0.07
CA LYS A 22 -2.02 -14.42 -1.47
C LYS A 22 -3.24 -13.52 -1.63
N ASP A 23 -3.75 -13.00 -0.54
CA ASP A 23 -4.94 -12.11 -0.63
C ASP A 23 -4.51 -10.73 -1.12
N LEU A 24 -5.00 -10.30 -2.25
CA LEU A 24 -4.61 -8.96 -2.77
C LEU A 24 -5.33 -7.87 -1.99
N LYS A 25 -4.60 -7.03 -1.30
CA LYS A 25 -5.23 -5.94 -0.52
C LYS A 25 -4.50 -4.63 -0.82
N PRO A 26 -5.15 -3.74 -1.58
CA PRO A 26 -4.58 -2.44 -1.97
C PRO A 26 -4.36 -1.53 -0.75
N VAL A 27 -3.15 -1.14 -0.51
CA VAL A 27 -2.86 -0.25 0.65
C VAL A 27 -2.25 1.07 0.17
N CYS A 28 -2.40 2.10 0.94
CA CYS A 28 -1.80 3.41 0.56
C CYS A 28 -0.45 3.55 1.28
N GLY A 29 0.49 4.22 0.68
CA GLY A 29 1.82 4.37 1.34
C GLY A 29 1.90 5.77 1.98
N ASP A 30 2.48 5.85 3.14
CA ASP A 30 2.59 7.17 3.82
C ASP A 30 3.51 8.08 3.00
N ASP A 31 4.19 7.53 2.03
CA ASP A 31 5.09 8.36 1.19
C ASP A 31 4.32 8.93 -0.01
N GLY A 32 3.05 8.64 -0.10
CA GLY A 32 2.27 9.16 -1.26
C GLY A 32 2.24 8.11 -2.38
N GLN A 33 2.52 6.88 -2.05
CA GLN A 33 2.52 5.81 -3.09
C GLN A 33 1.48 4.76 -2.73
N THR A 34 1.16 3.87 -3.65
CA THR A 34 0.16 2.81 -3.34
C THR A 34 0.74 1.44 -3.67
N TYR A 35 0.37 0.44 -2.94
CA TYR A 35 0.92 -0.92 -3.21
C TYR A 35 -0.24 -1.91 -3.31
N ASN A 36 -0.28 -2.68 -4.37
CA ASN A 36 -1.39 -3.66 -4.53
C ASN A 36 -1.54 -4.48 -3.25
N ASN A 37 -0.68 -5.44 -3.03
CA ASN A 37 -0.79 -6.27 -1.80
C ASN A 37 -0.13 -5.52 -0.63
N PRO A 38 -0.64 -5.75 0.60
CA PRO A 38 -0.12 -5.10 1.81
C PRO A 38 1.32 -5.52 2.11
N CYS A 39 1.58 -6.80 2.21
CA CYS A 39 2.97 -7.25 2.48
C CYS A 39 3.86 -6.81 1.31
N MET A 40 3.27 -6.69 0.14
CA MET A 40 4.06 -6.25 -1.03
C MET A 40 4.61 -4.84 -0.77
N LEU A 41 4.07 -4.17 0.21
CA LEU A 41 4.56 -2.80 0.53
C LEU A 41 6.01 -2.88 0.97
N CYS A 42 6.34 -3.80 1.83
CA CYS A 42 7.75 -3.94 2.27
C CYS A 42 8.55 -4.51 1.11
N HIS A 43 7.88 -5.14 0.17
CA HIS A 43 8.58 -5.70 -1.01
C HIS A 43 9.15 -4.55 -1.84
N GLU A 44 8.32 -3.61 -2.19
CA GLU A 44 8.82 -2.45 -2.97
C GLU A 44 9.77 -1.65 -2.10
N ASN A 45 9.67 -1.83 -0.81
CA ASN A 45 10.58 -1.10 0.12
C ASN A 45 11.94 -1.78 0.12
N LEU A 46 11.97 -3.07 -0.07
CA LEU A 46 13.27 -3.79 -0.10
C LEU A 46 14.06 -3.31 -1.31
N ILE A 47 13.38 -2.93 -2.36
CA ILE A 47 14.08 -2.44 -3.58
C ILE A 47 14.52 -0.99 -3.33
N ARG A 48 13.65 -0.19 -2.78
CA ARG A 48 14.02 1.23 -2.51
C ARG A 48 14.85 1.30 -1.23
N GLN A 49 14.84 0.25 -0.45
CA GLN A 49 15.62 0.24 0.82
C GLN A 49 15.08 1.33 1.75
N THR A 50 13.78 1.43 1.87
CA THR A 50 13.20 2.47 2.77
C THR A 50 12.20 1.80 3.71
N ASN A 51 11.82 2.47 4.76
CA ASN A 51 10.84 1.87 5.72
C ASN A 51 9.47 2.52 5.52
N THR A 52 8.93 2.42 4.33
CA THR A 52 7.59 3.03 4.07
C THR A 52 6.51 2.21 4.77
N HIS A 53 5.56 2.85 5.38
CA HIS A 53 4.48 2.11 6.08
C HIS A 53 3.16 2.34 5.34
N ILE A 54 2.11 1.70 5.77
CA ILE A 54 0.79 1.89 5.09
C ILE A 54 0.15 3.19 5.57
N ARG A 55 -0.22 4.04 4.64
CA ARG A 55 -0.85 5.33 5.03
C ARG A 55 -2.32 5.10 5.36
N SER A 56 -2.99 4.37 4.51
CA SER A 56 -4.44 4.10 4.74
C SER A 56 -4.86 2.87 3.92
N THR A 57 -5.66 2.02 4.49
CA THR A 57 -6.10 0.80 3.74
C THR A 57 -6.65 1.22 2.38
N GLY A 58 -6.46 0.39 1.38
CA GLY A 58 -6.98 0.73 0.02
C GLY A 58 -5.94 1.59 -0.70
N LYS A 59 -6.10 1.74 -1.99
CA LYS A 59 -5.14 2.56 -2.77
C LYS A 59 -5.23 4.03 -2.31
N CYS A 60 -4.14 4.72 -2.32
CA CYS A 60 -4.16 6.15 -1.89
C CYS A 60 -5.29 6.88 -2.61
N GLU A 61 -5.62 6.46 -3.80
CA GLU A 61 -6.71 7.13 -4.56
C GLU A 61 -8.06 6.61 -4.06
N GLU A 62 -8.12 5.39 -3.63
CA GLU A 62 -9.40 4.83 -3.13
C GLU A 62 -9.89 5.70 -1.95
N SER A 63 -8.99 6.43 -1.36
CA SER A 63 -9.39 7.29 -0.21
C SER A 63 -10.20 8.50 -0.71
N SER A 64 -9.90 8.97 -1.88
CA SER A 64 -10.65 10.14 -2.42
C SER A 64 -11.28 9.79 -3.77
N THR A 65 -12.31 10.48 -4.15
CA THR A 65 -12.98 10.20 -5.46
C THR A 65 -12.88 11.43 -6.34
N PRO A 66 -13.07 11.26 -7.66
CA PRO A 66 -13.00 12.35 -8.63
C PRO A 66 -14.20 13.30 -8.49
N GLY A 67 -15.25 12.85 -7.86
CA GLY A 67 -16.44 13.73 -7.70
C GLY A 67 -17.45 13.05 -6.76
N THR A 68 -18.51 13.73 -6.41
CA THR A 68 -19.52 13.12 -5.50
C THR A 68 -20.85 12.96 -6.25
N THR A 69 -21.52 11.87 -6.06
CA THR A 69 -22.81 11.65 -6.76
C THR A 69 -23.93 11.44 -5.72
N ALA A 70 -25.15 11.65 -6.10
CA ALA A 70 -26.27 11.45 -5.15
C ALA A 70 -26.28 10.01 -4.64
N ALA A 71 -25.84 9.08 -5.46
CA ALA A 71 -25.82 7.66 -5.03
C ALA A 71 -24.89 7.49 -3.83
N SER A 72 -23.79 8.21 -3.82
CA SER A 72 -22.84 8.09 -2.69
C SER A 72 -23.56 8.40 -1.37
N MET A 73 -24.52 9.28 -1.40
CA MET A 73 -25.27 9.62 -0.16
C MET A 73 -26.30 8.53 0.13
N PRO A 74 -26.62 8.34 1.42
CA PRO A 74 -27.60 7.32 1.85
C PRO A 74 -29.03 7.70 1.43
N PRO A 75 -29.85 6.68 1.12
CA PRO A 75 -31.25 6.89 0.71
C PRO A 75 -32.12 7.37 1.87
N SER A 76 -33.27 7.90 1.57
CA SER A 76 -34.16 8.40 2.67
C SER A 76 -35.02 7.25 3.18
N ASP A 77 -34.98 6.11 2.53
CA ASP A 77 -35.80 4.96 3.00
C ASP A 77 -35.07 4.23 4.12
N GLU A 78 -33.77 4.33 4.15
CA GLU A 78 -32.99 3.63 5.22
C GLU A 78 -31.64 4.32 5.40
N ASP A 3 1.91 -4.67 6.82
CA ASP A 3 2.25 -3.25 7.11
C ASP A 3 3.74 -3.15 7.51
N SER A 4 4.19 -1.96 7.78
CA SER A 4 5.62 -1.79 8.18
C SER A 4 5.93 -2.70 9.37
N GLU A 5 4.96 -2.95 10.20
CA GLU A 5 5.19 -3.82 11.39
C GLU A 5 5.69 -5.19 10.91
N MET A 6 5.41 -5.54 9.68
CA MET A 6 5.87 -6.85 9.17
C MET A 6 7.37 -6.76 8.83
N CYS A 7 7.84 -5.59 8.51
CA CYS A 7 9.28 -5.43 8.18
C CYS A 7 10.09 -5.31 9.47
N LYS A 8 9.43 -5.07 10.57
CA LYS A 8 10.17 -4.95 11.86
C LYS A 8 10.98 -6.22 12.11
N ASP A 9 10.57 -7.33 11.54
CA ASP A 9 11.33 -8.59 11.75
C ASP A 9 11.11 -9.54 10.57
N TYR A 10 11.52 -9.15 9.39
CA TYR A 10 11.34 -10.03 8.22
C TYR A 10 12.70 -10.37 7.61
N ARG A 11 12.74 -11.23 6.64
CA ARG A 11 14.04 -11.60 6.01
C ARG A 11 13.85 -11.85 4.52
N VAL A 12 14.74 -11.37 3.70
CA VAL A 12 14.61 -11.58 2.23
C VAL A 12 15.95 -12.02 1.66
N LEU A 13 15.94 -12.95 0.74
CA LEU A 13 17.22 -13.42 0.14
C LEU A 13 17.08 -13.44 -1.39
N PRO A 14 18.17 -13.74 -2.10
CA PRO A 14 18.19 -13.79 -3.57
C PRO A 14 17.34 -14.96 -4.10
N ARG A 15 17.15 -15.97 -3.31
CA ARG A 15 16.33 -17.14 -3.75
C ARG A 15 15.03 -17.17 -2.95
N ILE A 16 15.02 -16.54 -1.81
CA ILE A 16 13.78 -16.55 -0.98
C ILE A 16 12.92 -15.34 -1.35
N GLY A 17 13.54 -14.21 -1.61
CA GLY A 17 12.76 -12.99 -1.96
C GLY A 17 11.96 -12.53 -0.75
N TYR A 18 10.75 -12.06 -0.97
CA TYR A 18 9.93 -11.58 0.17
C TYR A 18 8.79 -12.57 0.43
N LEU A 19 8.30 -12.62 1.64
CA LEU A 19 7.19 -13.56 1.96
C LEU A 19 5.92 -12.77 2.26
N CYS A 20 4.88 -12.97 1.50
CA CYS A 20 3.61 -12.24 1.74
C CYS A 20 2.44 -13.23 1.74
N PRO A 21 1.34 -12.86 2.41
CA PRO A 21 0.15 -13.72 2.49
C PRO A 21 -0.59 -13.79 1.15
N LYS A 22 -1.49 -14.72 1.00
CA LYS A 22 -2.24 -14.84 -0.27
C LYS A 22 -3.48 -13.95 -0.22
N ASP A 23 -3.76 -13.36 0.91
CA ASP A 23 -4.96 -12.48 1.02
C ASP A 23 -4.67 -11.15 0.32
N LEU A 24 -5.53 -10.73 -0.55
CA LEU A 24 -5.30 -9.44 -1.27
C LEU A 24 -5.84 -8.28 -0.42
N LYS A 25 -4.96 -7.44 0.05
CA LYS A 25 -5.42 -6.28 0.88
C LYS A 25 -4.74 -5.01 0.36
N PRO A 26 -5.47 -4.18 -0.39
CA PRO A 26 -4.95 -2.94 -0.98
C PRO A 26 -4.52 -1.93 0.10
N VAL A 27 -3.30 -1.50 0.06
CA VAL A 27 -2.82 -0.51 1.07
C VAL A 27 -2.29 0.74 0.37
N CYS A 28 -2.32 1.85 1.04
CA CYS A 28 -1.80 3.11 0.45
C CYS A 28 -0.40 3.36 1.00
N GLY A 29 0.53 3.75 0.18
CA GLY A 29 1.92 3.98 0.68
C GLY A 29 2.10 5.46 1.03
N ASP A 30 2.77 5.74 2.12
CA ASP A 30 2.99 7.16 2.52
C ASP A 30 3.86 7.85 1.46
N ASP A 31 4.46 7.09 0.59
CA ASP A 31 5.32 7.70 -0.47
C ASP A 31 4.44 8.11 -1.66
N GLY A 32 3.15 8.07 -1.48
CA GLY A 32 2.24 8.45 -2.61
C GLY A 32 2.09 7.26 -3.56
N GLN A 33 2.38 6.08 -3.09
CA GLN A 33 2.26 4.89 -3.98
C GLN A 33 1.29 3.88 -3.35
N THR A 34 0.55 3.18 -4.16
CA THR A 34 -0.41 2.18 -3.60
C THR A 34 0.06 0.77 -3.95
N TYR A 35 -0.31 -0.20 -3.15
CA TYR A 35 0.11 -1.60 -3.44
C TYR A 35 -1.08 -2.53 -3.24
N ASN A 36 -1.18 -3.56 -4.02
CA ASN A 36 -2.32 -4.50 -3.86
C ASN A 36 -2.22 -5.15 -2.49
N ASN A 37 -1.29 -6.04 -2.33
CA ASN A 37 -1.13 -6.71 -1.01
C ASN A 37 -0.31 -5.83 -0.08
N PRO A 38 -0.60 -5.87 1.24
CA PRO A 38 0.12 -5.07 2.24
C PRO A 38 1.60 -5.47 2.32
N CYS A 39 1.87 -6.74 2.48
CA CYS A 39 3.28 -7.19 2.55
C CYS A 39 3.96 -6.80 1.23
N MET A 40 3.19 -6.66 0.18
CA MET A 40 3.78 -6.27 -1.13
C MET A 40 4.31 -4.84 -1.01
N LEU A 41 3.86 -4.12 -0.03
CA LEU A 41 4.35 -2.72 0.16
C LEU A 41 5.77 -2.79 0.72
N CYS A 42 5.97 -3.52 1.78
CA CYS A 42 7.34 -3.63 2.35
C CYS A 42 8.30 -3.94 1.20
N HIS A 43 7.83 -4.67 0.23
CA HIS A 43 8.68 -5.00 -0.93
C HIS A 43 9.31 -3.71 -1.45
N GLU A 44 8.48 -2.75 -1.78
CA GLU A 44 9.01 -1.45 -2.28
C GLU A 44 10.07 -0.95 -1.30
N ASN A 45 10.03 -1.40 -0.08
CA ASN A 45 11.04 -0.95 0.92
C ASN A 45 12.32 -1.77 0.73
N LEU A 46 12.20 -2.99 0.27
CA LEU A 46 13.40 -3.83 0.06
C LEU A 46 14.11 -3.40 -1.23
N ILE A 47 13.36 -3.02 -2.23
CA ILE A 47 13.99 -2.58 -3.50
C ILE A 47 14.53 -1.17 -3.35
N ARG A 48 13.72 -0.26 -2.90
CA ARG A 48 14.19 1.14 -2.71
C ARG A 48 14.97 1.25 -1.41
N GLN A 49 14.85 0.27 -0.55
CA GLN A 49 15.58 0.33 0.75
C GLN A 49 15.14 1.55 1.55
N THR A 50 13.90 1.94 1.42
CA THR A 50 13.40 3.12 2.18
C THR A 50 12.45 2.67 3.28
N ASN A 51 11.98 3.58 4.09
CA ASN A 51 11.06 3.19 5.20
C ASN A 51 9.63 3.57 4.81
N THR A 52 9.18 3.11 3.67
CA THR A 52 7.79 3.43 3.23
C THR A 52 6.79 2.63 4.06
N HIS A 53 5.87 3.29 4.70
CA HIS A 53 4.87 2.56 5.53
C HIS A 53 3.49 2.69 4.88
N ILE A 54 2.46 2.25 5.56
CA ILE A 54 1.09 2.35 4.99
C ILE A 54 0.49 3.73 5.31
N ARG A 55 0.07 4.44 4.30
CA ARG A 55 -0.53 5.77 4.53
C ARG A 55 -1.99 5.61 4.95
N SER A 56 -2.68 4.73 4.31
CA SER A 56 -4.12 4.52 4.66
C SER A 56 -4.57 3.16 4.12
N THR A 57 -5.22 2.38 4.94
CA THR A 57 -5.69 1.04 4.46
C THR A 57 -6.41 1.22 3.13
N GLY A 58 -6.33 0.24 2.27
CA GLY A 58 -7.00 0.36 0.95
C GLY A 58 -6.09 1.10 -0.03
N LYS A 59 -6.46 1.16 -1.28
CA LYS A 59 -5.62 1.86 -2.28
C LYS A 59 -5.59 3.37 -1.96
N CYS A 60 -4.51 4.03 -2.27
CA CYS A 60 -4.42 5.49 -2.00
C CYS A 60 -5.66 6.18 -2.57
N GLU A 61 -6.19 5.67 -3.65
CA GLU A 61 -7.40 6.31 -4.26
C GLU A 61 -8.65 5.82 -3.52
N GLU A 62 -8.60 4.66 -2.92
CA GLU A 62 -9.78 4.14 -2.19
C GLU A 62 -9.69 4.55 -0.72
N SER A 63 -10.61 5.36 -0.26
CA SER A 63 -10.58 5.79 1.16
C SER A 63 -11.93 5.51 1.81
N SER A 64 -11.96 5.25 3.09
CA SER A 64 -13.25 4.97 3.76
C SER A 64 -13.55 6.08 4.77
N THR A 65 -14.80 6.28 5.10
CA THR A 65 -15.14 7.35 6.08
C THR A 65 -14.68 6.93 7.48
N PRO A 66 -14.47 7.91 8.37
CA PRO A 66 -14.03 7.66 9.75
C PRO A 66 -15.13 6.99 10.58
N GLY A 67 -14.76 6.08 11.44
CA GLY A 67 -15.77 5.39 12.28
C GLY A 67 -16.13 6.29 13.47
N THR A 68 -16.94 5.78 14.38
CA THR A 68 -17.33 6.62 15.55
C THR A 68 -16.10 6.86 16.43
N THR A 69 -15.13 5.99 16.37
CA THR A 69 -13.90 6.18 17.20
C THR A 69 -12.69 6.27 16.28
N ALA A 70 -11.58 6.75 16.80
CA ALA A 70 -10.36 6.85 15.96
C ALA A 70 -9.87 5.45 15.57
N ALA A 71 -10.03 4.49 16.45
CA ALA A 71 -9.59 3.12 16.13
C ALA A 71 -10.81 2.24 15.81
N SER A 72 -10.70 1.41 14.81
CA SER A 72 -11.86 0.54 14.45
C SER A 72 -12.16 -0.41 15.61
N MET A 73 -11.17 -0.73 16.41
CA MET A 73 -11.41 -1.65 17.55
C MET A 73 -12.44 -1.03 18.49
N PRO A 74 -13.22 -1.88 19.18
CA PRO A 74 -14.25 -1.43 20.12
C PRO A 74 -13.64 -0.83 21.39
N PRO A 75 -14.34 0.14 22.00
CA PRO A 75 -13.88 0.81 23.23
C PRO A 75 -13.94 -0.12 24.44
N SER A 76 -14.43 -1.32 24.27
CA SER A 76 -14.51 -2.27 25.41
C SER A 76 -13.18 -3.01 25.56
N ASP A 77 -12.31 -2.88 24.59
CA ASP A 77 -11.00 -3.59 24.67
C ASP A 77 -10.12 -2.90 25.72
N GLU A 78 -10.34 -1.64 25.96
CA GLU A 78 -9.52 -0.91 26.96
C GLU A 78 -10.41 0.06 27.74
N ASP A 3 2.50 -3.17 8.15
CA ASP A 3 3.26 -1.90 8.20
C ASP A 3 4.76 -2.21 8.33
N SER A 4 5.58 -1.21 8.48
CA SER A 4 7.04 -1.44 8.61
C SER A 4 7.29 -2.36 9.80
N GLU A 5 6.54 -2.20 10.85
CA GLU A 5 6.74 -3.06 12.05
C GLU A 5 6.66 -4.53 11.62
N MET A 6 5.97 -4.80 10.54
CA MET A 6 5.87 -6.21 10.06
C MET A 6 7.18 -6.60 9.40
N CYS A 7 7.91 -5.64 8.92
CA CYS A 7 9.21 -5.95 8.26
C CYS A 7 10.28 -6.16 9.33
N LYS A 8 10.05 -5.68 10.51
CA LYS A 8 11.06 -5.85 11.60
C LYS A 8 10.95 -7.26 12.19
N ASP A 9 10.11 -8.09 11.63
CA ASP A 9 9.97 -9.47 12.19
C ASP A 9 10.12 -10.51 11.08
N TYR A 10 10.43 -10.10 9.87
CA TYR A 10 10.58 -11.08 8.77
C TYR A 10 12.01 -11.01 8.20
N ARG A 11 12.52 -12.10 7.72
CA ARG A 11 13.90 -12.09 7.14
C ARG A 11 13.88 -12.77 5.77
N VAL A 12 14.44 -12.15 4.77
CA VAL A 12 14.44 -12.76 3.42
C VAL A 12 15.88 -13.01 2.97
N LEU A 13 16.08 -14.03 2.17
CA LEU A 13 17.45 -14.33 1.67
C LEU A 13 17.40 -14.45 0.15
N PRO A 14 18.57 -14.63 -0.48
CA PRO A 14 18.66 -14.76 -1.95
C PRO A 14 18.01 -16.05 -2.45
N ARG A 15 17.88 -17.03 -1.60
CA ARG A 15 17.24 -18.31 -2.01
C ARG A 15 15.80 -18.37 -1.51
N ILE A 16 15.52 -17.72 -0.41
CA ILE A 16 14.14 -17.75 0.14
C ILE A 16 13.26 -16.75 -0.63
N GLY A 17 13.73 -15.55 -0.80
CA GLY A 17 12.93 -14.54 -1.54
C GLY A 17 11.90 -13.92 -0.59
N TYR A 18 10.95 -13.19 -1.12
CA TYR A 18 9.92 -12.58 -0.23
C TYR A 18 8.67 -13.44 -0.21
N LEU A 19 7.98 -13.48 0.89
CA LEU A 19 6.74 -14.30 0.97
C LEU A 19 5.54 -13.40 1.25
N CYS A 20 4.57 -13.40 0.38
CA CYS A 20 3.36 -12.55 0.60
C CYS A 20 2.11 -13.41 0.44
N PRO A 21 1.00 -12.98 1.05
CA PRO A 21 -0.28 -13.70 0.98
C PRO A 21 -0.89 -13.63 -0.41
N LYS A 22 -1.84 -14.48 -0.69
CA LYS A 22 -2.47 -14.46 -2.04
C LYS A 22 -3.67 -13.51 -2.02
N ASP A 23 -4.04 -13.02 -0.87
CA ASP A 23 -5.19 -12.09 -0.79
C ASP A 23 -4.80 -10.73 -1.35
N LEU A 24 -5.47 -10.28 -2.37
CA LEU A 24 -5.13 -8.95 -2.97
C LEU A 24 -5.75 -7.84 -2.13
N LYS A 25 -4.96 -6.92 -1.66
CA LYS A 25 -5.52 -5.80 -0.84
C LYS A 25 -4.71 -4.53 -1.11
N PRO A 26 -5.29 -3.59 -1.88
CA PRO A 26 -4.64 -2.33 -2.22
C PRO A 26 -4.42 -1.45 -0.99
N VAL A 27 -3.21 -1.05 -0.73
CA VAL A 27 -2.95 -0.19 0.46
C VAL A 27 -2.36 1.15 0.00
N CYS A 28 -2.55 2.18 0.78
CA CYS A 28 -1.99 3.50 0.40
C CYS A 28 -0.65 3.70 1.11
N GLY A 29 0.32 4.22 0.42
CA GLY A 29 1.65 4.44 1.07
C GLY A 29 1.70 5.84 1.66
N ASP A 30 2.28 5.98 2.83
CA ASP A 30 2.36 7.33 3.47
C ASP A 30 3.36 8.20 2.70
N ASP A 31 4.06 7.62 1.76
CA ASP A 31 5.05 8.43 0.98
C ASP A 31 4.36 9.02 -0.25
N GLY A 32 3.08 8.82 -0.38
CA GLY A 32 2.35 9.38 -1.55
C GLY A 32 2.25 8.31 -2.64
N GLN A 33 2.53 7.09 -2.30
CA GLN A 33 2.45 5.99 -3.32
C GLN A 33 1.41 4.96 -2.88
N THR A 34 1.13 4.00 -3.72
CA THR A 34 0.13 2.97 -3.36
C THR A 34 0.67 1.59 -3.74
N TYR A 35 0.50 0.61 -2.89
CA TYR A 35 0.99 -0.75 -3.21
C TYR A 35 -0.20 -1.70 -3.36
N ASN A 36 -0.25 -2.43 -4.44
CA ASN A 36 -1.38 -3.38 -4.65
C ASN A 36 -1.54 -4.27 -3.42
N ASN A 37 -0.74 -5.29 -3.31
CA ASN A 37 -0.86 -6.20 -2.14
C ASN A 37 -0.14 -5.58 -0.94
N PRO A 38 -0.61 -5.88 0.29
CA PRO A 38 -0.03 -5.34 1.53
C PRO A 38 1.42 -5.82 1.72
N CYS A 39 1.64 -7.11 1.70
CA CYS A 39 3.03 -7.60 1.87
C CYS A 39 3.88 -7.06 0.72
N MET A 40 3.27 -6.82 -0.41
CA MET A 40 4.02 -6.27 -1.57
C MET A 40 4.56 -4.89 -1.20
N LEU A 41 4.04 -4.30 -0.15
CA LEU A 41 4.52 -2.97 0.29
C LEU A 41 5.94 -3.12 0.82
N CYS A 42 6.11 -3.94 1.82
CA CYS A 42 7.47 -4.16 2.38
C CYS A 42 8.37 -4.63 1.24
N HIS A 43 7.81 -5.31 0.28
CA HIS A 43 8.61 -5.80 -0.88
C HIS A 43 9.14 -4.60 -1.65
N GLU A 44 8.27 -3.78 -2.16
CA GLU A 44 8.74 -2.58 -2.91
C GLU A 44 9.64 -1.76 -1.99
N ASN A 45 9.47 -1.93 -0.70
CA ASN A 45 10.32 -1.18 0.26
C ASN A 45 11.71 -1.80 0.30
N LEU A 46 11.78 -3.09 0.10
CA LEU A 46 13.10 -3.78 0.10
C LEU A 46 13.91 -3.29 -1.10
N ILE A 47 13.24 -2.97 -2.18
CA ILE A 47 13.96 -2.48 -3.39
C ILE A 47 14.39 -1.03 -3.15
N ARG A 48 13.50 -0.23 -2.62
CA ARG A 48 13.85 1.20 -2.35
C ARG A 48 14.64 1.29 -1.05
N GLN A 49 14.53 0.29 -0.21
CA GLN A 49 15.29 0.32 1.08
C GLN A 49 14.78 1.50 1.93
N THR A 50 13.49 1.69 1.99
CA THR A 50 12.95 2.81 2.79
C THR A 50 11.94 2.26 3.81
N ASN A 51 11.63 3.01 4.83
CA ASN A 51 10.67 2.52 5.85
C ASN A 51 9.27 3.07 5.54
N THR A 52 8.75 2.76 4.38
CA THR A 52 7.40 3.26 4.01
C THR A 52 6.33 2.52 4.81
N HIS A 53 5.32 3.21 5.25
CA HIS A 53 4.24 2.55 6.03
C HIS A 53 2.92 2.70 5.29
N ILE A 54 1.89 2.05 5.73
CA ILE A 54 0.58 2.18 5.03
C ILE A 54 -0.11 3.46 5.48
N ARG A 55 -0.50 4.28 4.54
CA ARG A 55 -1.18 5.55 4.90
C ARG A 55 -2.65 5.26 5.20
N SER A 56 -3.27 4.46 4.39
CA SER A 56 -4.69 4.11 4.60
C SER A 56 -5.01 2.83 3.85
N THR A 57 -6.03 2.13 4.24
CA THR A 57 -6.38 0.87 3.54
C THR A 57 -6.96 1.19 2.16
N GLY A 58 -6.69 0.36 1.18
CA GLY A 58 -7.22 0.62 -0.18
C GLY A 58 -6.29 1.59 -0.92
N LYS A 59 -6.45 1.69 -2.21
CA LYS A 59 -5.58 2.61 -3.00
C LYS A 59 -5.62 4.01 -2.37
N CYS A 60 -4.56 4.76 -2.51
CA CYS A 60 -4.54 6.13 -1.93
C CYS A 60 -5.76 6.91 -2.42
N GLU A 61 -6.29 6.54 -3.55
CA GLU A 61 -7.47 7.26 -4.10
C GLU A 61 -8.73 6.69 -3.44
N GLU A 62 -8.66 5.51 -2.90
CA GLU A 62 -9.85 4.90 -2.24
C GLU A 62 -9.88 5.30 -0.78
N SER A 63 -10.95 5.92 -0.34
CA SER A 63 -11.02 6.33 1.09
C SER A 63 -12.42 5.98 1.65
N SER A 64 -12.52 5.80 2.94
CA SER A 64 -13.85 5.46 3.53
C SER A 64 -14.27 6.57 4.50
N THR A 65 -15.55 6.68 4.75
CA THR A 65 -16.02 7.74 5.69
C THR A 65 -16.87 7.10 6.79
N PRO A 66 -16.21 6.60 7.85
CA PRO A 66 -16.89 5.96 8.98
C PRO A 66 -17.72 6.95 9.79
N GLY A 67 -17.40 8.22 9.70
CA GLY A 67 -18.17 9.23 10.47
C GLY A 67 -17.59 9.37 11.88
N THR A 68 -16.42 8.83 12.10
CA THR A 68 -15.80 8.93 13.46
C THR A 68 -14.43 9.62 13.34
N THR A 69 -14.13 10.52 14.22
CA THR A 69 -12.82 11.22 14.16
C THR A 69 -11.71 10.28 14.63
N ALA A 70 -12.08 9.18 15.24
CA ALA A 70 -11.05 8.21 15.72
C ALA A 70 -10.23 7.71 14.52
N ALA A 71 -10.84 7.60 13.38
CA ALA A 71 -10.10 7.10 12.18
C ALA A 71 -8.90 8.01 11.92
N SER A 72 -7.82 7.46 11.42
CA SER A 72 -6.62 8.30 11.14
C SER A 72 -6.92 9.27 10.01
N MET A 73 -7.81 8.92 9.12
CA MET A 73 -8.14 9.82 7.98
C MET A 73 -8.46 11.21 8.53
N PRO A 74 -9.49 11.31 9.38
CA PRO A 74 -9.91 12.58 9.98
C PRO A 74 -8.89 13.10 11.00
N PRO A 75 -8.82 14.42 11.17
CA PRO A 75 -7.89 15.06 12.12
C PRO A 75 -8.27 14.76 13.57
N SER A 76 -7.31 14.69 14.45
CA SER A 76 -7.61 14.40 15.87
C SER A 76 -7.08 15.54 16.75
N ASP A 77 -7.80 15.91 17.77
CA ASP A 77 -7.34 17.01 18.66
C ASP A 77 -6.12 16.54 19.45
N GLU A 78 -5.17 17.40 19.66
CA GLU A 78 -3.94 17.01 20.41
C GLU A 78 -3.36 18.23 21.13
N ASP A 3 2.02 -2.72 8.93
CA ASP A 3 2.95 -1.57 8.73
C ASP A 3 4.39 -2.09 8.67
N SER A 4 5.34 -1.22 8.56
CA SER A 4 6.77 -1.67 8.49
C SER A 4 7.09 -2.52 9.72
N GLU A 5 6.40 -2.29 10.80
CA GLU A 5 6.67 -3.09 12.03
C GLU A 5 6.62 -4.58 11.67
N MET A 6 5.89 -4.91 10.63
CA MET A 6 5.81 -6.34 10.22
C MET A 6 7.14 -6.74 9.59
N CYS A 7 7.84 -5.79 9.03
CA CYS A 7 9.16 -6.11 8.40
C CYS A 7 10.23 -6.21 9.49
N LYS A 8 9.93 -5.75 10.67
CA LYS A 8 10.92 -5.80 11.77
C LYS A 8 10.92 -7.20 12.39
N ASP A 9 10.19 -8.13 11.81
CA ASP A 9 10.15 -9.50 12.38
C ASP A 9 10.19 -10.55 11.27
N TYR A 10 10.56 -10.16 10.08
CA TYR A 10 10.62 -11.16 8.96
C TYR A 10 12.02 -11.16 8.36
N ARG A 11 12.45 -12.27 7.80
CA ARG A 11 13.79 -12.33 7.18
C ARG A 11 13.69 -12.92 5.77
N VAL A 12 14.31 -12.30 4.81
CA VAL A 12 14.23 -12.84 3.43
C VAL A 12 15.65 -13.08 2.90
N LEU A 13 15.81 -14.09 2.09
CA LEU A 13 17.16 -14.39 1.53
C LEU A 13 17.10 -14.44 0.01
N PRO A 14 18.24 -14.62 -0.65
CA PRO A 14 18.32 -14.68 -2.12
C PRO A 14 17.63 -15.94 -2.67
N ARG A 15 17.51 -16.95 -1.86
CA ARG A 15 16.85 -18.20 -2.33
C ARG A 15 15.43 -18.27 -1.77
N ILE A 16 15.18 -17.59 -0.69
CA ILE A 16 13.81 -17.62 -0.10
C ILE A 16 12.93 -16.56 -0.77
N GLY A 17 13.40 -15.35 -0.83
CA GLY A 17 12.59 -14.27 -1.47
C GLY A 17 11.56 -13.75 -0.47
N TYR A 18 10.55 -13.05 -0.94
CA TYR A 18 9.52 -12.53 -0.02
C TYR A 18 8.29 -13.45 -0.04
N LEU A 19 7.58 -13.52 1.05
CA LEU A 19 6.39 -14.40 1.10
C LEU A 19 5.13 -13.55 1.34
N CYS A 20 4.31 -13.39 0.34
CA CYS A 20 3.07 -12.59 0.51
C CYS A 20 1.84 -13.47 0.28
N PRO A 21 0.70 -13.10 0.85
CA PRO A 21 -0.55 -13.85 0.72
C PRO A 21 -1.14 -13.73 -0.69
N LYS A 22 -2.10 -14.54 -1.02
CA LYS A 22 -2.71 -14.46 -2.38
C LYS A 22 -3.77 -13.36 -2.38
N ASP A 23 -4.42 -13.15 -1.27
CA ASP A 23 -5.47 -12.10 -1.21
C ASP A 23 -4.88 -10.74 -1.60
N LEU A 24 -5.48 -10.08 -2.56
CA LEU A 24 -4.94 -8.76 -2.99
C LEU A 24 -5.54 -7.66 -2.11
N LYS A 25 -4.73 -6.95 -1.39
CA LYS A 25 -5.26 -5.86 -0.51
C LYS A 25 -4.53 -4.56 -0.83
N PRO A 26 -5.20 -3.68 -1.59
CA PRO A 26 -4.64 -2.38 -1.99
C PRO A 26 -4.41 -1.45 -0.80
N VAL A 27 -3.18 -1.06 -0.56
CA VAL A 27 -2.89 -0.17 0.58
C VAL A 27 -2.28 1.14 0.06
N CYS A 28 -2.42 2.20 0.80
CA CYS A 28 -1.83 3.50 0.36
C CYS A 28 -0.46 3.66 1.03
N GLY A 29 0.49 4.18 0.32
CA GLY A 29 1.84 4.36 0.93
C GLY A 29 1.96 5.79 1.44
N ASP A 30 2.53 5.97 2.61
CA ASP A 30 2.67 7.35 3.17
C ASP A 30 3.70 8.13 2.34
N ASP A 31 4.36 7.48 1.42
CA ASP A 31 5.37 8.18 0.58
C ASP A 31 4.69 8.77 -0.66
N GLY A 32 3.40 8.59 -0.78
CA GLY A 32 2.70 9.15 -1.97
C GLY A 32 2.58 8.05 -3.04
N GLN A 33 2.58 6.81 -2.64
CA GLN A 33 2.47 5.71 -3.63
C GLN A 33 1.48 4.66 -3.12
N THR A 34 0.87 3.93 -4.01
CA THR A 34 -0.10 2.88 -3.57
C THR A 34 0.43 1.50 -3.96
N TYR A 35 0.28 0.54 -3.10
CA TYR A 35 0.77 -0.83 -3.40
C TYR A 35 -0.41 -1.80 -3.47
N ASN A 36 -0.46 -2.60 -4.50
CA ASN A 36 -1.59 -3.56 -4.64
C ASN A 36 -1.69 -4.41 -3.38
N ASN A 37 -0.87 -5.41 -3.23
CA ASN A 37 -0.93 -6.27 -2.03
C ASN A 37 -0.17 -5.60 -0.88
N PRO A 38 -0.64 -5.80 0.37
CA PRO A 38 0.01 -5.22 1.56
C PRO A 38 1.42 -5.79 1.76
N CYS A 39 1.57 -7.09 1.74
CA CYS A 39 2.93 -7.67 1.89
C CYS A 39 3.79 -7.16 0.73
N MET A 40 3.18 -6.90 -0.39
CA MET A 40 3.94 -6.38 -1.56
C MET A 40 4.50 -5.00 -1.21
N LEU A 41 3.99 -4.40 -0.16
CA LEU A 41 4.50 -3.07 0.25
C LEU A 41 5.89 -3.24 0.84
N CYS A 42 6.01 -4.02 1.88
CA CYS A 42 7.35 -4.25 2.48
C CYS A 42 8.31 -4.72 1.38
N HIS A 43 7.78 -5.30 0.35
CA HIS A 43 8.63 -5.77 -0.78
C HIS A 43 9.14 -4.55 -1.55
N GLU A 44 8.26 -3.79 -2.14
CA GLU A 44 8.71 -2.59 -2.89
C GLU A 44 9.58 -1.74 -1.96
N ASN A 45 9.44 -1.93 -0.68
CA ASN A 45 10.26 -1.15 0.28
C ASN A 45 11.68 -1.70 0.29
N LEU A 46 11.83 -2.99 0.13
CA LEU A 46 13.19 -3.59 0.12
C LEU A 46 13.97 -3.04 -1.08
N ILE A 47 13.29 -2.70 -2.14
CA ILE A 47 13.98 -2.16 -3.33
C ILE A 47 14.28 -0.66 -3.11
N ARG A 48 13.33 0.07 -2.60
CA ARG A 48 13.56 1.52 -2.37
C ARG A 48 14.36 1.71 -1.07
N GLN A 49 14.12 0.87 -0.10
CA GLN A 49 14.86 0.99 1.19
C GLN A 49 14.51 2.33 1.85
N THR A 50 13.27 2.70 1.85
CA THR A 50 12.87 3.99 2.48
C THR A 50 11.92 3.72 3.65
N ASN A 51 11.89 2.50 4.11
CA ASN A 51 10.98 2.16 5.25
C ASN A 51 9.62 2.81 5.03
N THR A 52 8.95 2.46 3.96
CA THR A 52 7.61 3.05 3.70
C THR A 52 6.57 2.38 4.58
N HIS A 53 5.56 3.11 4.98
CA HIS A 53 4.51 2.51 5.84
C HIS A 53 3.15 2.67 5.12
N ILE A 54 2.14 2.00 5.60
CA ILE A 54 0.81 2.14 4.94
C ILE A 54 0.15 3.43 5.39
N ARG A 55 -0.22 4.27 4.46
CA ARG A 55 -0.87 5.56 4.83
C ARG A 55 -2.35 5.30 5.12
N SER A 56 -2.99 4.51 4.31
CA SER A 56 -4.43 4.22 4.52
C SER A 56 -4.79 2.91 3.81
N THR A 57 -5.72 2.17 4.37
CA THR A 57 -6.10 0.89 3.72
C THR A 57 -6.79 1.17 2.38
N GLY A 58 -6.65 0.28 1.44
CA GLY A 58 -7.28 0.51 0.11
C GLY A 58 -6.49 1.57 -0.64
N LYS A 59 -6.67 1.65 -1.93
CA LYS A 59 -5.91 2.67 -2.71
C LYS A 59 -6.13 4.04 -2.05
N CYS A 60 -5.14 4.88 -2.10
CA CYS A 60 -5.28 6.23 -1.47
C CYS A 60 -6.45 6.98 -2.11
N GLU A 61 -6.44 8.27 -2.06
CA GLU A 61 -7.56 9.06 -2.67
C GLU A 61 -7.36 9.14 -4.19
N GLU A 62 -6.34 8.52 -4.71
CA GLU A 62 -6.11 8.57 -6.17
C GLU A 62 -7.31 7.95 -6.90
N SER A 63 -7.80 6.84 -6.41
CA SER A 63 -8.97 6.18 -7.05
C SER A 63 -10.14 7.16 -7.09
N SER A 64 -10.14 8.14 -6.23
CA SER A 64 -11.26 9.13 -6.21
C SER A 64 -11.27 9.91 -7.52
N THR A 65 -12.43 10.36 -7.95
CA THR A 65 -12.50 11.14 -9.21
C THR A 65 -11.65 12.40 -9.10
N PRO A 66 -11.21 12.95 -10.24
CA PRO A 66 -10.39 14.17 -10.27
C PRO A 66 -11.20 15.41 -9.87
N GLY A 67 -10.62 16.27 -9.10
CA GLY A 67 -11.35 17.51 -8.67
C GLY A 67 -11.23 18.57 -9.77
N THR A 68 -11.83 19.71 -9.57
CA THR A 68 -11.76 20.78 -10.60
C THR A 68 -11.17 22.05 -9.97
N THR A 69 -10.75 22.98 -10.79
CA THR A 69 -10.17 24.24 -10.24
C THR A 69 -10.96 25.44 -10.77
N ALA A 70 -10.88 26.56 -10.10
CA ALA A 70 -11.63 27.76 -10.58
C ALA A 70 -11.15 28.13 -11.98
N ALA A 71 -9.91 27.87 -12.30
CA ALA A 71 -9.40 28.21 -13.65
C ALA A 71 -10.17 27.42 -14.70
N SER A 72 -10.55 26.21 -14.39
CA SER A 72 -11.31 25.39 -15.38
C SER A 72 -12.55 26.15 -15.83
N MET A 73 -13.10 26.97 -14.98
CA MET A 73 -14.31 27.75 -15.36
C MET A 73 -14.08 29.23 -15.07
N PRO A 74 -13.39 29.92 -15.98
CA PRO A 74 -13.09 31.35 -15.84
C PRO A 74 -14.34 32.22 -16.00
N PRO A 75 -14.32 33.44 -15.44
CA PRO A 75 -15.45 34.36 -15.51
C PRO A 75 -15.63 34.93 -16.93
N SER A 76 -16.77 35.51 -17.21
CA SER A 76 -17.00 36.06 -18.57
C SER A 76 -16.38 37.46 -18.66
N ASP A 77 -15.91 37.99 -17.57
CA ASP A 77 -15.29 39.34 -17.59
C ASP A 77 -14.00 39.30 -18.42
N GLU A 78 -13.33 38.18 -18.43
CA GLU A 78 -12.07 38.08 -19.21
C GLU A 78 -12.37 37.52 -20.60
N ASP A 3 1.55 -3.58 10.71
CA ASP A 3 1.97 -2.59 9.69
C ASP A 3 3.39 -2.91 9.21
N SER A 4 3.94 -2.11 8.35
CA SER A 4 5.32 -2.38 7.84
C SER A 4 6.26 -2.56 9.04
N GLU A 5 5.89 -2.03 10.19
CA GLU A 5 6.77 -2.18 11.38
C GLU A 5 7.13 -3.64 11.54
N MET A 6 6.33 -4.53 11.01
CA MET A 6 6.63 -5.98 11.13
C MET A 6 7.72 -6.34 10.12
N CYS A 7 7.79 -5.63 9.03
CA CYS A 7 8.84 -5.92 8.01
C CYS A 7 10.10 -5.10 8.35
N LYS A 8 9.98 -4.13 9.22
CA LYS A 8 11.17 -3.33 9.58
C LYS A 8 12.33 -4.28 9.85
N ASP A 9 12.02 -5.48 10.26
CA ASP A 9 13.08 -6.49 10.52
C ASP A 9 12.82 -7.68 9.59
N TYR A 10 12.44 -7.40 8.37
CA TYR A 10 12.16 -8.49 7.40
C TYR A 10 13.47 -9.02 6.82
N ARG A 11 13.46 -10.22 6.33
CA ARG A 11 14.70 -10.80 5.73
C ARG A 11 14.31 -11.79 4.63
N VAL A 12 14.67 -11.48 3.41
CA VAL A 12 14.32 -12.40 2.29
C VAL A 12 15.60 -12.81 1.55
N LEU A 13 15.63 -14.01 1.03
CA LEU A 13 16.83 -14.48 0.31
C LEU A 13 16.46 -14.86 -1.13
N PRO A 14 17.45 -15.15 -1.96
CA PRO A 14 17.23 -15.53 -3.36
C PRO A 14 16.50 -16.87 -3.47
N ARG A 15 16.59 -17.68 -2.45
CA ARG A 15 15.89 -19.01 -2.49
C ARG A 15 14.60 -18.92 -1.68
N ILE A 16 14.54 -18.04 -0.72
CA ILE A 16 13.31 -17.91 0.10
C ILE A 16 12.35 -16.94 -0.58
N GLY A 17 12.83 -15.80 -1.00
CA GLY A 17 11.94 -14.81 -1.67
C GLY A 17 10.97 -14.22 -0.64
N TYR A 18 10.02 -13.45 -1.08
CA TYR A 18 9.04 -12.85 -0.12
C TYR A 18 7.80 -13.74 -0.04
N LEU A 19 7.13 -13.73 1.08
CA LEU A 19 5.91 -14.57 1.22
C LEU A 19 4.68 -13.68 1.37
N CYS A 20 3.87 -13.58 0.35
CA CYS A 20 2.66 -12.72 0.43
C CYS A 20 1.42 -13.56 0.08
N PRO A 21 0.25 -13.15 0.59
CA PRO A 21 -1.01 -13.85 0.34
C PRO A 21 -1.49 -13.65 -1.09
N LYS A 22 -2.50 -14.37 -1.50
CA LYS A 22 -3.01 -14.22 -2.90
C LYS A 22 -4.03 -13.08 -2.95
N ASP A 23 -4.78 -12.91 -1.90
CA ASP A 23 -5.81 -11.83 -1.87
C ASP A 23 -5.13 -10.49 -2.20
N LEU A 24 -5.71 -9.72 -3.07
CA LEU A 24 -5.10 -8.41 -3.43
C LEU A 24 -5.69 -7.31 -2.54
N LYS A 25 -4.88 -6.74 -1.68
CA LYS A 25 -5.40 -5.67 -0.78
C LYS A 25 -4.62 -4.38 -1.05
N PRO A 26 -5.24 -3.46 -1.79
CA PRO A 26 -4.62 -2.17 -2.14
C PRO A 26 -4.39 -1.29 -0.92
N VAL A 27 -3.15 -0.97 -0.63
CA VAL A 27 -2.86 -0.11 0.56
C VAL A 27 -2.29 1.22 0.08
N CYS A 28 -2.42 2.24 0.89
CA CYS A 28 -1.87 3.57 0.50
C CYS A 28 -0.50 3.73 1.15
N GLY A 29 0.48 4.18 0.41
CA GLY A 29 1.85 4.34 0.99
C GLY A 29 2.00 5.75 1.55
N ASP A 30 2.59 5.89 2.71
CA ASP A 30 2.77 7.24 3.30
C ASP A 30 3.74 8.05 2.43
N ASP A 31 4.37 7.41 1.49
CA ASP A 31 5.33 8.15 0.61
C ASP A 31 4.57 8.79 -0.55
N GLY A 32 3.27 8.76 -0.50
CA GLY A 32 2.47 9.37 -1.61
C GLY A 32 2.29 8.34 -2.73
N GLN A 33 2.47 7.09 -2.42
CA GLN A 33 2.31 6.03 -3.47
C GLN A 33 1.32 4.98 -2.98
N THR A 34 0.99 4.02 -3.81
CA THR A 34 0.03 2.97 -3.38
C THR A 34 0.56 1.59 -3.81
N TYR A 35 0.42 0.61 -2.97
CA TYR A 35 0.91 -0.76 -3.32
C TYR A 35 -0.28 -1.70 -3.46
N ASN A 36 -0.34 -2.43 -4.54
CA ASN A 36 -1.48 -3.37 -4.74
C ASN A 36 -1.64 -4.25 -3.51
N ASN A 37 -0.86 -5.28 -3.38
CA ASN A 37 -0.99 -6.18 -2.19
C ASN A 37 -0.22 -5.57 -1.01
N PRO A 38 -0.72 -5.76 0.22
CA PRO A 38 -0.09 -5.23 1.43
C PRO A 38 1.29 -5.85 1.65
N CYS A 39 1.40 -7.16 1.61
CA CYS A 39 2.73 -7.79 1.80
C CYS A 39 3.63 -7.33 0.66
N MET A 40 3.05 -7.01 -0.46
CA MET A 40 3.86 -6.53 -1.62
C MET A 40 4.42 -5.14 -1.30
N LEU A 41 4.00 -4.56 -0.21
CA LEU A 41 4.51 -3.21 0.17
C LEU A 41 5.95 -3.35 0.67
N CYS A 42 6.15 -4.11 1.71
CA CYS A 42 7.53 -4.29 2.23
C CYS A 42 8.43 -4.75 1.08
N HIS A 43 7.84 -5.36 0.08
CA HIS A 43 8.64 -5.81 -1.09
C HIS A 43 9.21 -4.58 -1.80
N GLU A 44 8.35 -3.72 -2.27
CA GLU A 44 8.84 -2.49 -2.96
C GLU A 44 9.67 -1.69 -1.97
N ASN A 45 9.46 -1.93 -0.70
CA ASN A 45 10.25 -1.19 0.33
C ASN A 45 11.63 -1.82 0.44
N LEU A 46 11.76 -3.07 0.11
CA LEU A 46 13.08 -3.74 0.18
C LEU A 46 13.98 -3.15 -0.90
N ILE A 47 13.42 -2.84 -2.04
CA ILE A 47 14.23 -2.26 -3.15
C ILE A 47 14.49 -0.78 -2.85
N ARG A 48 13.51 -0.08 -2.37
CA ARG A 48 13.70 1.36 -2.06
C ARG A 48 14.41 1.50 -0.71
N GLN A 49 14.10 0.63 0.22
CA GLN A 49 14.75 0.70 1.55
C GLN A 49 14.46 2.04 2.21
N THR A 50 13.28 2.57 1.99
CA THR A 50 12.93 3.89 2.61
C THR A 50 12.01 3.65 3.81
N ASN A 51 11.86 2.43 4.23
CA ASN A 51 10.98 2.15 5.39
C ASN A 51 9.61 2.76 5.15
N THR A 52 8.98 2.44 4.05
CA THR A 52 7.64 3.01 3.76
C THR A 52 6.58 2.22 4.53
N HIS A 53 5.63 2.92 5.11
CA HIS A 53 4.56 2.22 5.88
C HIS A 53 3.22 2.46 5.18
N ILE A 54 2.20 1.78 5.61
CA ILE A 54 0.87 1.97 4.96
C ILE A 54 0.22 3.25 5.52
N ARG A 55 -0.16 4.14 4.67
CA ARG A 55 -0.79 5.41 5.13
C ARG A 55 -2.27 5.16 5.41
N SER A 56 -2.92 4.41 4.57
CA SER A 56 -4.37 4.12 4.78
C SER A 56 -4.76 2.85 4.02
N THR A 57 -5.72 2.13 4.50
CA THR A 57 -6.13 0.88 3.80
C THR A 57 -6.82 1.24 2.48
N GLY A 58 -6.53 0.51 1.44
CA GLY A 58 -7.16 0.80 0.13
C GLY A 58 -6.26 1.74 -0.67
N LYS A 59 -6.47 1.82 -1.96
CA LYS A 59 -5.64 2.72 -2.80
C LYS A 59 -5.58 4.11 -2.17
N CYS A 60 -4.49 4.81 -2.34
CA CYS A 60 -4.39 6.17 -1.74
C CYS A 60 -5.61 7.00 -2.16
N GLU A 61 -6.20 6.69 -3.27
CA GLU A 61 -7.38 7.46 -3.73
C GLU A 61 -8.65 6.85 -3.12
N GLU A 62 -8.57 5.60 -2.73
CA GLU A 62 -9.77 4.93 -2.13
C GLU A 62 -10.06 5.56 -0.77
N SER A 63 -9.03 5.97 -0.06
CA SER A 63 -9.25 6.59 1.28
C SER A 63 -10.09 7.85 1.12
N SER A 64 -9.94 8.55 0.03
CA SER A 64 -10.73 9.79 -0.18
C SER A 64 -11.82 9.54 -1.21
N THR A 65 -12.90 10.28 -1.16
CA THR A 65 -14.00 10.07 -2.13
C THR A 65 -14.39 11.42 -2.76
N PRO A 66 -13.63 11.84 -3.78
CA PRO A 66 -13.89 13.11 -4.48
C PRO A 66 -15.15 13.05 -5.34
N GLY A 67 -15.66 11.88 -5.59
CA GLY A 67 -16.88 11.75 -6.42
C GLY A 67 -16.50 11.79 -7.90
N THR A 68 -17.46 12.04 -8.77
CA THR A 68 -17.15 12.09 -10.22
C THR A 68 -17.50 13.48 -10.76
N THR A 69 -16.70 13.99 -11.67
CA THR A 69 -16.99 15.33 -12.24
C THR A 69 -18.39 15.35 -12.83
N ALA A 70 -18.85 14.24 -13.34
CA ALA A 70 -20.21 14.19 -13.93
C ALA A 70 -21.26 14.36 -12.82
N ALA A 71 -20.94 13.91 -11.64
CA ALA A 71 -21.92 14.05 -10.52
C ALA A 71 -22.17 15.53 -10.24
N SER A 72 -21.19 16.36 -10.46
CA SER A 72 -21.38 17.82 -10.20
C SER A 72 -22.53 18.34 -11.07
N MET A 73 -22.76 17.73 -12.19
CA MET A 73 -23.88 18.18 -13.08
C MET A 73 -24.83 17.01 -13.34
N PRO A 74 -25.68 16.70 -12.36
CA PRO A 74 -26.65 15.60 -12.47
C PRO A 74 -27.77 15.93 -13.45
N PRO A 75 -28.28 14.92 -14.17
CA PRO A 75 -29.35 15.10 -15.15
C PRO A 75 -30.69 15.37 -14.46
N SER A 76 -31.52 16.20 -15.05
CA SER A 76 -32.84 16.51 -14.44
C SER A 76 -33.94 16.32 -15.48
N ASP A 77 -35.06 15.79 -15.07
CA ASP A 77 -36.18 15.58 -16.03
C ASP A 77 -36.57 16.92 -16.66
N GLU A 78 -36.52 17.98 -15.89
CA GLU A 78 -36.89 19.32 -16.43
C GLU A 78 -36.15 19.56 -17.75
N ASP A 3 1.54 -4.52 8.50
CA ASP A 3 2.02 -3.10 8.48
C ASP A 3 3.54 -3.07 8.52
N SER A 4 4.13 -1.91 8.50
CA SER A 4 5.61 -1.81 8.54
C SER A 4 6.14 -2.61 9.73
N GLU A 5 5.33 -2.80 10.74
CA GLU A 5 5.79 -3.57 11.92
C GLU A 5 6.28 -4.93 11.47
N MET A 6 5.87 -5.38 10.31
CA MET A 6 6.34 -6.70 9.81
C MET A 6 7.77 -6.55 9.29
N CYS A 7 8.12 -5.40 8.81
CA CYS A 7 9.50 -5.18 8.29
C CYS A 7 10.45 -4.95 9.48
N LYS A 8 9.89 -4.69 10.64
CA LYS A 8 10.75 -4.46 11.84
C LYS A 8 11.67 -5.65 12.06
N ASP A 9 11.26 -6.82 11.65
CA ASP A 9 12.12 -8.02 11.85
C ASP A 9 11.89 -9.03 10.73
N TYR A 10 12.16 -8.66 9.51
CA TYR A 10 11.96 -9.60 8.38
C TYR A 10 13.28 -9.80 7.63
N ARG A 11 13.35 -10.78 6.77
CA ARG A 11 14.62 -11.02 6.02
C ARG A 11 14.29 -11.57 4.63
N VAL A 12 15.12 -11.27 3.66
CA VAL A 12 14.86 -11.77 2.28
C VAL A 12 16.19 -12.17 1.64
N LEU A 13 16.22 -13.31 0.99
CA LEU A 13 17.49 -13.75 0.35
C LEU A 13 17.25 -13.93 -1.16
N PRO A 14 18.32 -14.20 -1.91
CA PRO A 14 18.23 -14.41 -3.37
C PRO A 14 17.47 -15.69 -3.72
N ARG A 15 17.44 -16.63 -2.82
CA ARG A 15 16.71 -17.90 -3.10
C ARG A 15 15.39 -17.91 -2.34
N ILE A 16 15.32 -17.21 -1.24
CA ILE A 16 14.05 -17.18 -0.45
C ILE A 16 13.13 -16.10 -1.00
N GLY A 17 13.67 -14.94 -1.28
CA GLY A 17 12.81 -13.83 -1.82
C GLY A 17 11.94 -13.27 -0.69
N TYR A 18 10.86 -12.63 -1.04
CA TYR A 18 9.97 -12.05 0.01
C TYR A 18 8.78 -12.99 0.23
N LEU A 19 8.18 -12.95 1.38
CA LEU A 19 7.02 -13.85 1.65
C LEU A 19 5.75 -13.01 1.83
N CYS A 20 4.76 -13.23 1.01
CA CYS A 20 3.49 -12.45 1.12
C CYS A 20 2.30 -13.39 0.91
N PRO A 21 1.14 -13.02 1.45
CA PRO A 21 -0.09 -13.82 1.33
C PRO A 21 -0.65 -13.78 -0.10
N LYS A 22 -1.60 -14.62 -0.40
CA LYS A 22 -2.18 -14.62 -1.77
C LYS A 22 -3.36 -13.66 -1.82
N ASP A 23 -3.83 -13.22 -0.69
CA ASP A 23 -4.98 -12.26 -0.68
C ASP A 23 -4.50 -10.89 -1.18
N LEU A 24 -5.23 -10.30 -2.09
CA LEU A 24 -4.82 -8.97 -2.61
C LEU A 24 -5.47 -7.86 -1.79
N LYS A 25 -4.68 -7.10 -1.07
CA LYS A 25 -5.24 -5.99 -0.26
C LYS A 25 -4.53 -4.69 -0.61
N PRO A 26 -5.21 -3.80 -1.35
CA PRO A 26 -4.63 -2.52 -1.78
C PRO A 26 -4.35 -1.59 -0.60
N VAL A 27 -3.12 -1.21 -0.41
CA VAL A 27 -2.78 -0.30 0.72
C VAL A 27 -2.25 1.02 0.17
N CYS A 28 -2.40 2.08 0.91
CA CYS A 28 -1.87 3.40 0.44
C CYS A 28 -0.51 3.63 1.08
N GLY A 29 0.41 4.21 0.37
CA GLY A 29 1.77 4.44 0.94
C GLY A 29 1.85 5.84 1.53
N ASP A 30 2.50 5.97 2.66
CA ASP A 30 2.62 7.31 3.30
C ASP A 30 3.50 8.21 2.41
N ASP A 31 4.15 7.64 1.43
CA ASP A 31 5.01 8.45 0.54
C ASP A 31 4.19 8.96 -0.65
N GLY A 32 2.90 8.74 -0.63
CA GLY A 32 2.04 9.22 -1.75
C GLY A 32 1.96 8.13 -2.82
N GLN A 33 2.35 6.93 -2.49
CA GLN A 33 2.29 5.82 -3.49
C GLN A 33 1.26 4.77 -3.03
N THR A 34 1.07 3.75 -3.80
CA THR A 34 0.09 2.70 -3.40
C THR A 34 0.63 1.32 -3.78
N TYR A 35 0.36 0.33 -2.97
CA TYR A 35 0.87 -1.04 -3.28
C TYR A 35 -0.31 -2.01 -3.33
N ASN A 36 -0.43 -2.75 -4.40
CA ASN A 36 -1.56 -3.72 -4.52
C ASN A 36 -1.66 -4.55 -3.23
N ASN A 37 -0.82 -5.53 -3.08
CA ASN A 37 -0.88 -6.38 -1.85
C ASN A 37 -0.15 -5.67 -0.71
N PRO A 38 -0.61 -5.86 0.53
CA PRO A 38 0.01 -5.24 1.72
C PRO A 38 1.44 -5.72 1.94
N CYS A 39 1.66 -7.00 2.01
CA CYS A 39 3.05 -7.50 2.19
C CYS A 39 3.87 -7.07 0.98
N MET A 40 3.23 -6.87 -0.13
CA MET A 40 3.97 -6.44 -1.35
C MET A 40 4.49 -5.02 -1.12
N LEU A 41 4.02 -4.37 -0.10
CA LEU A 41 4.50 -2.99 0.18
C LEU A 41 5.93 -3.07 0.68
N CYS A 42 6.17 -3.79 1.73
CA CYS A 42 7.56 -3.93 2.25
C CYS A 42 8.44 -4.44 1.11
N HIS A 43 7.86 -5.15 0.18
CA HIS A 43 8.66 -5.68 -0.96
C HIS A 43 9.19 -4.48 -1.75
N GLU A 44 8.32 -3.65 -2.24
CA GLU A 44 8.79 -2.45 -2.98
C GLU A 44 9.69 -1.63 -2.06
N ASN A 45 9.52 -1.81 -0.78
CA ASN A 45 10.36 -1.05 0.19
C ASN A 45 11.73 -1.72 0.29
N LEU A 46 11.79 -3.00 0.04
CA LEU A 46 13.09 -3.71 0.11
C LEU A 46 13.95 -3.26 -1.07
N ILE A 47 13.33 -2.93 -2.17
CA ILE A 47 14.10 -2.48 -3.35
C ILE A 47 14.49 -1.00 -3.16
N ARG A 48 13.54 -0.19 -2.76
CA ARG A 48 13.85 1.26 -2.55
C ARG A 48 14.56 1.44 -1.21
N GLN A 49 14.16 0.68 -0.23
CA GLN A 49 14.78 0.80 1.12
C GLN A 49 14.50 2.19 1.70
N THR A 50 13.30 2.67 1.55
CA THR A 50 12.96 4.01 2.09
C THR A 50 12.07 3.86 3.33
N ASN A 51 11.93 2.65 3.82
CA ASN A 51 11.09 2.43 5.02
C ASN A 51 9.71 3.06 4.81
N THR A 52 9.04 2.71 3.75
CA THR A 52 7.69 3.29 3.48
C THR A 52 6.65 2.57 4.34
N HIS A 53 5.70 3.29 4.88
CA HIS A 53 4.66 2.64 5.71
C HIS A 53 3.31 2.73 5.01
N ILE A 54 2.26 2.33 5.66
CA ILE A 54 0.91 2.39 5.02
C ILE A 54 0.23 3.70 5.41
N ARG A 55 -0.22 4.46 4.44
CA ARG A 55 -0.91 5.74 4.73
C ARG A 55 -2.35 5.46 5.13
N SER A 56 -3.01 4.62 4.39
CA SER A 56 -4.43 4.30 4.69
C SER A 56 -4.79 2.99 3.99
N THR A 57 -5.67 2.22 4.58
CA THR A 57 -6.06 0.93 3.95
C THR A 57 -6.70 1.21 2.59
N GLY A 58 -6.47 0.36 1.63
CA GLY A 58 -7.05 0.57 0.28
C GLY A 58 -6.12 1.45 -0.55
N LYS A 59 -6.31 1.48 -1.83
CA LYS A 59 -5.45 2.31 -2.70
C LYS A 59 -5.57 3.78 -2.29
N CYS A 60 -4.53 4.54 -2.45
CA CYS A 60 -4.61 5.98 -2.07
C CYS A 60 -5.79 6.63 -2.79
N GLU A 61 -6.25 6.01 -3.85
CA GLU A 61 -7.40 6.58 -4.61
C GLU A 61 -8.70 6.24 -3.87
N GLU A 62 -8.64 5.34 -2.93
CA GLU A 62 -9.87 4.98 -2.17
C GLU A 62 -10.00 5.95 -1.01
N SER A 63 -8.90 6.51 -0.59
CA SER A 63 -8.93 7.48 0.54
C SER A 63 -9.78 8.70 0.12
N SER A 64 -10.06 8.81 -1.15
CA SER A 64 -10.88 9.97 -1.63
C SER A 64 -12.05 9.45 -2.46
N THR A 65 -13.12 10.20 -2.54
CA THR A 65 -14.29 9.73 -3.33
C THR A 65 -14.74 10.85 -4.29
N PRO A 66 -14.07 10.96 -5.44
CA PRO A 66 -14.40 11.97 -6.46
C PRO A 66 -15.72 11.66 -7.16
N GLY A 67 -16.49 12.67 -7.45
CA GLY A 67 -17.80 12.43 -8.14
C GLY A 67 -18.90 12.21 -7.10
N THR A 68 -18.65 12.54 -5.87
CA THR A 68 -19.68 12.35 -4.81
C THR A 68 -20.15 13.72 -4.31
N THR A 69 -21.43 13.86 -4.08
CA THR A 69 -21.95 15.16 -3.58
C THR A 69 -22.68 14.95 -2.25
N ALA A 70 -22.56 15.88 -1.35
CA ALA A 70 -23.25 15.72 -0.03
C ALA A 70 -24.77 15.68 -0.25
N ALA A 71 -25.25 16.32 -1.27
CA ALA A 71 -26.71 16.32 -1.54
C ALA A 71 -27.02 15.32 -2.67
N SER A 72 -28.12 14.63 -2.58
CA SER A 72 -28.47 13.65 -3.64
C SER A 72 -28.56 14.36 -4.98
N MET A 73 -28.90 15.62 -4.97
CA MET A 73 -29.00 16.37 -6.26
C MET A 73 -28.24 17.69 -6.15
N PRO A 74 -27.87 18.28 -7.29
CA PRO A 74 -27.13 19.55 -7.32
C PRO A 74 -27.99 20.72 -6.87
N PRO A 75 -27.34 21.82 -6.44
CA PRO A 75 -28.04 23.02 -5.97
C PRO A 75 -28.73 23.76 -7.12
N SER A 76 -29.72 24.56 -6.82
CA SER A 76 -30.43 25.31 -7.90
C SER A 76 -30.59 26.77 -7.49
N ASP A 77 -30.70 27.66 -8.43
CA ASP A 77 -30.85 29.10 -8.09
C ASP A 77 -32.23 29.34 -7.48
N GLU A 78 -32.30 30.15 -6.46
CA GLU A 78 -33.62 30.42 -5.82
C GLU A 78 -33.71 31.90 -5.44
N ASP A 3 2.41 -3.25 8.42
CA ASP A 3 3.20 -2.00 8.40
C ASP A 3 4.70 -2.34 8.45
N SER A 4 5.55 -1.35 8.48
CA SER A 4 7.01 -1.63 8.54
C SER A 4 7.31 -2.53 9.73
N GLU A 5 6.60 -2.35 10.81
CA GLU A 5 6.84 -3.20 12.01
C GLU A 5 6.77 -4.67 11.61
N MET A 6 6.05 -4.98 10.57
CA MET A 6 5.96 -6.40 10.13
C MET A 6 7.29 -6.80 9.47
N CYS A 7 8.01 -5.82 8.96
CA CYS A 7 9.32 -6.13 8.31
C CYS A 7 10.39 -6.27 9.39
N LYS A 8 10.11 -5.81 10.58
CA LYS A 8 11.11 -5.92 11.68
C LYS A 8 11.09 -7.33 12.27
N ASP A 9 10.33 -8.22 11.69
CA ASP A 9 10.26 -9.61 12.25
C ASP A 9 10.34 -10.63 11.12
N TYR A 10 10.67 -10.23 9.94
CA TYR A 10 10.75 -11.21 8.82
C TYR A 10 12.15 -11.18 8.20
N ARG A 11 12.56 -12.24 7.57
CA ARG A 11 13.91 -12.28 6.94
C ARG A 11 13.80 -12.86 5.54
N VAL A 12 14.40 -12.23 4.56
CA VAL A 12 14.31 -12.75 3.17
C VAL A 12 15.71 -12.93 2.60
N LEU A 13 15.89 -13.92 1.74
CA LEU A 13 17.24 -14.14 1.15
C LEU A 13 17.12 -14.09 -0.38
N PRO A 14 18.26 -14.19 -1.08
CA PRO A 14 18.28 -14.15 -2.55
C PRO A 14 17.63 -15.39 -3.15
N ARG A 15 17.54 -16.46 -2.41
CA ARG A 15 16.91 -17.70 -2.94
C ARG A 15 15.51 -17.86 -2.33
N ILE A 16 15.28 -17.31 -1.18
CA ILE A 16 13.94 -17.44 -0.54
C ILE A 16 12.98 -16.42 -1.15
N GLY A 17 13.40 -15.19 -1.28
CA GLY A 17 12.51 -14.16 -1.86
C GLY A 17 11.55 -13.64 -0.79
N TYR A 18 10.50 -12.98 -1.18
CA TYR A 18 9.53 -12.46 -0.18
C TYR A 18 8.30 -13.37 -0.12
N LEU A 19 7.68 -13.47 1.02
CA LEU A 19 6.48 -14.34 1.14
C LEU A 19 5.25 -13.47 1.46
N CYS A 20 4.33 -13.36 0.55
CA CYS A 20 3.12 -12.55 0.80
C CYS A 20 1.87 -13.43 0.68
N PRO A 21 0.77 -12.99 1.31
CA PRO A 21 -0.49 -13.75 1.30
C PRO A 21 -1.17 -13.69 -0.08
N LYS A 22 -2.14 -14.53 -0.29
CA LYS A 22 -2.84 -14.53 -1.61
C LYS A 22 -3.99 -13.51 -1.58
N ASP A 23 -4.29 -12.98 -0.43
CA ASP A 23 -5.39 -11.98 -0.33
C ASP A 23 -4.88 -10.64 -0.87
N LEU A 24 -5.39 -10.22 -2.00
CA LEU A 24 -4.94 -8.92 -2.58
C LEU A 24 -5.64 -7.76 -1.86
N LYS A 25 -4.89 -6.85 -1.30
CA LYS A 25 -5.52 -5.70 -0.60
C LYS A 25 -4.73 -4.43 -0.91
N PRO A 26 -5.30 -3.54 -1.73
CA PRO A 26 -4.66 -2.28 -2.13
C PRO A 26 -4.43 -1.34 -0.94
N VAL A 27 -3.21 -1.00 -0.67
CA VAL A 27 -2.92 -0.09 0.47
C VAL A 27 -2.33 1.23 -0.04
N CYS A 28 -2.50 2.28 0.71
CA CYS A 28 -1.95 3.60 0.28
C CYS A 28 -0.60 3.82 0.97
N GLY A 29 0.43 4.10 0.23
CA GLY A 29 1.76 4.32 0.86
C GLY A 29 1.82 5.74 1.44
N ASP A 30 2.37 5.88 2.61
CA ASP A 30 2.44 7.23 3.24
C ASP A 30 3.46 8.08 2.49
N ASP A 31 4.22 7.48 1.62
CA ASP A 31 5.23 8.26 0.84
C ASP A 31 4.57 8.82 -0.42
N GLY A 32 3.27 8.73 -0.51
CA GLY A 32 2.58 9.25 -1.72
C GLY A 32 2.53 8.15 -2.79
N GLN A 33 2.67 6.92 -2.38
CA GLN A 33 2.64 5.80 -3.37
C GLN A 33 1.52 4.84 -3.02
N THR A 34 1.32 3.83 -3.82
CA THR A 34 0.23 2.84 -3.54
C THR A 34 0.73 1.44 -3.86
N TYR A 35 0.48 0.50 -3.00
CA TYR A 35 0.94 -0.89 -3.25
C TYR A 35 -0.28 -1.82 -3.36
N ASN A 36 -0.34 -2.61 -4.39
CA ASN A 36 -1.51 -3.52 -4.55
C ASN A 36 -1.66 -4.38 -3.29
N ASN A 37 -0.87 -5.39 -3.15
CA ASN A 37 -0.99 -6.27 -1.94
C ASN A 37 -0.25 -5.61 -0.76
N PRO A 38 -0.74 -5.84 0.47
CA PRO A 38 -0.12 -5.27 1.68
C PRO A 38 1.30 -5.78 1.89
N CYS A 39 1.50 -7.07 1.89
CA CYS A 39 2.87 -7.61 2.07
C CYS A 39 3.73 -7.11 0.90
N MET A 40 3.12 -6.86 -0.23
CA MET A 40 3.88 -6.37 -1.41
C MET A 40 4.46 -5.00 -1.06
N LEU A 41 3.96 -4.38 -0.03
CA LEU A 41 4.50 -3.05 0.37
C LEU A 41 5.91 -3.23 0.91
N CYS A 42 6.07 -4.05 1.91
CA CYS A 42 7.42 -4.30 2.46
C CYS A 42 8.32 -4.76 1.32
N HIS A 43 7.74 -5.31 0.28
CA HIS A 43 8.55 -5.77 -0.87
C HIS A 43 9.08 -4.56 -1.62
N GLU A 44 8.21 -3.77 -2.18
CA GLU A 44 8.67 -2.56 -2.91
C GLU A 44 9.57 -1.74 -1.99
N ASN A 45 9.42 -1.94 -0.70
CA ASN A 45 10.27 -1.19 0.26
C ASN A 45 11.69 -1.74 0.24
N LEU A 46 11.84 -3.03 0.08
CA LEU A 46 13.20 -3.62 0.02
C LEU A 46 13.95 -3.03 -1.17
N ILE A 47 13.24 -2.72 -2.23
CA ILE A 47 13.92 -2.13 -3.42
C ILE A 47 14.26 -0.67 -3.12
N ARG A 48 13.36 0.04 -2.50
CA ARG A 48 13.64 1.47 -2.17
C ARG A 48 14.51 1.54 -0.91
N GLN A 49 14.48 0.50 -0.11
CA GLN A 49 15.31 0.51 1.14
C GLN A 49 14.83 1.63 2.06
N THR A 50 13.53 1.80 2.17
CA THR A 50 13.00 2.87 3.06
C THR A 50 11.96 2.27 4.00
N ASN A 51 11.62 2.96 5.06
CA ASN A 51 10.61 2.43 6.01
C ASN A 51 9.23 2.96 5.64
N THR A 52 8.76 2.65 4.47
CA THR A 52 7.42 3.15 4.05
C THR A 52 6.33 2.43 4.86
N HIS A 53 5.32 3.16 5.28
CA HIS A 53 4.23 2.54 6.06
C HIS A 53 2.91 2.72 5.31
N ILE A 54 1.87 2.05 5.73
CA ILE A 54 0.57 2.20 5.03
C ILE A 54 -0.11 3.49 5.47
N ARG A 55 -0.47 4.31 4.52
CA ARG A 55 -1.14 5.60 4.84
C ARG A 55 -2.61 5.35 5.15
N SER A 56 -3.26 4.61 4.30
CA SER A 56 -4.70 4.33 4.50
C SER A 56 -5.08 3.07 3.69
N THR A 57 -5.83 2.18 4.29
CA THR A 57 -6.23 0.95 3.55
C THR A 57 -6.82 1.33 2.20
N GLY A 58 -6.64 0.50 1.21
CA GLY A 58 -7.18 0.81 -0.15
C GLY A 58 -6.18 1.68 -0.91
N LYS A 59 -6.35 1.78 -2.19
CA LYS A 59 -5.41 2.61 -2.99
C LYS A 59 -5.43 4.06 -2.48
N CYS A 60 -4.37 4.79 -2.66
CA CYS A 60 -4.33 6.20 -2.19
C CYS A 60 -5.51 6.98 -2.79
N GLU A 61 -5.95 6.58 -3.94
CA GLU A 61 -7.09 7.30 -4.59
C GLU A 61 -8.41 6.79 -4.01
N GLU A 62 -8.42 5.60 -3.47
CA GLU A 62 -9.67 5.05 -2.90
C GLU A 62 -10.04 5.84 -1.64
N SER A 63 -9.06 6.37 -0.95
CA SER A 63 -9.36 7.15 0.29
C SER A 63 -9.97 8.50 -0.10
N SER A 64 -9.79 8.93 -1.31
CA SER A 64 -10.36 10.24 -1.73
C SER A 64 -11.51 10.00 -2.70
N THR A 65 -12.45 10.92 -2.76
CA THR A 65 -13.59 10.75 -3.69
C THR A 65 -13.73 11.99 -4.56
N PRO A 66 -12.98 12.04 -5.67
CA PRO A 66 -13.01 13.18 -6.60
C PRO A 66 -14.34 13.27 -7.36
N GLY A 67 -15.09 12.20 -7.38
CA GLY A 67 -16.40 12.23 -8.11
C GLY A 67 -16.17 11.94 -9.59
N THR A 68 -15.02 11.41 -9.94
CA THR A 68 -14.75 11.11 -11.37
C THR A 68 -14.23 9.68 -11.50
N THR A 69 -14.34 9.10 -12.66
CA THR A 69 -13.86 7.70 -12.85
C THR A 69 -12.83 7.68 -13.98
N ALA A 70 -12.02 6.65 -14.04
CA ALA A 70 -10.99 6.56 -15.11
C ALA A 70 -11.67 6.61 -16.48
N ALA A 71 -12.87 6.11 -16.57
CA ALA A 71 -13.59 6.12 -17.88
C ALA A 71 -13.82 7.57 -18.32
N SER A 72 -14.03 8.46 -17.38
CA SER A 72 -14.27 9.88 -17.76
C SER A 72 -13.10 10.38 -18.63
N MET A 73 -11.91 9.89 -18.37
CA MET A 73 -10.74 10.33 -19.17
C MET A 73 -10.82 9.71 -20.57
N PRO A 74 -10.24 10.41 -21.57
CA PRO A 74 -10.25 9.95 -22.96
C PRO A 74 -9.36 8.71 -23.16
N PRO A 75 -9.75 7.82 -24.06
CA PRO A 75 -8.99 6.59 -24.35
C PRO A 75 -7.67 6.89 -25.07
N SER A 76 -6.72 6.00 -25.00
CA SER A 76 -5.42 6.24 -25.66
C SER A 76 -5.53 5.93 -27.16
N ASP A 77 -6.63 5.34 -27.56
CA ASP A 77 -6.81 5.01 -29.01
C ASP A 77 -6.96 6.30 -29.81
N GLU A 78 -7.57 7.30 -29.24
CA GLU A 78 -7.75 8.59 -29.97
C GLU A 78 -8.55 8.35 -31.24
N ASP A 3 2.82 -2.87 8.23
CA ASP A 3 3.69 -1.67 8.05
C ASP A 3 5.16 -2.11 8.05
N SER A 4 6.06 -1.18 7.88
CA SER A 4 7.50 -1.54 7.88
C SER A 4 7.85 -2.28 9.18
N GLU A 5 7.22 -1.89 10.27
CA GLU A 5 7.51 -2.56 11.56
C GLU A 5 7.27 -4.06 11.42
N MET A 6 6.44 -4.44 10.50
CA MET A 6 6.17 -5.89 10.30
C MET A 6 7.37 -6.52 9.61
N CYS A 7 8.14 -5.74 8.92
CA CYS A 7 9.34 -6.28 8.23
C CYS A 7 10.49 -6.40 9.23
N LYS A 8 10.40 -5.71 10.34
CA LYS A 8 11.48 -5.78 11.35
C LYS A 8 11.32 -7.05 12.20
N ASP A 9 10.29 -7.81 11.96
CA ASP A 9 10.09 -9.05 12.75
C ASP A 9 10.10 -10.27 11.82
N TYR A 10 10.26 -10.04 10.54
CA TYR A 10 10.29 -11.19 9.58
C TYR A 10 11.65 -11.24 8.88
N ARG A 11 11.93 -12.29 8.17
CA ARG A 11 13.23 -12.39 7.46
C ARG A 11 13.06 -13.24 6.20
N VAL A 12 13.47 -12.73 5.07
CA VAL A 12 13.31 -13.52 3.82
C VAL A 12 14.67 -13.65 3.12
N LEU A 13 14.91 -14.77 2.48
CA LEU A 13 16.21 -14.97 1.78
C LEU A 13 15.98 -14.91 0.26
N PRO A 14 17.08 -14.87 -0.51
CA PRO A 14 17.00 -14.80 -1.97
C PRO A 14 16.43 -16.09 -2.58
N ARG A 15 16.54 -17.18 -1.87
CA ARG A 15 16.00 -18.47 -2.39
C ARG A 15 14.53 -18.59 -1.99
N ILE A 16 14.14 -17.95 -0.92
CA ILE A 16 12.72 -18.03 -0.47
C ILE A 16 11.93 -16.89 -1.12
N GLY A 17 12.47 -15.71 -1.12
CA GLY A 17 11.75 -14.56 -1.73
C GLY A 17 10.59 -14.15 -0.82
N TYR A 18 10.25 -12.88 -0.82
CA TYR A 18 9.13 -12.41 0.04
C TYR A 18 7.93 -13.34 -0.13
N LEU A 19 7.14 -13.50 0.91
CA LEU A 19 5.96 -14.40 0.81
C LEU A 19 4.68 -13.56 0.98
N CYS A 20 3.92 -13.40 -0.06
CA CYS A 20 2.66 -12.60 0.04
C CYS A 20 1.47 -13.48 -0.34
N PRO A 21 0.28 -13.14 0.17
CA PRO A 21 -0.95 -13.89 -0.11
C PRO A 21 -1.43 -13.65 -1.55
N LYS A 22 -2.38 -14.41 -2.00
CA LYS A 22 -2.89 -14.24 -3.38
C LYS A 22 -4.01 -13.19 -3.39
N ASP A 23 -4.59 -12.93 -2.25
CA ASP A 23 -5.69 -11.92 -2.19
C ASP A 23 -5.12 -10.54 -2.51
N LEU A 24 -5.74 -9.82 -3.40
CA LEU A 24 -5.23 -8.47 -3.76
C LEU A 24 -5.84 -7.44 -2.80
N LYS A 25 -5.01 -6.71 -2.10
CA LYS A 25 -5.53 -5.68 -1.16
C LYS A 25 -4.75 -4.37 -1.37
N PRO A 26 -5.35 -3.43 -2.11
CA PRO A 26 -4.72 -2.13 -2.41
C PRO A 26 -4.50 -1.29 -1.16
N VAL A 27 -3.26 -0.96 -0.87
CA VAL A 27 -2.97 -0.14 0.33
C VAL A 27 -2.39 1.21 -0.11
N CYS A 28 -2.55 2.22 0.70
CA CYS A 28 -1.98 3.55 0.34
C CYS A 28 -0.68 3.76 1.11
N GLY A 29 0.41 3.98 0.42
CA GLY A 29 1.71 4.18 1.10
C GLY A 29 1.75 5.58 1.73
N ASP A 30 2.32 5.70 2.90
CA ASP A 30 2.40 7.03 3.57
C ASP A 30 3.41 7.92 2.83
N ASP A 31 4.15 7.36 1.91
CA ASP A 31 5.14 8.18 1.17
C ASP A 31 4.45 8.81 -0.05
N GLY A 32 3.15 8.66 -0.15
CA GLY A 32 2.44 9.25 -1.31
C GLY A 32 2.37 8.22 -2.45
N GLN A 33 2.61 6.98 -2.14
CA GLN A 33 2.57 5.92 -3.20
C GLN A 33 1.47 4.90 -2.86
N THR A 34 1.16 4.04 -3.78
CA THR A 34 0.11 3.01 -3.50
C THR A 34 0.62 1.63 -3.93
N TYR A 35 0.42 0.64 -3.10
CA TYR A 35 0.89 -0.73 -3.47
C TYR A 35 -0.31 -1.64 -3.63
N ASN A 36 -0.39 -2.36 -4.71
CA ASN A 36 -1.54 -3.26 -4.94
C ASN A 36 -1.74 -4.18 -3.72
N ASN A 37 -0.93 -5.19 -3.58
CA ASN A 37 -1.08 -6.11 -2.42
C ASN A 37 -0.37 -5.51 -1.20
N PRO A 38 -0.91 -5.75 0.01
CA PRO A 38 -0.31 -5.24 1.26
C PRO A 38 1.08 -5.82 1.49
N CYS A 39 1.20 -7.12 1.43
CA CYS A 39 2.55 -7.73 1.63
C CYS A 39 3.48 -7.19 0.53
N MET A 40 2.92 -6.86 -0.60
CA MET A 40 3.74 -6.31 -1.70
C MET A 40 4.33 -4.96 -1.27
N LEU A 41 3.82 -4.41 -0.19
CA LEU A 41 4.35 -3.10 0.29
C LEU A 41 5.75 -3.32 0.87
N CYS A 42 5.87 -4.18 1.85
CA CYS A 42 7.20 -4.44 2.43
C CYS A 42 8.15 -4.85 1.30
N HIS A 43 7.61 -5.37 0.24
CA HIS A 43 8.47 -5.78 -0.91
C HIS A 43 9.06 -4.52 -1.57
N GLU A 44 8.21 -3.67 -2.07
CA GLU A 44 8.72 -2.42 -2.69
C GLU A 44 9.59 -1.68 -1.68
N ASN A 45 9.41 -1.99 -0.43
CA ASN A 45 10.22 -1.32 0.63
C ASN A 45 11.61 -1.96 0.67
N LEU A 46 11.71 -3.21 0.33
CA LEU A 46 13.04 -3.88 0.34
C LEU A 46 13.89 -3.30 -0.79
N ILE A 47 13.27 -2.88 -1.86
CA ILE A 47 14.04 -2.28 -2.98
C ILE A 47 14.39 -0.82 -2.66
N ARG A 48 13.42 -0.06 -2.20
CA ARG A 48 13.69 1.36 -1.87
C ARG A 48 14.37 1.44 -0.49
N GLN A 49 14.00 0.56 0.40
CA GLN A 49 14.61 0.58 1.75
C GLN A 49 14.28 1.90 2.45
N THR A 50 13.08 2.39 2.28
CA THR A 50 12.69 3.68 2.92
C THR A 50 11.73 3.41 4.07
N ASN A 51 11.66 2.19 4.54
CA ASN A 51 10.74 1.86 5.65
C ASN A 51 9.39 2.54 5.41
N THR A 52 8.74 2.21 4.31
CA THR A 52 7.43 2.83 4.01
C THR A 52 6.34 2.17 4.88
N HIS A 53 5.36 2.94 5.27
CA HIS A 53 4.26 2.36 6.11
C HIS A 53 2.94 2.50 5.36
N ILE A 54 1.89 1.95 5.89
CA ILE A 54 0.57 2.05 5.21
C ILE A 54 -0.12 3.35 5.62
N ARG A 55 -0.49 4.15 4.67
CA ARG A 55 -1.17 5.43 4.95
C ARG A 55 -2.65 5.17 5.25
N SER A 56 -3.30 4.47 4.36
CA SER A 56 -4.74 4.16 4.56
C SER A 56 -5.12 2.95 3.70
N THR A 57 -5.93 2.07 4.22
CA THR A 57 -6.33 0.88 3.42
C THR A 57 -6.87 1.32 2.07
N GLY A 58 -6.68 0.52 1.05
CA GLY A 58 -7.18 0.90 -0.30
C GLY A 58 -6.11 1.72 -1.02
N LYS A 59 -6.26 1.87 -2.31
CA LYS A 59 -5.26 2.65 -3.08
C LYS A 59 -5.29 4.11 -2.62
N CYS A 60 -4.18 4.80 -2.70
CA CYS A 60 -4.16 6.22 -2.27
C CYS A 60 -5.24 7.01 -3.02
N GLU A 61 -5.66 6.51 -4.15
CA GLU A 61 -6.71 7.23 -4.93
C GLU A 61 -8.08 6.93 -4.34
N GLU A 62 -8.18 5.93 -3.51
CA GLU A 62 -9.50 5.60 -2.91
C GLU A 62 -9.70 6.43 -1.64
N SER A 63 -8.64 6.80 -0.99
CA SER A 63 -8.77 7.61 0.25
C SER A 63 -9.38 8.97 -0.08
N SER A 64 -9.48 9.29 -1.35
CA SER A 64 -10.07 10.60 -1.74
C SER A 64 -11.09 10.39 -2.85
N THR A 65 -12.25 10.95 -2.73
CA THR A 65 -13.29 10.79 -3.79
C THR A 65 -12.71 11.23 -5.14
N PRO A 66 -13.20 10.63 -6.24
CA PRO A 66 -12.75 10.95 -7.59
C PRO A 66 -13.21 12.34 -8.04
N GLY A 67 -12.40 13.05 -8.77
CA GLY A 67 -12.80 14.40 -9.23
C GLY A 67 -12.41 15.44 -8.19
N THR A 68 -13.09 16.56 -8.16
CA THR A 68 -12.76 17.61 -7.15
C THR A 68 -14.03 17.99 -6.39
N THR A 69 -13.88 18.47 -5.19
CA THR A 69 -15.08 18.87 -4.39
C THR A 69 -15.83 19.99 -5.11
N ALA A 70 -15.14 20.75 -5.92
CA ALA A 70 -15.82 21.86 -6.65
C ALA A 70 -16.94 21.28 -7.53
N ALA A 71 -16.76 20.09 -8.02
CA ALA A 71 -17.81 19.46 -8.87
C ALA A 71 -19.10 19.31 -8.06
N SER A 72 -18.99 18.97 -6.80
CA SER A 72 -20.21 18.81 -5.97
C SER A 72 -21.07 20.07 -6.06
N MET A 73 -20.44 21.21 -6.16
CA MET A 73 -21.22 22.47 -6.26
C MET A 73 -22.03 22.48 -7.56
N PRO A 74 -23.26 23.00 -7.52
CA PRO A 74 -24.13 23.07 -8.70
C PRO A 74 -23.61 24.07 -9.74
N PRO A 75 -23.70 23.72 -11.03
CA PRO A 75 -23.25 24.58 -12.13
C PRO A 75 -24.15 25.80 -12.30
N SER A 76 -23.76 26.72 -13.14
CA SER A 76 -24.60 27.94 -13.36
C SER A 76 -25.62 27.68 -14.47
N ASP A 77 -25.52 26.55 -15.12
CA ASP A 77 -26.49 26.24 -16.21
C ASP A 77 -27.78 25.70 -15.61
N GLU A 78 -27.72 25.17 -14.42
CA GLU A 78 -28.95 24.62 -13.79
C GLU A 78 -28.59 24.03 -12.41
N ASP A 3 2.58 -2.89 8.80
CA ASP A 3 3.38 -1.64 8.72
C ASP A 3 4.87 -1.98 8.69
N SER A 4 5.71 -0.99 8.72
CA SER A 4 7.17 -1.26 8.70
C SER A 4 7.52 -2.25 9.81
N GLU A 5 6.84 -2.13 10.92
CA GLU A 5 7.12 -3.07 12.06
C GLU A 5 6.98 -4.51 11.57
N MET A 6 6.18 -4.72 10.56
CA MET A 6 6.00 -6.11 10.04
C MET A 6 7.28 -6.53 9.33
N CYS A 7 8.02 -5.59 8.81
CA CYS A 7 9.29 -5.93 8.11
C CYS A 7 10.39 -6.15 9.14
N LYS A 8 10.18 -5.72 10.35
CA LYS A 8 11.22 -5.91 11.40
C LYS A 8 11.14 -7.34 11.96
N ASP A 9 10.36 -8.20 11.35
CA ASP A 9 10.25 -9.59 11.87
C ASP A 9 10.32 -10.60 10.72
N TYR A 10 10.54 -10.15 9.52
CA TYR A 10 10.62 -11.12 8.38
C TYR A 10 12.02 -11.12 7.80
N ARG A 11 12.40 -12.18 7.14
CA ARG A 11 13.76 -12.25 6.54
C ARG A 11 13.67 -12.85 5.14
N VAL A 12 14.31 -12.24 4.18
CA VAL A 12 14.25 -12.77 2.79
C VAL A 12 15.68 -13.08 2.30
N LEU A 13 15.83 -14.13 1.54
CA LEU A 13 17.18 -14.50 1.03
C LEU A 13 17.12 -14.59 -0.49
N PRO A 14 18.27 -14.83 -1.14
CA PRO A 14 18.36 -14.94 -2.60
C PRO A 14 17.62 -16.19 -3.12
N ARG A 15 17.45 -17.17 -2.28
CA ARG A 15 16.74 -18.40 -2.72
C ARG A 15 15.31 -18.39 -2.17
N ILE A 16 15.10 -17.75 -1.05
CA ILE A 16 13.72 -17.71 -0.47
C ILE A 16 12.90 -16.61 -1.15
N GLY A 17 13.47 -15.43 -1.30
CA GLY A 17 12.72 -14.33 -1.95
C GLY A 17 11.68 -13.76 -0.96
N TYR A 18 10.80 -12.91 -1.43
CA TYR A 18 9.78 -12.34 -0.50
C TYR A 18 8.54 -13.23 -0.51
N LEU A 19 7.82 -13.26 0.57
CA LEU A 19 6.59 -14.10 0.63
C LEU A 19 5.36 -13.23 0.90
N CYS A 20 4.36 -13.32 0.07
CA CYS A 20 3.13 -12.50 0.27
C CYS A 20 1.91 -13.37 -0.01
N PRO A 21 0.77 -13.00 0.58
CA PRO A 21 -0.49 -13.74 0.41
C PRO A 21 -1.05 -13.58 -1.00
N LYS A 22 -1.98 -14.41 -1.38
CA LYS A 22 -2.55 -14.30 -2.75
C LYS A 22 -3.66 -13.25 -2.76
N ASP A 23 -4.21 -12.94 -1.61
CA ASP A 23 -5.29 -11.92 -1.55
C ASP A 23 -4.71 -10.56 -1.92
N LEU A 24 -5.25 -9.91 -2.91
CA LEU A 24 -4.72 -8.58 -3.32
C LEU A 24 -5.44 -7.49 -2.55
N LYS A 25 -4.77 -6.87 -1.62
CA LYS A 25 -5.42 -5.79 -0.82
C LYS A 25 -4.69 -4.46 -1.07
N PRO A 26 -5.30 -3.58 -1.87
CA PRO A 26 -4.72 -2.27 -2.21
C PRO A 26 -4.55 -1.36 -1.00
N VAL A 27 -3.34 -0.97 -0.71
CA VAL A 27 -3.10 -0.08 0.46
C VAL A 27 -2.52 1.25 -0.03
N CYS A 28 -2.73 2.30 0.73
CA CYS A 28 -2.18 3.63 0.31
C CYS A 28 -0.87 3.89 1.06
N GLY A 29 0.21 4.03 0.36
CA GLY A 29 1.53 4.27 1.04
C GLY A 29 1.57 5.69 1.58
N ASP A 30 2.15 5.87 2.75
CA ASP A 30 2.24 7.24 3.35
C ASP A 30 3.22 8.08 2.53
N ASP A 31 3.97 7.47 1.66
CA ASP A 31 4.94 8.24 0.84
C ASP A 31 4.22 8.84 -0.36
N GLY A 32 2.91 8.77 -0.38
CA GLY A 32 2.15 9.34 -1.53
C GLY A 32 2.05 8.30 -2.64
N GLN A 33 2.36 7.07 -2.34
CA GLN A 33 2.29 6.01 -3.37
C GLN A 33 1.26 4.95 -2.95
N THR A 34 0.93 4.04 -3.83
CA THR A 34 -0.06 2.99 -3.48
C THR A 34 0.52 1.62 -3.83
N TYR A 35 0.31 0.65 -2.99
CA TYR A 35 0.84 -0.71 -3.28
C TYR A 35 -0.34 -1.69 -3.39
N ASN A 36 -0.47 -2.34 -4.50
CA ASN A 36 -1.60 -3.30 -4.67
C ASN A 36 -1.69 -4.21 -3.44
N ASN A 37 -0.85 -5.20 -3.35
CA ASN A 37 -0.91 -6.11 -2.17
C ASN A 37 -0.15 -5.48 -0.99
N PRO A 38 -0.63 -5.74 0.24
CA PRO A 38 0.00 -5.20 1.45
C PRO A 38 1.42 -5.75 1.64
N CYS A 39 1.59 -7.04 1.59
CA CYS A 39 2.96 -7.60 1.73
C CYS A 39 3.81 -7.09 0.58
N MET A 40 3.18 -6.77 -0.52
CA MET A 40 3.93 -6.24 -1.69
C MET A 40 4.50 -4.86 -1.34
N LEU A 41 3.99 -4.25 -0.30
CA LEU A 41 4.51 -2.91 0.09
C LEU A 41 5.90 -3.10 0.67
N CYS A 42 6.02 -3.87 1.71
CA CYS A 42 7.37 -4.10 2.31
C CYS A 42 8.28 -4.62 1.20
N HIS A 43 7.71 -5.22 0.19
CA HIS A 43 8.54 -5.73 -0.94
C HIS A 43 9.17 -4.54 -1.65
N GLU A 44 8.37 -3.68 -2.20
CA GLU A 44 8.93 -2.48 -2.89
C GLU A 44 9.79 -1.72 -1.89
N ASN A 45 9.58 -1.96 -0.62
CA ASN A 45 10.39 -1.27 0.42
C ASN A 45 11.74 -1.96 0.55
N LEU A 46 11.79 -3.22 0.21
CA LEU A 46 13.08 -3.96 0.30
C LEU A 46 13.99 -3.51 -0.84
N ILE A 47 13.41 -3.14 -1.96
CA ILE A 47 14.24 -2.67 -3.11
C ILE A 47 14.63 -1.22 -2.88
N ARG A 48 13.68 -0.38 -2.55
CA ARG A 48 14.00 1.05 -2.31
C ARG A 48 14.56 1.22 -0.89
N GLN A 49 14.08 0.44 0.02
CA GLN A 49 14.57 0.54 1.43
C GLN A 49 14.23 1.92 1.99
N THR A 50 13.07 2.42 1.69
CA THR A 50 12.68 3.76 2.20
C THR A 50 11.81 3.60 3.46
N ASN A 51 11.60 2.38 3.89
CA ASN A 51 10.77 2.16 5.10
C ASN A 51 9.40 2.82 4.93
N THR A 52 8.69 2.47 3.89
CA THR A 52 7.35 3.07 3.66
C THR A 52 6.31 2.39 4.54
N HIS A 53 5.38 3.14 5.06
CA HIS A 53 4.32 2.53 5.93
C HIS A 53 2.97 2.63 5.22
N ILE A 54 1.96 2.02 5.77
CA ILE A 54 0.62 2.09 5.12
C ILE A 54 -0.11 3.36 5.58
N ARG A 55 -0.52 4.17 4.65
CA ARG A 55 -1.25 5.42 5.01
C ARG A 55 -2.70 5.09 5.32
N SER A 56 -3.38 4.47 4.40
CA SER A 56 -4.81 4.12 4.63
C SER A 56 -5.16 2.89 3.79
N THR A 57 -6.06 2.07 4.26
CA THR A 57 -6.43 0.85 3.49
C THR A 57 -6.96 1.27 2.12
N GLY A 58 -6.81 0.43 1.13
CA GLY A 58 -7.29 0.79 -0.23
C GLY A 58 -6.21 1.59 -0.95
N LYS A 59 -6.34 1.76 -2.23
CA LYS A 59 -5.32 2.53 -2.99
C LYS A 59 -5.36 3.99 -2.55
N CYS A 60 -4.36 4.76 -2.91
CA CYS A 60 -4.35 6.19 -2.50
C CYS A 60 -5.38 6.95 -3.33
N GLU A 61 -5.82 6.37 -4.42
CA GLU A 61 -6.82 7.05 -5.28
C GLU A 61 -8.22 6.87 -4.67
N GLU A 62 -8.37 5.91 -3.80
CA GLU A 62 -9.70 5.69 -3.17
C GLU A 62 -9.99 6.85 -2.22
N SER A 63 -8.98 7.35 -1.55
CA SER A 63 -9.20 8.48 -0.61
C SER A 63 -9.70 9.70 -1.38
N SER A 64 -9.56 9.68 -2.68
CA SER A 64 -10.02 10.84 -3.50
C SER A 64 -11.05 10.36 -4.52
N THR A 65 -11.89 11.25 -4.98
CA THR A 65 -12.93 10.85 -5.98
C THR A 65 -12.95 11.85 -7.12
N PRO A 66 -12.07 11.66 -8.11
CA PRO A 66 -11.98 12.55 -9.29
C PRO A 66 -13.18 12.38 -10.21
N GLY A 67 -13.61 13.43 -10.85
CA GLY A 67 -14.78 13.34 -11.76
C GLY A 67 -14.33 12.75 -13.10
N THR A 68 -15.24 12.61 -14.03
CA THR A 68 -14.87 12.03 -15.35
C THR A 68 -13.90 12.98 -16.06
N THR A 69 -14.00 14.26 -15.79
CA THR A 69 -13.08 15.23 -16.44
C THR A 69 -11.65 14.99 -15.94
N ALA A 70 -11.51 14.50 -14.74
CA ALA A 70 -10.15 14.25 -14.19
C ALA A 70 -9.42 13.22 -15.07
N ALA A 71 -10.15 12.31 -15.65
CA ALA A 71 -9.51 11.27 -16.51
C ALA A 71 -8.95 11.94 -17.76
N SER A 72 -9.58 12.98 -18.23
CA SER A 72 -9.08 13.67 -19.45
C SER A 72 -7.60 14.06 -19.25
N MET A 73 -7.22 14.33 -18.04
CA MET A 73 -5.80 14.71 -17.76
C MET A 73 -5.15 13.66 -16.88
N PRO A 74 -3.82 13.70 -16.77
CA PRO A 74 -3.05 12.76 -15.94
C PRO A 74 -3.28 12.99 -14.45
N PRO A 75 -3.18 11.93 -13.65
CA PRO A 75 -3.37 11.99 -12.19
C PRO A 75 -2.23 12.74 -11.51
N SER A 76 -2.46 13.25 -10.33
CA SER A 76 -1.37 14.00 -9.62
C SER A 76 -1.33 13.55 -8.15
N ASP A 77 -0.16 13.47 -7.58
CA ASP A 77 -0.05 13.04 -6.16
C ASP A 77 -0.88 13.98 -5.28
N GLU A 78 -0.97 15.23 -5.66
CA GLU A 78 -1.76 16.20 -4.83
C GLU A 78 -2.79 16.88 -5.73
#